data_1WUU
#
_entry.id   1WUU
#
_cell.length_a   73.200
_cell.length_b   109.600
_cell.length_c   115.800
_cell.angle_alpha   90.00
_cell.angle_beta   95.90
_cell.angle_gamma   90.00
#
_symmetry.space_group_name_H-M   'P 1 21 1'
#
loop_
_entity.id
_entity.type
_entity.pdbx_description
1 polymer Galactokinase
2 non-polymer alpha-D-galactopyranose
3 non-polymer 'MAGNESIUM ION'
4 non-polymer 'PHOSPHOAMINOPHOSPHONIC ACID-ADENYLATE ESTER'
5 water water
#
_entity_poly.entity_id   1
_entity_poly.type   'polypeptide(L)'
_entity_poly.pdbx_seq_one_letter_code
;(MSE)AHHHHHHAALRQPQVAELLAEARRAFREEFGAEPELAVSAPGRVNLIGEHTDYNQGLVLP(MSE)ALEL(MSE)T
VLVGSPRKDGLVSLLTTSEGADEPQRLQFPLPTAQRSLEPGTPRWANYVKGVIQYYPAAPLPGFSAVVVSSVPLGGGLSS
SASLEVATYTFLQQLCPDSGTIAARAQVCQQAEHSFAG(MSE)PCGI(MSE)DQFISL(MSE)GQKGHALLIDCRSLETS
LVPLSDPKLAVLITNSNVRHSLASSEYPVRRRQCEEVARALGKESLREVQLEELEAARDLVSKEGFRRARHVVGEIRRTA
QAAAALRRGDYRAFGRL(MSE)VESHRSLRDDYEVSCPELDQLVEAALAVPGVYGSR(MSE)TGGGFGGCTVTLLEASAA
PHA(MSE)RHIQEHYGGTATFYLSQAADGAKVLCL
;
_entity_poly.pdbx_strand_id   A,B,C,D
#
loop_
_chem_comp.id
_chem_comp.type
_chem_comp.name
_chem_comp.formula
ANP non-polymer 'PHOSPHOAMINOPHOSPHONIC ACID-ADENYLATE ESTER' 'C10 H17 N6 O12 P3'
GLA D-saccharide, alpha linking alpha-D-galactopyranose 'C6 H12 O6'
MG non-polymer 'MAGNESIUM ION' 'Mg 2'
#
# COMPACT_ATOMS: atom_id res chain seq x y z
N HIS A 7 33.26 37.81 32.99
CA HIS A 7 32.15 37.32 33.82
C HIS A 7 31.67 38.31 34.81
N HIS A 8 30.89 39.26 34.41
CA HIS A 8 30.40 40.04 35.48
C HIS A 8 29.80 39.19 36.57
N ALA A 9 29.78 39.77 37.73
CA ALA A 9 29.23 39.08 38.85
C ALA A 9 27.71 39.23 38.82
N ALA A 10 27.30 40.22 38.07
CA ALA A 10 25.88 40.50 37.93
C ALA A 10 25.37 39.85 36.66
N LEU A 11 26.29 39.17 35.97
CA LEU A 11 25.97 38.44 34.75
C LEU A 11 25.43 37.03 35.01
N ARG A 12 24.16 36.86 34.58
CA ARG A 12 23.38 35.62 34.69
C ARG A 12 23.37 34.76 33.38
N GLN A 13 23.77 33.47 33.46
CA GLN A 13 23.80 32.58 32.29
C GLN A 13 22.97 31.34 32.49
N PRO A 14 21.73 31.51 32.88
CA PRO A 14 20.91 30.39 33.20
C PRO A 14 20.76 29.43 32.07
N GLN A 15 20.95 28.21 32.48
CA GLN A 15 20.92 27.06 31.64
C GLN A 15 19.65 26.24 31.84
N VAL A 16 19.15 25.82 30.70
CA VAL A 16 17.96 25.04 30.57
C VAL A 16 18.11 23.66 31.10
N ALA A 17 19.32 23.11 30.93
CA ALA A 17 19.52 21.79 31.46
C ALA A 17 19.27 21.90 32.94
N GLU A 18 19.94 22.88 33.51
CA GLU A 18 19.78 23.22 34.89
C GLU A 18 18.28 23.26 35.20
N LEU A 19 17.65 24.30 34.70
CA LEU A 19 16.24 24.56 34.88
C LEU A 19 15.36 23.32 34.90
N LEU A 20 15.64 22.41 34.03
CA LEU A 20 14.82 21.26 34.07
C LEU A 20 15.07 20.58 35.37
N ALA A 21 16.33 20.20 35.53
CA ALA A 21 16.79 19.50 36.72
C ALA A 21 16.14 20.04 37.97
N GLU A 22 16.01 21.34 38.02
CA GLU A 22 15.36 21.93 39.15
C GLU A 22 13.93 21.44 39.22
N ALA A 23 13.19 21.71 38.15
CA ALA A 23 11.80 21.31 38.04
C ALA A 23 11.63 19.85 38.39
N ARG A 24 12.64 19.07 38.09
CA ARG A 24 12.61 17.66 38.33
C ARG A 24 12.62 17.42 39.82
N ARG A 25 13.52 18.16 40.45
CA ARG A 25 13.73 18.05 41.88
C ARG A 25 12.51 18.52 42.67
N ALA A 26 12.17 19.77 42.59
CA ALA A 26 11.02 20.22 43.34
C ALA A 26 9.81 19.32 43.18
N PHE A 27 9.61 18.95 41.95
CA PHE A 27 8.47 18.12 41.66
C PHE A 27 8.55 16.84 42.44
N ARG A 28 9.69 16.18 42.31
CA ARG A 28 9.94 14.90 42.96
C ARG A 28 9.76 14.99 44.44
N GLU A 29 10.19 16.14 44.93
CA GLU A 29 10.19 16.52 46.33
C GLU A 29 8.79 16.98 46.74
N GLU A 30 8.19 17.80 45.92
CA GLU A 30 6.89 18.22 46.31
C GLU A 30 5.79 17.18 46.13
N PHE A 31 6.00 16.32 45.16
CA PHE A 31 4.98 15.36 44.78
C PHE A 31 5.35 13.92 45.13
N GLY A 32 6.59 13.70 45.44
CA GLY A 32 7.02 12.40 45.86
C GLY A 32 7.39 11.51 44.72
N ALA A 33 7.19 11.99 43.50
CA ALA A 33 7.55 11.18 42.35
C ALA A 33 8.02 12.00 41.16
N GLU A 34 8.60 11.26 40.19
CA GLU A 34 9.04 11.81 38.93
C GLU A 34 7.85 12.26 38.11
N PRO A 35 8.06 13.42 37.53
CA PRO A 35 7.14 14.09 36.64
C PRO A 35 7.06 13.33 35.33
N GLU A 36 5.87 13.37 34.70
CA GLU A 36 5.58 12.66 33.44
C GLU A 36 5.81 13.52 32.20
N LEU A 37 5.47 14.77 32.36
CA LEU A 37 5.54 15.69 31.28
C LEU A 37 6.57 16.80 31.53
N ALA A 38 7.13 17.37 30.45
CA ALA A 38 8.08 18.49 30.55
C ALA A 38 7.96 19.48 29.40
N VAL A 39 7.44 20.70 29.68
CA VAL A 39 7.33 21.79 28.69
C VAL A 39 8.14 23.08 29.05
N SER A 40 8.18 24.06 28.17
CA SER A 40 8.90 25.30 28.43
C SER A 40 8.59 26.38 27.43
N ALA A 41 8.27 27.56 27.95
CA ALA A 41 7.97 28.75 27.17
C ALA A 41 8.96 29.80 27.58
N PRO A 42 9.59 30.37 26.59
CA PRO A 42 10.60 31.39 26.75
C PRO A 42 9.93 32.71 26.88
N GLY A 43 10.69 33.68 27.35
CA GLY A 43 10.22 35.04 27.47
C GLY A 43 10.70 35.81 26.24
N ARG A 44 10.62 37.13 26.27
CA ARG A 44 11.04 37.87 25.12
C ARG A 44 11.44 39.28 25.43
N VAL A 45 12.34 39.80 24.60
CA VAL A 45 12.74 41.18 24.71
C VAL A 45 12.37 41.92 23.48
N ASN A 46 11.75 43.05 23.70
CA ASN A 46 11.39 43.84 22.57
C ASN A 46 12.53 44.74 22.15
N LEU A 47 13.09 44.48 20.97
CA LEU A 47 14.14 45.30 20.38
C LEU A 47 13.68 46.72 20.16
N ILE A 48 12.49 46.84 19.60
CA ILE A 48 11.87 48.11 19.37
C ILE A 48 10.40 47.90 19.09
N GLY A 49 9.61 48.94 19.23
CA GLY A 49 8.19 48.81 18.99
C GLY A 49 7.35 48.66 20.27
N GLU A 50 7.56 49.59 21.21
CA GLU A 50 6.87 49.53 22.46
C GLU A 50 5.54 50.21 22.35
N HIS A 51 4.50 49.59 22.89
CA HIS A 51 3.17 50.18 22.93
C HIS A 51 2.47 50.41 21.60
N THR A 52 2.76 49.58 20.62
CA THR A 52 2.10 49.64 19.32
C THR A 52 1.09 48.49 19.28
N ASP A 53 1.56 47.39 19.84
CA ASP A 53 0.80 46.13 20.08
C ASP A 53 -0.66 46.20 20.01
N TYR A 54 -1.11 46.99 20.94
CA TYR A 54 -2.52 47.11 21.09
C TYR A 54 -3.05 48.21 20.21
N ASN A 55 -2.24 48.59 19.27
CA ASN A 55 -2.59 49.63 18.35
C ASN A 55 -2.36 49.11 16.93
N GLN A 56 -2.18 47.82 16.90
CA GLN A 56 -1.96 47.19 15.61
C GLN A 56 -0.73 47.70 14.98
N GLY A 57 0.30 47.89 15.77
CA GLY A 57 1.51 48.41 15.22
C GLY A 57 2.46 47.30 15.01
N LEU A 58 3.68 47.63 14.66
CA LEU A 58 4.67 46.61 14.48
C LEU A 58 5.48 46.54 15.73
N VAL A 59 6.12 45.38 15.90
CA VAL A 59 6.98 45.09 17.02
C VAL A 59 8.11 44.23 16.53
N LEU A 60 9.24 44.29 17.23
CA LEU A 60 10.38 43.53 16.81
C LEU A 60 11.08 42.94 18.00
N PRO A 61 10.45 41.92 18.56
CA PRO A 61 10.99 41.20 19.68
C PRO A 61 11.89 40.11 19.21
N MSE A 62 12.30 39.39 20.19
CA MSE A 62 13.09 38.24 19.95
C MSE A 62 13.01 37.42 21.21
O MSE A 62 12.85 37.97 22.30
CB MSE A 62 14.51 38.63 19.61
CG MSE A 62 15.48 38.30 20.70
SE MSE A 62 17.24 39.05 20.47
CE MSE A 62 17.93 38.25 22.07
N ALA A 63 13.01 36.11 21.05
CA ALA A 63 12.87 35.22 22.18
C ALA A 63 14.20 35.00 22.86
N LEU A 64 14.16 34.68 24.17
CA LEU A 64 15.37 34.46 24.92
C LEU A 64 15.51 33.02 25.38
N GLU A 65 16.67 32.81 25.99
CA GLU A 65 17.00 31.56 26.63
C GLU A 65 16.44 31.53 28.03
N LEU A 66 15.98 32.70 28.48
CA LEU A 66 15.31 32.86 29.76
C LEU A 66 13.91 32.31 29.55
N MSE A 67 13.47 31.38 30.35
CA MSE A 67 12.17 30.81 30.06
C MSE A 67 11.51 30.17 31.27
O MSE A 67 12.09 30.02 32.35
CB MSE A 67 12.39 29.73 29.02
CG MSE A 67 12.86 28.46 29.66
SE MSE A 67 13.71 27.11 28.57
CE MSE A 67 15.26 28.03 27.93
N THR A 68 10.26 29.74 31.04
CA THR A 68 9.49 29.08 32.05
C THR A 68 9.33 27.59 31.71
N VAL A 69 9.75 26.74 32.64
CA VAL A 69 9.65 25.30 32.54
C VAL A 69 8.63 24.80 33.54
N LEU A 70 7.70 24.01 33.03
CA LEU A 70 6.65 23.38 33.80
C LEU A 70 6.89 21.91 33.67
N VAL A 71 6.87 21.24 34.75
CA VAL A 71 7.05 19.83 34.74
C VAL A 71 5.98 19.21 35.65
N GLY A 72 5.32 18.10 35.20
CA GLY A 72 4.25 17.48 35.98
C GLY A 72 3.59 16.22 35.43
N SER A 73 2.47 15.89 36.04
CA SER A 73 1.71 14.71 35.67
C SER A 73 0.21 14.88 35.88
N PRO A 74 -0.52 14.16 35.04
CA PRO A 74 -1.97 14.17 35.08
C PRO A 74 -2.47 13.63 36.40
N ARG A 75 -3.72 13.85 36.70
CA ARG A 75 -4.25 13.34 37.94
C ARG A 75 -5.63 12.72 37.79
N LYS A 76 -5.73 11.46 38.26
CA LYS A 76 -6.96 10.67 38.26
C LYS A 76 -7.91 11.34 39.20
N ASP A 77 -7.23 11.97 40.11
CA ASP A 77 -7.75 12.74 41.19
C ASP A 77 -8.83 13.70 40.80
N GLY A 78 -8.56 14.53 39.84
CA GLY A 78 -9.60 15.49 39.49
C GLY A 78 -9.35 16.85 40.09
N LEU A 79 -8.12 17.09 40.52
CA LEU A 79 -7.76 18.37 41.12
C LEU A 79 -6.58 19.07 40.45
N VAL A 80 -6.55 20.40 40.62
CA VAL A 80 -5.41 21.14 40.14
C VAL A 80 -4.60 21.54 41.33
N SER A 81 -3.34 21.12 41.33
CA SER A 81 -2.42 21.45 42.40
C SER A 81 -1.04 21.79 41.86
N LEU A 82 -0.63 23.07 42.12
CA LEU A 82 0.62 23.65 41.66
C LEU A 82 1.54 24.16 42.76
N LEU A 83 2.75 24.48 42.29
CA LEU A 83 3.86 25.06 43.05
C LEU A 83 4.69 26.00 42.16
N THR A 84 5.15 27.14 42.73
CA THR A 84 6.01 28.08 42.02
C THR A 84 7.32 28.22 42.71
N THR A 85 8.43 27.86 42.08
CA THR A 85 9.69 28.04 42.75
C THR A 85 10.13 29.49 42.75
N SER A 86 9.29 30.34 42.22
CA SER A 86 9.70 31.73 42.12
C SER A 86 9.58 32.49 43.38
N GLU A 87 10.62 33.22 43.70
CA GLU A 87 10.59 33.99 44.92
C GLU A 87 9.90 35.33 44.66
N GLY A 88 9.83 35.69 43.37
CA GLY A 88 9.22 36.96 42.99
C GLY A 88 7.69 36.96 43.07
N ALA A 89 7.14 35.75 43.19
CA ALA A 89 5.70 35.55 43.24
C ALA A 89 5.03 36.09 44.49
N ASP A 90 3.75 35.95 44.45
CA ASP A 90 2.83 36.30 45.49
C ASP A 90 2.62 35.11 46.41
N GLU A 91 2.54 35.32 47.73
CA GLU A 91 2.29 34.24 48.71
C GLU A 91 0.83 33.77 48.67
N PRO A 92 0.57 32.48 48.84
CA PRO A 92 1.53 31.43 49.06
C PRO A 92 2.13 30.97 47.75
N GLN A 93 3.16 30.15 47.82
CA GLN A 93 3.82 29.71 46.61
C GLN A 93 3.15 28.51 46.01
N ARG A 94 2.18 27.95 46.75
CA ARG A 94 1.43 26.79 46.32
C ARG A 94 -0.03 27.05 46.26
N LEU A 95 -0.74 26.26 45.47
CA LEU A 95 -2.17 26.43 45.38
C LEU A 95 -2.81 25.21 44.80
N GLN A 96 -3.97 24.88 45.34
CA GLN A 96 -4.70 23.74 44.86
C GLN A 96 -6.14 24.14 44.65
N PHE A 97 -6.72 23.69 43.58
CA PHE A 97 -8.08 24.06 43.31
C PHE A 97 -8.66 23.08 42.35
N PRO A 98 -9.96 22.94 42.47
CA PRO A 98 -10.69 22.01 41.67
C PRO A 98 -11.00 22.61 40.30
N LEU A 99 -10.95 21.73 39.28
CA LEU A 99 -11.30 22.04 37.89
C LEU A 99 -12.69 22.72 37.82
N PRO A 100 -12.92 23.51 36.76
CA PRO A 100 -14.20 24.13 36.64
C PRO A 100 -15.08 23.10 35.96
N THR A 101 -16.33 23.42 36.02
CA THR A 101 -17.33 22.56 35.51
C THR A 101 -18.26 23.45 34.78
N ALA A 102 -19.17 22.82 34.04
CA ALA A 102 -20.23 23.54 33.40
C ALA A 102 -21.00 24.32 34.50
N GLN A 103 -20.85 23.89 35.74
CA GLN A 103 -21.49 24.55 36.83
C GLN A 103 -20.60 25.64 37.33
N ARG A 104 -19.48 25.17 37.89
CA ARG A 104 -18.48 26.02 38.49
C ARG A 104 -17.34 26.35 37.51
N SER A 105 -17.15 27.63 37.26
CA SER A 105 -16.09 28.09 36.37
C SER A 105 -15.08 28.95 37.14
N LEU A 106 -13.82 28.46 37.19
CA LEU A 106 -12.70 29.13 37.87
C LEU A 106 -12.87 30.67 38.02
N GLU A 107 -12.36 31.19 39.15
CA GLU A 107 -12.41 32.61 39.47
C GLU A 107 -11.03 33.17 39.81
N PRO A 108 -10.76 34.37 39.24
CA PRO A 108 -9.50 35.03 39.51
C PRO A 108 -9.43 35.31 41.00
N GLY A 109 -8.53 34.63 41.70
CA GLY A 109 -8.44 34.87 43.14
C GLY A 109 -7.05 35.26 43.55
N THR A 110 -6.67 34.71 44.69
CA THR A 110 -5.42 34.93 45.36
C THR A 110 -4.86 33.56 45.76
N PRO A 111 -3.56 33.26 45.50
CA PRO A 111 -2.58 34.17 44.92
C PRO A 111 -2.79 34.54 43.46
N ARG A 112 -2.53 35.81 43.20
CA ARG A 112 -2.63 36.38 41.89
C ARG A 112 -1.77 35.66 40.85
N TRP A 113 -0.59 35.21 41.27
CA TRP A 113 0.18 34.49 40.30
C TRP A 113 -0.67 33.46 39.61
N ALA A 114 -1.41 32.67 40.40
CA ALA A 114 -2.34 31.62 39.95
C ALA A 114 -3.38 32.07 38.94
N ASN A 115 -3.57 33.41 38.86
CA ASN A 115 -4.54 33.98 37.96
C ASN A 115 -4.22 33.60 36.52
N TYR A 116 -2.92 33.45 36.22
CA TYR A 116 -2.40 33.09 34.89
C TYR A 116 -2.71 31.69 34.48
N VAL A 117 -2.39 30.76 35.36
CA VAL A 117 -2.61 29.33 35.14
C VAL A 117 -4.08 29.05 34.95
N LYS A 118 -4.88 29.54 35.90
CA LYS A 118 -6.31 29.41 35.86
C LYS A 118 -6.88 29.83 34.50
N GLY A 119 -6.52 31.04 34.08
CA GLY A 119 -6.93 31.54 32.79
C GLY A 119 -6.68 30.49 31.74
N VAL A 120 -5.41 30.22 31.46
CA VAL A 120 -5.02 29.23 30.46
C VAL A 120 -5.78 27.93 30.65
N ILE A 121 -6.26 27.69 31.87
CA ILE A 121 -7.03 26.49 32.11
C ILE A 121 -8.46 26.69 31.70
N GLN A 122 -9.02 27.79 32.18
CA GLN A 122 -10.41 28.11 31.95
C GLN A 122 -10.77 28.28 30.47
N TYR A 123 -9.76 28.62 29.67
CA TYR A 123 -9.91 28.83 28.25
C TYR A 123 -9.37 27.72 27.37
N TYR A 124 -8.37 27.00 27.80
CA TYR A 124 -7.93 25.95 26.95
C TYR A 124 -9.09 25.51 26.05
N PRO A 125 -8.79 25.45 24.78
CA PRO A 125 -9.74 25.14 23.75
C PRO A 125 -10.31 23.74 23.84
N ALA A 126 -9.43 22.74 23.75
CA ALA A 126 -9.83 21.35 23.74
C ALA A 126 -10.32 20.76 25.06
N ALA A 127 -10.50 19.45 25.02
CA ALA A 127 -11.03 18.65 26.13
C ALA A 127 -11.09 17.16 25.81
N PRO A 128 -11.24 16.33 26.84
CA PRO A 128 -11.43 16.76 28.24
C PRO A 128 -10.10 16.91 28.96
N LEU A 129 -10.05 17.91 29.83
CA LEU A 129 -8.81 18.24 30.53
C LEU A 129 -8.72 17.60 31.92
N PRO A 130 -7.64 16.82 32.14
CA PRO A 130 -7.44 16.15 33.40
C PRO A 130 -7.07 17.10 34.51
N GLY A 131 -6.60 16.48 35.54
CA GLY A 131 -6.16 17.17 36.71
C GLY A 131 -4.66 17.00 36.75
N PHE A 132 -4.00 17.91 37.42
CA PHE A 132 -2.59 17.77 37.34
C PHE A 132 -1.80 18.28 38.53
N SER A 133 -0.58 17.73 38.54
CA SER A 133 0.48 18.07 39.45
C SER A 133 1.46 18.90 38.66
N ALA A 134 1.78 20.06 39.17
CA ALA A 134 2.64 20.89 38.41
C ALA A 134 3.59 21.74 39.23
N VAL A 135 4.84 21.74 38.77
CA VAL A 135 5.87 22.58 39.34
C VAL A 135 6.34 23.62 38.31
N VAL A 136 6.44 24.87 38.76
CA VAL A 136 6.79 25.98 37.89
C VAL A 136 8.09 26.66 38.23
N VAL A 137 9.05 26.33 37.42
CA VAL A 137 10.38 26.88 37.46
C VAL A 137 10.50 27.98 36.37
N SER A 138 11.32 29.03 36.59
CA SER A 138 11.49 30.12 35.62
C SER A 138 12.79 30.94 35.75
N SER A 139 13.35 31.36 34.58
CA SER A 139 14.56 32.20 34.53
C SER A 139 14.22 33.61 34.13
N VAL A 140 12.93 33.86 34.01
CA VAL A 140 12.48 35.17 33.64
C VAL A 140 12.02 35.95 34.85
N PRO A 141 12.83 36.92 35.18
CA PRO A 141 12.57 37.81 36.28
C PRO A 141 11.11 38.23 36.28
N LEU A 142 10.47 38.21 37.43
CA LEU A 142 9.09 38.59 37.50
C LEU A 142 8.94 40.11 37.45
N GLY A 143 8.10 40.59 36.56
CA GLY A 143 7.90 42.02 36.43
C GLY A 143 9.13 42.73 35.89
N GLY A 144 9.91 42.05 35.03
CA GLY A 144 11.13 42.63 34.51
C GLY A 144 11.09 43.16 33.07
N GLY A 145 9.91 43.33 32.50
CA GLY A 145 9.91 43.86 31.14
C GLY A 145 10.22 42.80 30.09
N LEU A 146 10.47 41.54 30.50
CA LEU A 146 10.77 40.42 29.60
C LEU A 146 9.65 39.39 29.42
N SER A 147 8.43 39.80 29.68
CA SER A 147 7.26 38.96 29.57
C SER A 147 7.23 37.67 30.35
N SER A 148 7.44 37.76 31.68
CA SER A 148 7.34 36.55 32.47
C SER A 148 5.90 36.06 32.33
N SER A 149 5.03 37.02 31.98
CA SER A 149 3.59 36.81 31.82
C SER A 149 3.25 35.77 30.76
N ALA A 150 3.65 36.11 29.54
CA ALA A 150 3.49 35.29 28.37
C ALA A 150 4.24 33.97 28.53
N SER A 151 5.47 34.05 29.02
CA SER A 151 6.21 32.82 29.21
C SER A 151 5.44 31.86 30.08
N LEU A 152 4.90 32.41 31.14
CA LEU A 152 4.14 31.60 32.03
C LEU A 152 2.90 31.04 31.35
N GLU A 153 2.11 31.92 30.71
CA GLU A 153 0.85 31.48 30.09
C GLU A 153 1.05 30.37 29.08
N VAL A 154 1.93 30.64 28.15
CA VAL A 154 2.27 29.72 27.07
C VAL A 154 2.74 28.39 27.57
N ALA A 155 3.69 28.46 28.49
CA ALA A 155 4.23 27.29 29.16
C ALA A 155 3.09 26.42 29.75
N THR A 156 2.10 27.11 30.29
CA THR A 156 0.97 26.45 30.86
C THR A 156 0.19 25.77 29.77
N TYR A 157 -0.28 26.58 28.83
CA TYR A 157 -0.97 26.09 27.67
C TYR A 157 -0.23 24.92 26.98
N THR A 158 1.03 25.06 26.71
CA THR A 158 1.74 23.97 26.10
C THR A 158 1.77 22.66 26.92
N PHE A 159 1.66 22.81 28.19
CA PHE A 159 1.67 21.66 29.04
C PHE A 159 0.33 20.99 28.85
N LEU A 160 -0.70 21.82 28.91
CA LEU A 160 -2.05 21.36 28.75
C LEU A 160 -2.16 20.58 27.47
N GLN A 161 -1.43 21.04 26.47
CA GLN A 161 -1.45 20.36 25.20
C GLN A 161 -1.03 18.92 25.39
N GLN A 162 -0.15 18.71 26.36
CA GLN A 162 0.34 17.39 26.69
C GLN A 162 -0.76 16.62 27.42
N LEU A 163 -1.57 17.40 28.18
CA LEU A 163 -2.71 16.90 28.90
C LEU A 163 -3.80 16.51 27.88
N CYS A 164 -4.27 17.52 27.13
CA CYS A 164 -5.31 17.34 26.13
C CYS A 164 -5.02 18.09 24.82
N PRO A 165 -4.54 17.36 23.81
CA PRO A 165 -4.20 17.92 22.54
C PRO A 165 -5.29 18.66 21.83
N ASP A 166 -4.90 19.82 21.32
CA ASP A 166 -5.82 20.64 20.61
C ASP A 166 -5.63 20.52 19.12
N SER A 167 -6.54 21.21 18.47
CA SER A 167 -6.74 21.25 17.04
C SER A 167 -6.02 22.37 16.33
N GLY A 168 -6.51 23.58 16.68
CA GLY A 168 -6.25 24.93 16.19
C GLY A 168 -4.86 25.37 15.74
N THR A 169 -4.86 26.67 15.36
CA THR A 169 -3.72 27.45 14.90
C THR A 169 -2.91 27.93 16.10
N ILE A 170 -1.72 28.43 15.80
CA ILE A 170 -0.81 28.99 16.78
C ILE A 170 -1.35 30.31 17.27
N ALA A 171 -1.82 31.10 16.33
CA ALA A 171 -2.40 32.38 16.67
C ALA A 171 -3.47 32.22 17.74
N ALA A 172 -4.25 31.17 17.58
CA ALA A 172 -5.32 30.88 18.54
C ALA A 172 -4.73 30.78 19.94
N ARG A 173 -3.67 29.97 20.06
CA ARG A 173 -2.97 29.79 21.32
C ARG A 173 -2.62 31.11 21.91
N ALA A 174 -1.98 31.96 21.11
CA ALA A 174 -1.68 33.28 21.60
C ALA A 174 -2.97 33.93 22.06
N GLN A 175 -4.00 33.79 21.26
CA GLN A 175 -5.24 34.44 21.62
C GLN A 175 -5.74 34.00 22.97
N VAL A 176 -5.62 32.71 23.22
CA VAL A 176 -6.06 32.09 24.46
C VAL A 176 -5.37 32.74 25.64
N CYS A 177 -4.04 32.55 25.66
CA CYS A 177 -3.22 33.12 26.70
C CYS A 177 -3.56 34.59 26.90
N GLN A 178 -3.80 35.30 25.80
CA GLN A 178 -4.13 36.72 25.87
C GLN A 178 -5.39 37.00 26.65
N GLN A 179 -6.40 36.26 26.33
CA GLN A 179 -7.64 36.42 27.00
C GLN A 179 -7.46 36.21 28.47
N ALA A 180 -6.82 35.08 28.76
CA ALA A 180 -6.59 34.73 30.13
C ALA A 180 -5.94 35.86 30.89
N GLU A 181 -5.05 36.61 30.21
CA GLU A 181 -4.39 37.74 30.86
C GLU A 181 -5.38 38.87 31.07
N HIS A 182 -6.14 39.11 30.03
CA HIS A 182 -7.17 40.12 30.04
C HIS A 182 -8.20 39.88 31.14
N SER A 183 -8.81 38.72 31.01
CA SER A 183 -9.88 38.31 31.91
C SER A 183 -9.45 37.86 33.34
N PHE A 184 -8.37 37.09 33.44
CA PHE A 184 -7.94 36.60 34.72
C PHE A 184 -6.95 37.44 35.49
N ALA A 185 -5.96 37.97 34.81
CA ALA A 185 -5.02 38.81 35.51
C ALA A 185 -5.38 40.30 35.48
N GLY A 186 -6.42 40.68 34.71
CA GLY A 186 -6.94 42.06 34.63
C GLY A 186 -6.03 43.03 33.89
N MSE A 187 -5.31 42.48 32.94
CA MSE A 187 -4.37 43.25 32.22
C MSE A 187 -4.53 43.20 30.70
O MSE A 187 -3.99 42.36 29.95
CB MSE A 187 -3.00 42.81 32.69
CG MSE A 187 -2.24 43.88 33.40
SE MSE A 187 -1.61 45.21 32.14
CE MSE A 187 -0.66 44.10 30.90
N PRO A 188 -5.30 44.14 30.23
CA PRO A 188 -5.55 44.33 28.84
C PRO A 188 -4.24 44.44 28.15
N CYS A 189 -3.64 43.35 27.75
CA CYS A 189 -2.35 43.50 27.09
C CYS A 189 -2.48 43.49 25.59
N GLY A 190 -1.41 43.20 24.92
CA GLY A 190 -1.56 43.08 23.52
C GLY A 190 -1.18 41.67 23.15
N ILE A 191 -1.02 41.44 21.87
CA ILE A 191 -0.68 40.14 21.29
C ILE A 191 0.79 39.80 21.25
N MSE A 192 1.62 40.79 21.37
CA MSE A 192 3.02 40.51 21.15
C MSE A 192 3.59 39.34 21.95
O MSE A 192 4.06 38.31 21.42
CB MSE A 192 3.86 41.75 21.30
CG MSE A 192 5.26 41.41 21.76
SE MSE A 192 6.52 42.87 21.63
CE MSE A 192 5.57 44.13 22.74
N ASP A 193 3.63 39.54 23.23
CA ASP A 193 4.23 38.60 24.16
C ASP A 193 4.04 37.12 23.85
N GLN A 194 2.80 36.71 23.72
CA GLN A 194 2.42 35.32 23.50
C GLN A 194 2.98 34.75 22.23
N PHE A 195 2.90 35.55 21.22
CA PHE A 195 3.34 35.15 19.91
C PHE A 195 4.77 34.80 19.82
N ILE A 196 5.53 35.75 20.29
CA ILE A 196 6.91 35.54 20.19
C ILE A 196 7.28 34.46 21.13
N SER A 197 6.47 34.28 22.16
CA SER A 197 6.76 33.18 23.01
C SER A 197 6.53 31.90 22.23
N LEU A 198 5.50 31.90 21.41
CA LEU A 198 5.23 30.72 20.61
C LEU A 198 6.07 30.64 19.36
N MSE A 199 6.08 31.74 18.62
CA MSE A 199 6.70 31.81 17.32
C MSE A 199 8.20 31.93 17.20
O MSE A 199 8.75 31.99 16.11
CB MSE A 199 6.08 32.98 16.62
CG MSE A 199 4.60 32.86 16.46
SE MSE A 199 4.12 31.95 14.82
CE MSE A 199 5.66 30.80 14.63
N GLY A 200 8.83 32.00 18.32
CA GLY A 200 10.26 32.29 18.38
C GLY A 200 11.07 31.40 17.46
N GLN A 201 12.30 31.86 17.21
CA GLN A 201 13.24 31.02 16.49
C GLN A 201 14.69 31.43 16.61
N LYS A 202 15.51 30.39 16.44
CA LYS A 202 16.93 30.55 16.79
C LYS A 202 17.49 31.64 16.00
N GLY A 203 18.64 32.15 16.48
CA GLY A 203 19.38 33.28 15.84
C GLY A 203 18.51 34.10 14.91
N HIS A 204 17.31 34.50 15.36
CA HIS A 204 16.40 35.29 14.55
C HIS A 204 15.48 36.21 15.33
N ALA A 205 15.22 37.38 14.80
CA ALA A 205 14.24 38.26 15.42
C ALA A 205 12.94 38.27 14.63
N LEU A 206 11.83 38.55 15.30
CA LEU A 206 10.55 38.55 14.62
C LEU A 206 10.01 39.92 14.46
N LEU A 207 9.72 40.27 13.22
CA LEU A 207 9.05 41.49 12.93
C LEU A 207 7.60 41.09 12.71
N ILE A 208 6.76 41.34 13.69
CA ILE A 208 5.39 40.88 13.66
C ILE A 208 4.48 42.01 13.32
N ASP A 209 3.42 41.72 12.53
CA ASP A 209 2.40 42.69 12.17
C ASP A 209 1.15 42.52 13.03
N CYS A 210 0.99 43.36 14.01
CA CYS A 210 -0.09 43.21 14.96
C CYS A 210 -1.45 43.36 14.37
N ARG A 211 -1.48 44.00 13.22
CA ARG A 211 -2.73 44.25 12.57
C ARG A 211 -3.15 43.04 11.77
N SER A 212 -2.20 42.62 10.93
CA SER A 212 -2.33 41.47 10.05
C SER A 212 -1.96 40.17 10.73
N LEU A 213 -1.02 40.24 11.62
CA LEU A 213 -0.50 39.06 12.23
C LEU A 213 0.46 38.39 11.32
N GLU A 214 0.93 39.18 10.37
CA GLU A 214 1.92 38.68 9.46
C GLU A 214 3.25 38.75 10.15
N THR A 215 4.17 37.86 9.79
CA THR A 215 5.42 37.82 10.51
C THR A 215 6.63 37.56 9.66
N SER A 216 7.69 38.28 9.96
CA SER A 216 8.90 38.21 9.19
C SER A 216 10.11 38.06 10.07
N LEU A 217 11.11 37.34 9.53
CA LEU A 217 12.28 37.03 10.31
C LEU A 217 13.47 37.84 9.95
N VAL A 218 13.96 38.58 10.93
CA VAL A 218 15.17 39.34 10.76
C VAL A 218 16.24 38.64 11.53
N PRO A 219 17.28 38.23 10.84
CA PRO A 219 18.34 37.51 11.48
C PRO A 219 19.11 38.37 12.47
N LEU A 220 19.68 37.67 13.44
CA LEU A 220 20.50 38.18 14.53
C LEU A 220 21.59 37.17 14.84
N SER A 221 22.54 37.06 13.95
CA SER A 221 23.57 36.07 14.08
C SER A 221 24.91 36.67 13.91
N ASP A 222 25.14 37.72 14.66
CA ASP A 222 26.41 38.35 14.56
C ASP A 222 27.22 38.18 15.81
N PRO A 223 28.44 37.69 15.60
CA PRO A 223 29.39 37.45 16.66
C PRO A 223 30.05 38.73 17.14
N LYS A 224 29.79 39.79 16.39
CA LYS A 224 30.34 41.09 16.68
C LYS A 224 29.27 42.04 17.22
N LEU A 225 28.04 41.57 17.14
CA LEU A 225 26.97 42.35 17.66
C LEU A 225 26.62 41.72 18.97
N ALA A 226 26.15 42.51 19.92
CA ALA A 226 25.78 41.93 21.21
C ALA A 226 24.51 42.52 21.84
N VAL A 227 23.62 41.63 22.34
CA VAL A 227 22.39 42.07 22.97
C VAL A 227 22.48 41.99 24.47
N LEU A 228 22.56 43.16 25.09
CA LEU A 228 22.67 43.30 26.52
C LEU A 228 21.41 43.85 27.18
N ILE A 229 20.86 43.05 28.07
CA ILE A 229 19.70 43.42 28.83
C ILE A 229 20.13 43.70 30.24
N THR A 230 19.70 44.86 30.75
CA THR A 230 19.99 45.23 32.11
C THR A 230 18.75 45.43 32.97
N ASN A 231 18.65 44.61 33.99
CA ASN A 231 17.53 44.76 34.85
C ASN A 231 17.82 45.74 35.96
N SER A 232 16.93 46.72 36.04
CA SER A 232 16.95 47.81 36.99
C SER A 232 16.60 47.32 38.37
N ASN A 233 15.95 46.20 38.37
CA ASN A 233 15.52 45.58 39.61
C ASN A 233 14.52 46.41 40.41
N VAL A 234 13.93 47.36 39.74
CA VAL A 234 12.90 48.21 40.28
C VAL A 234 11.59 47.83 39.60
N ARG A 235 10.45 48.09 40.27
CA ARG A 235 9.12 47.82 39.73
C ARG A 235 8.02 48.69 40.35
N HIS A 236 7.98 49.92 39.88
CA HIS A 236 7.03 50.91 40.34
C HIS A 236 5.62 50.35 40.42
N ALA A 239 2.38 51.76 38.43
CA ALA A 239 1.74 52.34 37.24
C ALA A 239 1.26 51.30 36.21
N SER A 240 0.66 50.23 36.74
CA SER A 240 0.04 49.19 35.95
C SER A 240 -1.44 49.53 35.96
N SER A 241 -1.70 50.55 36.75
CA SER A 241 -2.97 51.18 36.88
C SER A 241 -3.01 52.15 35.73
N GLU A 242 -1.80 52.29 35.16
CA GLU A 242 -1.44 53.14 34.05
C GLU A 242 -1.62 52.52 32.65
N TYR A 243 -1.16 51.28 32.45
CA TYR A 243 -1.26 50.63 31.15
C TYR A 243 -2.60 50.79 30.50
N PRO A 244 -3.58 50.11 31.08
CA PRO A 244 -4.91 50.22 30.53
C PRO A 244 -5.31 51.65 30.21
N VAL A 245 -4.75 52.62 30.95
CA VAL A 245 -5.05 54.02 30.74
C VAL A 245 -4.53 54.52 29.41
N ARG A 246 -3.24 54.28 29.18
CA ARG A 246 -2.71 54.69 27.91
C ARG A 246 -3.56 54.04 26.86
N ARG A 247 -3.71 52.70 26.98
CA ARG A 247 -4.56 51.96 26.05
C ARG A 247 -5.84 52.74 25.75
N ARG A 248 -6.56 53.11 26.80
CA ARG A 248 -7.78 53.86 26.64
C ARG A 248 -7.55 55.15 25.90
N GLN A 249 -6.49 55.85 26.35
CA GLN A 249 -6.03 57.14 25.83
C GLN A 249 -5.95 57.16 24.30
N CYS A 250 -5.26 56.15 23.76
CA CYS A 250 -5.11 55.97 22.34
C CYS A 250 -6.51 55.72 21.79
N GLU A 251 -7.01 54.52 22.11
CA GLU A 251 -8.36 54.07 21.72
C GLU A 251 -9.29 55.21 21.46
N GLU A 252 -9.27 56.13 22.38
CA GLU A 252 -10.06 57.32 22.32
C GLU A 252 -9.63 58.26 21.20
N VAL A 253 -8.32 58.53 21.12
CA VAL A 253 -7.80 59.36 20.06
C VAL A 253 -8.24 58.76 18.74
N ALA A 254 -7.75 57.55 18.45
CA ALA A 254 -8.13 56.88 17.23
C ALA A 254 -9.61 57.11 16.93
N ARG A 255 -10.41 57.10 18.01
CA ARG A 255 -11.84 57.31 17.94
C ARG A 255 -12.13 58.65 17.32
N ALA A 256 -11.64 59.71 17.93
CA ALA A 256 -11.82 61.05 17.40
C ALA A 256 -11.51 61.13 15.90
N LEU A 257 -10.30 60.71 15.56
CA LEU A 257 -9.81 60.72 14.19
C LEU A 257 -10.60 59.84 13.27
N GLY A 258 -11.82 59.49 13.65
CA GLY A 258 -12.58 58.59 12.82
C GLY A 258 -11.72 57.42 12.28
N LYS A 259 -10.82 56.83 13.12
CA LYS A 259 -9.95 55.71 12.67
C LYS A 259 -10.03 54.47 13.54
N GLU A 260 -9.97 53.29 12.88
CA GLU A 260 -10.07 52.01 13.60
C GLU A 260 -9.00 51.88 14.65
N SER A 261 -7.81 52.28 14.24
CA SER A 261 -6.65 52.21 15.07
C SER A 261 -5.82 53.44 14.85
N LEU A 262 -4.75 53.52 15.61
CA LEU A 262 -3.83 54.61 15.48
C LEU A 262 -2.85 54.21 14.44
N ARG A 263 -3.10 53.01 13.89
CA ARG A 263 -2.29 52.46 12.81
C ARG A 263 -2.71 53.11 11.51
N GLU A 264 -3.96 53.47 11.46
CA GLU A 264 -4.48 54.13 10.31
C GLU A 264 -4.19 55.62 10.41
N VAL A 265 -3.53 56.04 11.49
CA VAL A 265 -3.18 57.45 11.72
C VAL A 265 -1.73 57.80 11.35
N GLN A 266 -1.51 59.02 10.87
CA GLN A 266 -0.18 59.42 10.43
C GLN A 266 0.34 60.70 11.10
N LEU A 267 1.58 60.64 11.64
CA LEU A 267 2.22 61.75 12.36
C LEU A 267 1.61 63.08 11.94
N GLU A 268 1.60 63.23 10.63
CA GLU A 268 1.15 64.40 9.87
C GLU A 268 -0.35 64.71 10.02
N GLU A 269 -1.13 63.65 10.10
CA GLU A 269 -2.58 63.65 10.20
C GLU A 269 -3.07 63.95 11.61
N LEU A 270 -2.24 63.61 12.60
CA LEU A 270 -2.57 63.81 14.01
C LEU A 270 -2.60 65.29 14.35
N GLU A 271 -1.74 66.02 13.66
CA GLU A 271 -1.74 67.40 13.95
C GLU A 271 -3.02 68.06 13.54
N ALA A 272 -3.87 67.27 12.83
CA ALA A 272 -5.18 67.71 12.39
C ALA A 272 -6.10 67.76 13.59
N ALA A 273 -6.29 66.63 14.21
CA ALA A 273 -7.15 66.70 15.33
C ALA A 273 -6.49 67.35 16.52
N ARG A 274 -5.38 68.06 16.32
CA ARG A 274 -4.78 68.68 17.51
C ARG A 274 -5.90 69.20 18.38
N ASP A 275 -6.81 69.95 17.76
CA ASP A 275 -7.93 70.51 18.50
C ASP A 275 -9.13 69.54 18.65
N LEU A 276 -8.95 68.31 18.14
CA LEU A 276 -9.94 67.23 18.24
C LEU A 276 -9.53 66.13 19.22
N VAL A 277 -8.36 66.28 19.89
CA VAL A 277 -7.84 65.34 20.92
C VAL A 277 -6.94 65.95 22.01
N SER A 278 -7.33 65.68 23.25
CA SER A 278 -6.63 66.12 24.43
C SER A 278 -5.15 66.25 24.22
N LYS A 279 -4.56 67.07 25.08
CA LYS A 279 -3.15 67.21 24.98
C LYS A 279 -2.57 65.82 25.19
N GLU A 280 -2.64 65.37 26.43
CA GLU A 280 -2.17 64.05 26.78
C GLU A 280 -2.33 63.06 25.62
N GLY A 281 -3.56 62.88 25.20
CA GLY A 281 -3.84 61.95 24.13
C GLY A 281 -3.07 62.27 22.86
N PHE A 282 -2.76 63.54 22.64
CA PHE A 282 -1.98 63.91 21.47
C PHE A 282 -0.60 63.28 21.55
N ARG A 283 0.02 63.48 22.70
CA ARG A 283 1.33 62.98 23.01
C ARG A 283 1.40 61.45 22.84
N ARG A 284 0.42 60.74 23.44
CA ARG A 284 0.37 59.31 23.39
C ARG A 284 0.32 58.85 21.97
N ALA A 285 -0.65 59.39 21.24
CA ALA A 285 -0.85 59.04 19.84
C ALA A 285 0.43 59.23 19.03
N ARG A 286 1.02 60.39 19.21
CA ARG A 286 2.25 60.75 18.55
C ARG A 286 3.34 59.73 18.71
N HIS A 287 3.50 59.24 19.93
CA HIS A 287 4.54 58.28 20.18
C HIS A 287 4.28 57.05 19.38
N VAL A 288 3.05 56.59 19.48
CA VAL A 288 2.58 55.38 18.83
C VAL A 288 2.76 55.41 17.32
N VAL A 289 2.28 56.51 16.75
CA VAL A 289 2.39 56.71 15.32
C VAL A 289 3.85 56.70 14.89
N GLY A 290 4.66 57.53 15.50
CA GLY A 290 6.06 57.53 15.15
C GLY A 290 6.72 56.21 15.48
N GLU A 291 6.33 55.60 16.59
CA GLU A 291 6.98 54.37 17.00
C GLU A 291 6.79 53.28 16.02
N ILE A 292 5.62 53.24 15.42
CA ILE A 292 5.33 52.20 14.46
C ILE A 292 6.24 52.27 13.24
N ARG A 293 6.43 53.49 12.77
CA ARG A 293 7.28 53.72 11.61
C ARG A 293 8.71 53.47 11.96
N ARG A 294 9.11 54.01 13.10
CA ARG A 294 10.43 53.79 13.65
C ARG A 294 10.74 52.28 13.65
N THR A 295 9.69 51.47 13.82
CA THR A 295 9.84 50.02 13.86
C THR A 295 10.08 49.41 12.48
N ALA A 296 9.30 49.87 11.49
CA ALA A 296 9.49 49.39 10.15
C ALA A 296 10.89 49.77 9.66
N GLN A 297 11.35 50.90 10.16
CA GLN A 297 12.65 51.48 9.84
C GLN A 297 13.81 50.65 10.37
N ALA A 298 13.77 50.37 11.68
CA ALA A 298 14.80 49.61 12.37
C ALA A 298 14.96 48.17 11.90
N ALA A 299 13.89 47.55 11.43
CA ALA A 299 14.01 46.19 10.92
C ALA A 299 14.86 46.24 9.64
N ALA A 300 14.49 47.22 8.81
CA ALA A 300 15.24 47.50 7.60
C ALA A 300 16.69 47.77 7.97
N ALA A 301 16.92 48.72 8.90
CA ALA A 301 18.30 48.98 9.31
C ALA A 301 19.05 47.72 9.73
N LEU A 302 18.35 46.82 10.42
CA LEU A 302 18.90 45.58 10.93
C LEU A 302 19.19 44.57 9.83
N ARG A 303 18.17 44.28 9.01
CA ARG A 303 18.38 43.35 7.89
C ARG A 303 19.60 43.79 7.10
N ARG A 304 19.65 45.09 6.92
CA ARG A 304 20.68 45.75 6.18
C ARG A 304 22.00 45.74 6.90
N GLY A 305 21.98 45.56 8.23
CA GLY A 305 23.23 45.53 9.02
C GLY A 305 23.68 46.92 9.54
N ASP A 306 22.76 47.88 9.52
CA ASP A 306 23.03 49.22 9.97
C ASP A 306 22.76 49.32 11.45
N TYR A 307 23.66 48.70 12.21
CA TYR A 307 23.59 48.65 13.66
C TYR A 307 23.62 50.05 14.27
N ARG A 308 24.28 50.95 13.56
CA ARG A 308 24.32 52.32 13.99
C ARG A 308 22.94 52.89 13.85
N ALA A 309 22.44 52.93 12.62
CA ALA A 309 21.10 53.43 12.36
C ALA A 309 20.10 52.72 13.25
N PHE A 310 20.44 51.52 13.70
CA PHE A 310 19.55 50.81 14.58
C PHE A 310 19.70 51.30 16.04
N GLY A 311 20.94 51.39 16.51
CA GLY A 311 21.21 51.94 17.84
C GLY A 311 20.53 53.33 18.00
N ARG A 312 20.38 54.09 16.92
CA ARG A 312 19.77 55.44 16.93
C ARG A 312 18.22 55.40 17.12
N LEU A 313 17.55 54.49 16.39
CA LEU A 313 16.11 54.33 16.42
C LEU A 313 15.68 53.96 17.81
N MSE A 314 16.49 53.09 18.36
CA MSE A 314 16.27 52.63 19.70
C MSE A 314 16.22 53.85 20.63
O MSE A 314 15.19 54.12 21.25
CB MSE A 314 17.39 51.65 20.07
CG MSE A 314 17.47 50.27 19.38
SE MSE A 314 18.76 49.15 20.27
CE MSE A 314 20.24 49.43 19.16
N VAL A 315 17.29 54.67 20.62
CA VAL A 315 17.35 55.85 21.43
C VAL A 315 16.16 56.72 21.20
N GLU A 316 15.87 57.02 19.94
CA GLU A 316 14.68 57.79 19.68
C GLU A 316 13.53 57.14 20.42
N SER A 317 13.37 55.84 20.15
CA SER A 317 12.31 55.11 20.77
C SER A 317 12.26 55.40 22.26
N HIS A 318 13.38 55.22 22.95
CA HIS A 318 13.42 55.48 24.36
C HIS A 318 12.72 56.76 24.67
N ARG A 319 13.28 57.84 24.13
CA ARG A 319 12.79 59.20 24.34
C ARG A 319 11.30 59.40 24.14
N SER A 320 10.76 58.83 23.07
CA SER A 320 9.32 58.94 22.82
C SER A 320 8.55 58.40 24.02
N LEU A 321 9.02 57.23 24.44
CA LEU A 321 8.48 56.43 25.54
C LEU A 321 8.61 57.12 26.90
N ARG A 322 9.58 58.01 26.97
CA ARG A 322 9.85 58.75 28.18
C ARG A 322 9.00 59.97 28.23
N ASP A 323 9.13 60.74 27.17
CA ASP A 323 8.50 62.01 27.07
C ASP A 323 7.05 62.03 26.65
N ASP A 324 6.71 61.39 25.52
CA ASP A 324 5.32 61.38 25.02
C ASP A 324 4.44 60.30 25.65
N TYR A 325 4.98 59.11 25.83
CA TYR A 325 4.15 58.07 26.40
C TYR A 325 4.15 58.07 27.92
N GLU A 326 5.25 58.57 28.48
CA GLU A 326 5.41 58.65 29.92
C GLU A 326 5.31 57.29 30.61
N VAL A 327 6.14 56.32 30.17
CA VAL A 327 6.09 54.98 30.77
C VAL A 327 7.45 54.42 31.27
N SER A 328 8.44 55.30 31.25
CA SER A 328 9.78 54.97 31.71
C SER A 328 9.92 55.23 33.20
N CYS A 329 11.14 55.47 33.60
CA CYS A 329 11.44 55.75 34.98
C CYS A 329 12.89 56.15 35.13
N PRO A 330 13.09 57.08 36.02
CA PRO A 330 14.39 57.60 36.33
C PRO A 330 15.48 56.53 36.27
N GLU A 331 15.18 55.39 36.87
CA GLU A 331 16.07 54.23 36.86
C GLU A 331 16.38 53.83 35.41
N LEU A 332 15.31 53.62 34.67
CA LEU A 332 15.40 53.30 33.28
C LEU A 332 16.22 54.35 32.60
N ASP A 333 15.76 55.60 32.68
CA ASP A 333 16.47 56.71 32.05
C ASP A 333 17.95 56.72 32.41
N GLN A 334 18.24 56.51 33.68
CA GLN A 334 19.59 56.41 34.17
C GLN A 334 20.33 55.26 33.47
N LEU A 335 19.77 54.09 33.53
CA LEU A 335 20.34 52.94 32.88
C LEU A 335 20.57 53.20 31.41
N VAL A 336 19.61 53.80 30.79
CA VAL A 336 19.86 54.09 29.41
C VAL A 336 21.08 55.01 29.29
N GLU A 337 20.98 56.21 29.88
CA GLU A 337 22.09 57.17 29.85
C GLU A 337 23.44 56.51 30.01
N ALA A 338 23.58 55.73 31.05
CA ALA A 338 24.83 55.07 31.27
C ALA A 338 25.24 54.26 30.04
N ALA A 339 24.34 53.43 29.57
CA ALA A 339 24.69 52.62 28.43
C ALA A 339 25.25 53.47 27.34
N LEU A 340 24.43 54.42 26.91
CA LEU A 340 24.75 55.31 25.80
C LEU A 340 26.13 55.95 25.94
N ALA A 341 26.60 55.92 27.16
CA ALA A 341 27.88 56.46 27.53
C ALA A 341 29.06 55.57 27.14
N VAL A 342 28.78 54.33 26.87
CA VAL A 342 29.87 53.48 26.51
C VAL A 342 30.15 53.48 25.03
N PRO A 343 31.40 53.26 24.74
CA PRO A 343 31.86 53.21 23.38
C PRO A 343 31.73 51.78 22.91
N GLY A 344 30.99 51.59 21.82
CA GLY A 344 30.74 50.26 21.34
C GLY A 344 29.25 49.94 21.35
N VAL A 345 28.52 50.87 22.01
CA VAL A 345 27.09 50.85 22.20
C VAL A 345 26.36 51.49 21.03
N TYR A 346 25.49 50.74 20.38
CA TYR A 346 24.76 51.29 19.26
C TYR A 346 23.62 52.13 19.72
N GLY A 347 22.92 51.60 20.72
CA GLY A 347 21.76 52.26 21.29
C GLY A 347 21.26 51.48 22.46
N SER A 348 20.30 52.07 23.19
CA SER A 348 19.70 51.44 24.34
C SER A 348 18.37 52.01 24.61
N ARG A 349 17.44 51.18 25.12
CA ARG A 349 16.14 51.71 25.47
C ARG A 349 15.46 50.81 26.44
N MSE A 350 14.40 51.30 27.05
CA MSE A 350 13.64 50.47 27.96
C MSE A 350 12.82 49.45 27.15
O MSE A 350 12.34 49.78 26.08
CB MSE A 350 12.73 51.35 28.79
CG MSE A 350 11.75 52.18 28.01
SE MSE A 350 10.01 52.44 28.88
CE MSE A 350 9.35 50.63 28.76
N THR A 351 12.73 48.21 27.59
CA THR A 351 11.92 47.24 26.86
C THR A 351 10.72 46.92 27.68
N GLY A 352 9.72 46.33 27.02
CA GLY A 352 8.51 45.94 27.70
C GLY A 352 7.61 47.10 28.12
N GLY A 353 6.73 46.75 29.08
CA GLY A 353 5.69 47.57 29.68
C GLY A 353 6.08 48.98 30.10
N GLY A 354 7.22 49.11 30.82
CA GLY A 354 7.71 50.38 31.33
C GLY A 354 7.44 50.49 32.81
N PHE A 355 7.77 51.65 33.44
CA PHE A 355 7.56 51.88 34.87
C PHE A 355 8.48 51.09 35.77
N GLY A 356 9.63 50.66 35.20
CA GLY A 356 10.62 49.85 35.89
C GLY A 356 11.02 48.68 34.99
N GLY A 357 11.80 47.72 35.50
CA GLY A 357 12.16 46.56 34.69
C GLY A 357 13.57 46.56 34.13
N CYS A 358 13.62 46.35 32.82
CA CYS A 358 14.84 46.22 32.05
C CYS A 358 15.04 47.26 30.92
N THR A 359 16.23 47.23 30.37
CA THR A 359 16.58 47.99 29.20
C THR A 359 17.28 47.04 28.26
N VAL A 360 17.22 47.35 26.99
CA VAL A 360 17.91 46.52 26.08
C VAL A 360 18.91 47.35 25.38
N THR A 361 20.06 46.73 25.14
CA THR A 361 21.15 47.46 24.58
C THR A 361 21.87 46.69 23.52
N LEU A 362 22.11 47.36 22.39
CA LEU A 362 22.80 46.81 21.26
C LEU A 362 24.21 47.29 21.28
N LEU A 363 25.13 46.39 21.21
CA LEU A 363 26.48 46.89 21.17
C LEU A 363 27.47 45.95 20.58
N GLU A 364 28.70 46.40 20.58
CA GLU A 364 29.75 45.56 20.12
C GLU A 364 30.03 44.57 21.18
N ALA A 365 30.06 43.33 20.80
CA ALA A 365 30.26 42.31 21.80
C ALA A 365 31.46 42.57 22.66
N SER A 366 32.54 42.91 21.99
CA SER A 366 33.78 43.15 22.70
C SER A 366 33.65 44.26 23.71
N ALA A 367 32.61 45.11 23.56
CA ALA A 367 32.38 46.21 24.49
C ALA A 367 31.58 45.76 25.68
N ALA A 368 30.95 44.62 25.50
CA ALA A 368 30.08 44.09 26.49
C ALA A 368 30.57 44.33 27.90
N PRO A 369 31.75 43.83 28.16
CA PRO A 369 32.28 43.87 29.52
C PRO A 369 32.40 45.28 30.12
N HIS A 370 32.98 46.22 29.36
CA HIS A 370 33.12 47.60 29.80
C HIS A 370 31.74 48.11 30.13
N ALA A 371 30.81 47.85 29.24
CA ALA A 371 29.43 48.25 29.45
C ALA A 371 28.94 47.76 30.78
N MSE A 372 29.32 46.55 31.12
CA MSE A 372 28.83 46.00 32.36
C MSE A 372 29.28 46.77 33.56
O MSE A 372 28.50 47.12 34.42
CB MSE A 372 29.01 44.50 32.44
CG MSE A 372 28.45 43.69 31.25
SE MSE A 372 27.90 41.86 31.61
CE MSE A 372 29.59 41.01 31.37
N ARG A 373 30.53 47.13 33.58
CA ARG A 373 31.04 47.93 34.67
C ARG A 373 30.54 49.37 34.58
N HIS A 374 30.78 50.05 33.48
CA HIS A 374 30.26 51.39 33.48
C HIS A 374 28.88 51.38 34.10
N ILE A 375 28.03 50.59 33.52
CA ILE A 375 26.68 50.58 33.98
C ILE A 375 26.58 50.34 35.45
N GLN A 376 27.03 49.21 35.87
CA GLN A 376 26.98 48.92 37.30
C GLN A 376 27.26 50.14 38.15
N GLU A 377 28.45 50.66 37.95
CA GLU A 377 29.03 51.80 38.64
C GLU A 377 28.26 53.12 38.50
N HIS A 378 27.56 53.32 37.40
CA HIS A 378 26.79 54.53 37.24
C HIS A 378 25.31 54.33 37.49
N TYR A 379 24.95 53.15 37.89
CA TYR A 379 23.58 52.88 38.18
C TYR A 379 23.44 52.75 39.66
N GLY A 380 22.81 53.77 40.19
CA GLY A 380 22.58 53.89 41.60
C GLY A 380 21.52 52.94 42.07
N GLY A 381 21.68 51.69 41.66
CA GLY A 381 20.80 50.61 42.05
C GLY A 381 21.51 49.27 41.89
N THR A 382 20.72 48.20 42.02
CA THR A 382 21.25 46.87 41.83
C THR A 382 20.96 46.46 40.41
N ALA A 383 21.99 46.31 39.62
CA ALA A 383 21.71 45.96 38.26
C ALA A 383 22.01 44.54 37.96
N THR A 384 21.07 43.94 37.21
CA THR A 384 21.23 42.59 36.68
C THR A 384 21.34 42.62 35.18
N PHE A 385 22.30 41.84 34.70
CA PHE A 385 22.73 41.83 33.29
C PHE A 385 22.58 40.47 32.61
N TYR A 386 22.02 40.48 31.42
CA TYR A 386 21.87 39.27 30.66
C TYR A 386 22.43 39.53 29.29
N LEU A 387 23.38 38.69 28.89
CA LEU A 387 23.98 38.78 27.56
C LEU A 387 23.23 37.81 26.65
N SER A 388 22.18 38.33 26.05
CA SER A 388 21.22 37.58 25.30
C SER A 388 21.42 37.38 23.80
N GLN A 389 20.83 36.25 23.41
CA GLN A 389 20.75 35.77 22.04
C GLN A 389 19.35 35.25 21.78
N ALA A 390 18.82 35.54 20.60
CA ALA A 390 17.50 35.10 20.22
C ALA A 390 17.33 33.59 20.34
N ALA A 391 16.29 33.17 21.08
CA ALA A 391 16.05 31.77 21.30
C ALA A 391 14.83 31.25 20.56
N ASP A 392 14.58 29.93 20.71
CA ASP A 392 13.46 29.23 20.09
C ASP A 392 12.21 29.36 20.94
N GLY A 393 11.08 29.09 20.32
CA GLY A 393 9.79 29.19 20.99
C GLY A 393 9.44 28.07 21.96
N ALA A 394 8.13 28.06 22.30
CA ALA A 394 7.56 27.11 23.23
C ALA A 394 7.85 25.71 22.80
N LYS A 395 8.27 24.89 23.72
CA LYS A 395 8.58 23.58 23.27
C LYS A 395 8.55 22.57 24.38
N VAL A 396 8.17 21.39 23.97
CA VAL A 396 8.10 20.25 24.81
C VAL A 396 9.48 19.68 25.04
N LEU A 397 9.71 19.29 26.29
CA LEU A 397 10.96 18.70 26.71
C LEU A 397 10.67 17.28 27.16
N CYS A 398 11.27 16.27 26.51
CA CYS A 398 10.97 14.91 26.92
C CYS A 398 11.84 14.55 28.07
N LEU A 399 11.21 14.09 29.12
CA LEU A 399 12.04 13.66 30.19
C LEU A 399 12.54 12.33 29.68
N ALA B 9 -9.60 9.03 -0.03
CA ALA B 9 -8.65 8.40 0.87
C ALA B 9 -7.23 8.81 0.65
N ALA B 10 -6.71 9.36 1.74
CA ALA B 10 -5.34 9.79 1.80
C ALA B 10 -4.47 8.84 2.61
N LEU B 11 -3.26 8.72 2.11
CA LEU B 11 -2.23 7.98 2.78
C LEU B 11 -2.19 8.66 4.11
N ARG B 12 -2.07 7.88 5.18
CA ARG B 12 -1.93 8.48 6.50
C ARG B 12 -0.45 8.48 6.87
N GLN B 13 0.01 9.66 7.21
CA GLN B 13 1.40 9.92 7.50
C GLN B 13 1.86 9.65 8.95
N PRO B 14 2.82 8.74 9.06
CA PRO B 14 3.30 8.41 10.37
C PRO B 14 3.53 9.68 11.11
N GLN B 15 3.33 9.60 12.42
CA GLN B 15 3.60 10.72 13.28
C GLN B 15 4.97 10.48 13.83
N VAL B 16 5.72 11.49 14.24
CA VAL B 16 7.04 11.15 14.71
C VAL B 16 6.99 9.85 15.49
N ALA B 17 6.17 9.85 16.57
CA ALA B 17 5.99 8.69 17.43
C ALA B 17 6.29 7.38 16.67
N GLU B 18 5.39 7.04 15.73
CA GLU B 18 5.52 5.90 14.82
C GLU B 18 6.88 5.78 14.20
N LEU B 19 7.29 6.84 13.53
CA LEU B 19 8.58 6.86 12.89
C LEU B 19 9.68 6.55 13.91
N LEU B 20 9.63 7.25 15.03
CA LEU B 20 10.59 7.01 16.08
C LEU B 20 10.76 5.52 16.34
N ALA B 21 9.73 5.00 17.00
CA ALA B 21 9.65 3.60 17.36
C ALA B 21 10.27 2.69 16.27
N GLU B 22 9.75 2.80 15.05
CA GLU B 22 10.31 2.06 13.95
C GLU B 22 11.82 2.24 13.97
N ALA B 23 12.25 3.49 14.15
CA ALA B 23 13.68 3.75 14.23
C ALA B 23 14.22 2.93 15.38
N ARG B 24 13.64 3.12 16.57
CA ARG B 24 14.06 2.35 17.75
C ARG B 24 14.35 0.93 17.31
N ARG B 25 13.24 0.28 16.94
CA ARG B 25 13.16 -1.09 16.46
C ARG B 25 14.37 -1.53 15.67
N ALA B 26 14.39 -1.25 14.39
CA ALA B 26 15.53 -1.68 13.59
C ALA B 26 16.88 -1.46 14.26
N PHE B 27 17.01 -0.41 15.10
CA PHE B 27 18.28 -0.10 15.77
C PHE B 27 18.59 -1.10 16.85
N ARG B 28 17.66 -1.18 17.79
CA ARG B 28 17.81 -2.17 18.82
C ARG B 28 18.19 -3.46 18.10
N GLU B 29 17.38 -3.82 17.09
CA GLU B 29 17.64 -4.96 16.21
C GLU B 29 19.10 -4.99 15.75
N GLU B 30 19.39 -4.19 14.75
CA GLU B 30 20.67 -4.09 14.10
C GLU B 30 21.90 -3.82 14.95
N PHE B 31 21.76 -3.24 16.13
CA PHE B 31 22.97 -2.92 16.86
C PHE B 31 23.06 -3.58 18.21
N GLY B 32 22.03 -4.35 18.51
CA GLY B 32 21.89 -5.05 19.77
C GLY B 32 21.63 -4.10 20.95
N ALA B 33 21.33 -2.82 20.67
CA ALA B 33 21.10 -1.91 21.78
C ALA B 33 20.09 -0.78 21.54
N GLU B 34 19.77 -0.10 22.65
CA GLU B 34 18.86 1.06 22.69
C GLU B 34 19.60 2.33 22.37
N PRO B 35 19.02 3.02 21.42
CA PRO B 35 19.53 4.26 20.87
C PRO B 35 19.71 5.36 21.91
N GLU B 36 20.78 6.10 21.70
CA GLU B 36 21.15 7.22 22.54
C GLU B 36 20.55 8.52 22.03
N LEU B 37 20.62 8.69 20.69
CA LEU B 37 20.16 9.91 20.03
C LEU B 37 19.08 9.72 18.95
N ALA B 38 18.22 10.75 18.82
CA ALA B 38 17.14 10.76 17.86
C ALA B 38 16.90 12.17 17.40
N VAL B 39 16.64 12.32 16.11
CA VAL B 39 16.37 13.61 15.48
C VAL B 39 15.62 13.38 14.21
N SER B 40 14.77 14.31 13.87
CA SER B 40 14.03 14.23 12.62
C SER B 40 14.14 15.49 11.74
N ALA B 41 14.05 15.30 10.42
CA ALA B 41 14.11 16.38 9.43
C ALA B 41 13.05 16.16 8.38
N PRO B 42 12.14 17.10 8.24
CA PRO B 42 11.01 17.01 7.34
C PRO B 42 11.37 17.09 5.89
N GLY B 43 10.41 16.70 5.07
CA GLY B 43 10.57 16.85 3.63
C GLY B 43 9.93 18.17 3.21
N ARG B 44 9.68 18.36 1.90
CA ARG B 44 9.06 19.62 1.50
C ARG B 44 8.37 19.69 0.15
N VAL B 45 7.29 20.46 0.16
CA VAL B 45 6.57 20.78 -1.03
C VAL B 45 6.74 22.25 -1.34
N ASN B 46 7.05 22.54 -2.61
CA ASN B 46 7.18 23.93 -3.02
C ASN B 46 5.92 24.35 -3.70
N LEU B 47 5.23 25.30 -3.08
CA LEU B 47 4.01 25.80 -3.61
C LEU B 47 4.23 26.49 -4.92
N ILE B 48 5.41 27.10 -5.05
CA ILE B 48 5.74 27.76 -6.28
C ILE B 48 7.16 28.34 -6.26
N GLY B 49 7.60 28.79 -7.41
CA GLY B 49 8.91 29.35 -7.51
C GLY B 49 9.87 28.26 -7.81
N GLU B 50 9.59 27.58 -8.93
CA GLU B 50 10.37 26.43 -9.34
C GLU B 50 11.53 26.71 -10.20
N HIS B 51 12.60 26.10 -9.79
CA HIS B 51 13.81 26.23 -10.55
C HIS B 51 14.33 27.63 -10.50
N THR B 52 13.94 28.32 -9.45
CA THR B 52 14.34 29.68 -9.27
C THR B 52 15.39 29.87 -8.20
N ASP B 53 15.64 28.84 -7.41
CA ASP B 53 16.63 28.91 -6.34
C ASP B 53 18.09 29.18 -6.77
N TYR B 54 18.60 28.45 -7.77
CA TYR B 54 19.95 28.66 -8.28
C TYR B 54 20.03 29.73 -9.43
N ASN B 55 19.19 30.76 -9.31
CA ASN B 55 19.06 31.91 -10.18
C ASN B 55 18.76 33.14 -9.31
N GLN B 56 18.84 32.88 -7.98
CA GLN B 56 18.59 33.75 -6.85
C GLN B 56 17.24 34.35 -6.85
N GLY B 57 16.30 33.49 -7.10
CA GLY B 57 14.92 33.90 -7.15
C GLY B 57 14.22 33.87 -5.81
N LEU B 58 12.95 33.55 -5.93
CA LEU B 58 12.04 33.44 -4.83
C LEU B 58 11.32 32.11 -4.91
N VAL B 59 11.17 31.47 -3.76
CA VAL B 59 10.41 30.27 -3.71
C VAL B 59 9.35 30.35 -2.64
N LEU B 60 8.36 29.47 -2.69
CA LEU B 60 7.30 29.44 -1.68
C LEU B 60 7.03 28.00 -1.16
N PRO B 61 7.88 27.53 -0.28
CA PRO B 61 7.75 26.21 0.27
C PRO B 61 7.20 26.20 1.64
N MSE B 62 6.82 25.03 1.99
CA MSE B 62 6.33 24.76 3.29
C MSE B 62 6.81 23.38 3.64
O MSE B 62 6.98 22.54 2.76
CB MSE B 62 4.81 24.81 3.23
CG MSE B 62 4.06 23.53 3.37
SE MSE B 62 2.19 23.74 2.93
CE MSE B 62 1.60 21.93 2.77
N ALA B 63 7.13 23.15 4.91
CA ALA B 63 7.62 21.84 5.28
C ALA B 63 6.49 20.87 5.38
N LEU B 64 6.86 19.61 5.22
CA LEU B 64 5.89 18.55 5.31
C LEU B 64 5.93 17.77 6.61
N GLU B 65 4.88 17.03 6.83
CA GLU B 65 4.76 16.16 7.98
C GLU B 65 5.38 14.78 7.69
N LEU B 66 5.97 14.70 6.46
CA LEU B 66 6.75 13.62 5.96
C LEU B 66 8.16 14.06 6.28
N MSE B 67 8.87 13.20 6.96
CA MSE B 67 10.19 13.57 7.36
C MSE B 67 11.01 12.36 7.57
O MSE B 67 10.55 11.23 7.50
CB MSE B 67 10.12 14.12 8.74
CG MSE B 67 9.64 13.01 9.65
SE MSE B 67 9.14 13.59 11.41
CE MSE B 67 7.23 13.38 11.47
N THR B 68 12.21 12.66 7.98
CA THR B 68 13.16 11.65 8.21
C THR B 68 13.55 11.59 9.65
N VAL B 69 13.66 10.38 10.14
CA VAL B 69 14.05 10.16 11.50
C VAL B 69 15.37 9.45 11.56
N LEU B 70 16.14 9.87 12.53
CA LEU B 70 17.44 9.35 12.75
C LEU B 70 17.68 9.12 14.23
N VAL B 71 17.76 7.83 14.56
CA VAL B 71 18.03 7.37 15.91
C VAL B 71 19.35 6.62 15.90
N GLY B 72 20.28 7.12 16.71
CA GLY B 72 21.61 6.54 16.76
C GLY B 72 22.37 6.71 18.08
N SER B 73 23.65 6.41 18.01
CA SER B 73 24.51 6.49 19.18
C SER B 73 25.97 6.62 18.78
N PRO B 74 26.74 7.16 19.71
CA PRO B 74 28.15 7.38 19.48
C PRO B 74 28.95 6.10 19.51
N ARG B 75 30.18 6.22 19.02
CA ARG B 75 31.08 5.09 18.93
C ARG B 75 32.47 5.44 19.35
N LYS B 76 32.79 4.99 20.55
CA LYS B 76 34.14 5.10 21.06
C LYS B 76 35.02 4.36 20.05
N ASP B 77 34.35 3.39 19.41
CA ASP B 77 34.87 2.54 18.36
C ASP B 77 35.67 3.34 17.33
N GLY B 78 35.22 4.58 17.06
CA GLY B 78 35.90 5.48 16.14
C GLY B 78 35.45 5.41 14.69
N LEU B 79 34.36 4.67 14.37
CA LEU B 79 33.92 4.55 12.97
C LEU B 79 32.48 5.03 12.71
N VAL B 80 32.01 4.87 11.44
CA VAL B 80 30.64 5.21 11.05
C VAL B 80 29.91 4.07 10.35
N SER B 81 28.90 3.58 11.03
CA SER B 81 28.11 2.48 10.52
C SER B 81 26.64 2.83 10.56
N LEU B 82 26.01 2.71 9.39
CA LEU B 82 24.62 3.08 9.20
C LEU B 82 23.77 1.97 8.54
N LEU B 83 22.50 2.29 8.35
CA LEU B 83 21.55 1.42 7.71
C LEU B 83 20.28 2.19 7.43
N THR B 84 19.81 2.06 6.21
CA THR B 84 18.57 2.73 5.89
C THR B 84 17.46 1.76 5.86
N THR B 85 16.27 2.25 6.23
CA THR B 85 15.06 1.44 6.23
C THR B 85 14.35 1.49 4.87
N SER B 86 14.66 2.52 4.07
CA SER B 86 13.95 2.69 2.82
C SER B 86 14.30 1.76 1.70
N GLU B 87 13.24 1.19 1.14
CA GLU B 87 13.38 0.24 0.08
C GLU B 87 13.66 0.87 -1.23
N GLY B 88 13.23 2.11 -1.34
CA GLY B 88 13.43 2.81 -2.58
C GLY B 88 14.89 3.21 -2.72
N ALA B 89 15.67 2.74 -1.77
CA ALA B 89 17.07 3.06 -1.73
C ALA B 89 17.97 2.13 -2.51
N ASP B 90 19.19 2.61 -2.50
CA ASP B 90 20.34 2.01 -3.08
C ASP B 90 20.78 0.74 -2.32
N GLU B 91 21.14 -0.28 -3.09
CA GLU B 91 21.65 -1.53 -2.55
C GLU B 91 23.16 -1.40 -2.48
N PRO B 92 23.81 -1.60 -1.33
CA PRO B 92 23.29 -2.08 -0.05
C PRO B 92 22.64 -1.05 0.86
N GLN B 93 21.79 -1.59 1.70
CA GLN B 93 21.06 -0.84 2.71
C GLN B 93 21.90 -0.66 3.97
N ARG B 94 23.08 -1.30 3.98
CA ARG B 94 24.01 -1.21 5.11
C ARG B 94 25.38 -0.69 4.66
N LEU B 95 25.93 0.30 5.39
CA LEU B 95 27.17 0.89 4.93
C LEU B 95 28.12 1.37 6.02
N GLN B 96 29.04 0.49 6.34
CA GLN B 96 30.09 0.77 7.28
C GLN B 96 31.26 1.43 6.54
N PHE B 97 32.07 2.20 7.27
CA PHE B 97 33.25 2.88 6.71
C PHE B 97 34.09 3.65 7.76
N PRO B 98 35.35 4.04 7.44
CA PRO B 98 36.22 4.77 8.39
C PRO B 98 36.12 6.30 8.39
N LEU B 99 35.89 6.89 9.58
CA LEU B 99 35.84 8.34 9.73
C LEU B 99 36.91 9.07 8.89
N PRO B 100 36.61 10.27 8.33
CA PRO B 100 37.59 11.05 7.57
C PRO B 100 38.66 11.62 8.51
N THR B 101 39.81 12.05 7.94
CA THR B 101 40.97 12.56 8.70
C THR B 101 41.75 13.57 7.88
N ALA B 102 42.90 13.98 8.36
CA ALA B 102 43.72 14.84 7.56
C ALA B 102 43.97 14.14 6.23
N GLN B 103 44.64 13.00 6.32
CA GLN B 103 44.96 12.22 5.13
C GLN B 103 43.74 11.57 4.49
N ARG B 104 42.86 11.07 5.35
CA ARG B 104 41.69 10.43 4.83
C ARG B 104 40.55 11.40 4.63
N SER B 105 40.09 11.47 3.38
CA SER B 105 38.97 12.31 2.98
C SER B 105 37.90 11.48 2.27
N LEU B 106 36.69 11.46 2.90
CA LEU B 106 35.57 10.70 2.38
C LEU B 106 35.55 10.70 0.86
N GLU B 107 35.14 9.56 0.26
CA GLU B 107 35.05 9.43 -1.19
C GLU B 107 33.69 8.88 -1.66
N PRO B 108 32.87 9.81 -2.20
CA PRO B 108 31.51 9.52 -2.61
C PRO B 108 31.46 8.43 -3.66
N GLY B 109 31.02 7.25 -3.26
CA GLY B 109 30.98 6.16 -4.21
C GLY B 109 29.65 5.42 -4.28
N THR B 110 29.53 4.38 -3.43
CA THR B 110 28.39 3.47 -3.40
C THR B 110 28.18 2.89 -2.01
N PRO B 111 26.91 2.64 -1.61
CA PRO B 111 25.78 3.03 -2.39
C PRO B 111 25.76 4.54 -2.45
N ARG B 112 25.04 5.05 -3.47
CA ARG B 112 24.89 6.47 -3.73
C ARG B 112 24.13 7.18 -2.62
N TRP B 113 23.26 6.41 -1.99
CA TRP B 113 22.46 6.95 -0.94
C TRP B 113 23.30 7.40 0.25
N ALA B 114 24.48 6.75 0.35
CA ALA B 114 25.46 6.96 1.43
C ALA B 114 26.18 8.28 1.27
N ASN B 115 26.30 8.65 -0.04
CA ASN B 115 26.91 9.85 -0.53
C ASN B 115 26.42 11.07 0.23
N TYR B 116 25.11 11.10 0.42
CA TYR B 116 24.54 12.19 1.15
C TYR B 116 25.16 12.37 2.55
N VAL B 117 25.14 11.28 3.31
CA VAL B 117 25.65 11.34 4.64
C VAL B 117 27.11 11.70 4.71
N LYS B 118 27.90 11.00 3.90
CA LYS B 118 29.30 11.29 3.89
C LYS B 118 29.53 12.81 3.88
N GLY B 119 28.98 13.49 2.86
CA GLY B 119 29.08 14.92 2.70
C GLY B 119 28.83 15.67 4.01
N VAL B 120 27.64 15.49 4.57
CA VAL B 120 27.28 16.12 5.83
C VAL B 120 28.36 15.84 6.87
N ILE B 121 29.06 14.71 6.70
CA ILE B 121 30.14 14.37 7.61
C ILE B 121 31.36 15.21 7.25
N GLN B 122 31.98 14.83 6.14
CA GLN B 122 33.10 15.53 5.51
C GLN B 122 33.09 17.04 5.73
N TYR B 123 31.89 17.62 5.87
CA TYR B 123 31.81 19.06 6.05
C TYR B 123 31.40 19.50 7.46
N TYR B 124 30.76 18.63 8.27
CA TYR B 124 30.42 19.11 9.59
C TYR B 124 31.49 20.12 9.96
N PRO B 125 31.06 21.31 10.36
CA PRO B 125 31.95 22.42 10.67
C PRO B 125 32.79 22.18 11.91
N ALA B 126 32.12 21.60 12.91
CA ALA B 126 32.68 21.35 14.22
C ALA B 126 33.48 20.05 14.37
N ALA B 127 34.15 19.97 15.52
CA ALA B 127 34.97 18.86 15.95
C ALA B 127 35.27 19.04 17.43
N PRO B 128 35.62 17.94 18.05
CA PRO B 128 35.82 16.69 17.33
C PRO B 128 34.60 15.82 17.20
N LEU B 129 34.58 15.06 16.13
CA LEU B 129 33.47 14.20 15.83
C LEU B 129 33.74 12.74 16.12
N PRO B 130 32.95 12.14 17.04
CA PRO B 130 33.07 10.70 17.38
C PRO B 130 32.77 9.76 16.22
N GLY B 131 32.39 8.53 16.56
CA GLY B 131 31.98 7.52 15.59
C GLY B 131 30.47 7.37 15.72
N PHE B 132 29.82 6.50 14.95
CA PHE B 132 28.37 6.36 15.12
C PHE B 132 27.65 5.20 14.46
N SER B 133 26.58 4.90 15.18
CA SER B 133 25.59 3.94 14.83
C SER B 133 24.31 4.74 14.61
N ALA B 134 23.79 4.65 13.40
CA ALA B 134 22.61 5.40 13.11
C ALA B 134 21.69 4.67 12.14
N VAL B 135 20.40 4.68 12.51
CA VAL B 135 19.35 4.13 11.70
C VAL B 135 18.60 5.27 11.07
N VAL B 136 18.34 5.10 9.78
CA VAL B 136 17.65 6.08 8.99
C VAL B 136 16.25 5.66 8.65
N VAL B 137 15.30 6.50 9.02
CA VAL B 137 13.92 6.25 8.70
C VAL B 137 13.31 7.49 8.04
N SER B 138 12.31 7.27 7.14
CA SER B 138 11.65 8.35 6.38
C SER B 138 10.27 8.00 5.80
N SER B 139 9.36 9.01 5.90
CA SER B 139 7.99 8.91 5.37
C SER B 139 7.87 9.72 4.08
N VAL B 140 9.05 10.13 3.63
CA VAL B 140 9.24 10.91 2.44
C VAL B 140 9.72 10.05 1.24
N PRO B 141 9.00 10.14 0.14
CA PRO B 141 9.32 9.40 -1.06
C PRO B 141 10.68 9.73 -1.67
N LEU B 142 11.55 8.74 -1.80
CA LEU B 142 12.87 8.99 -2.42
C LEU B 142 12.65 9.39 -3.85
N GLY B 143 13.02 10.62 -4.20
CA GLY B 143 12.77 11.05 -5.55
C GLY B 143 11.29 11.36 -5.84
N GLY B 144 10.59 11.93 -4.85
CA GLY B 144 9.18 12.26 -5.03
C GLY B 144 8.98 13.76 -5.28
N GLY B 145 10.07 14.47 -5.28
CA GLY B 145 9.94 15.88 -5.53
C GLY B 145 9.58 16.58 -4.27
N LEU B 146 9.72 15.87 -3.15
CA LEU B 146 9.41 16.39 -1.81
C LEU B 146 10.69 16.51 -0.96
N SER B 147 11.81 16.45 -1.64
CA SER B 147 13.10 16.61 -1.01
C SER B 147 13.53 15.53 -0.04
N SER B 148 13.54 14.29 -0.49
CA SER B 148 13.99 13.26 0.40
C SER B 148 15.47 13.41 0.63
N SER B 149 16.06 14.26 -0.16
CA SER B 149 17.49 14.52 -0.12
C SER B 149 17.83 15.55 0.92
N ALA B 150 17.09 16.63 0.95
CA ALA B 150 17.33 17.64 1.93
C ALA B 150 16.79 17.25 3.28
N SER B 151 15.80 16.38 3.28
CA SER B 151 15.26 15.93 4.54
C SER B 151 16.27 15.02 5.27
N LEU B 152 17.09 14.30 4.47
CA LEU B 152 18.14 13.42 4.95
C LEU B 152 19.33 14.24 5.42
N GLU B 153 20.05 14.81 4.48
CA GLU B 153 21.20 15.63 4.82
C GLU B 153 20.97 16.29 6.16
N VAL B 154 19.82 16.95 6.24
CA VAL B 154 19.41 17.70 7.41
C VAL B 154 19.42 16.90 8.65
N ALA B 155 18.74 15.75 8.62
CA ALA B 155 18.68 14.92 9.81
C ALA B 155 20.08 14.52 10.21
N THR B 156 20.83 14.05 9.22
CA THR B 156 22.22 13.72 9.47
C THR B 156 22.79 14.87 10.25
N TYR B 157 23.00 15.94 9.52
CA TYR B 157 23.48 17.10 10.17
C TYR B 157 22.90 17.22 11.59
N THR B 158 21.57 17.20 11.71
CA THR B 158 20.87 17.34 12.99
C THR B 158 21.34 16.35 14.04
N PHE B 159 21.82 15.26 13.50
CA PHE B 159 22.40 14.23 14.31
C PHE B 159 23.76 14.69 14.81
N LEU B 160 24.62 15.06 13.88
CA LEU B 160 25.96 15.40 14.21
C LEU B 160 26.09 16.54 15.19
N GLN B 161 25.10 17.41 15.24
CA GLN B 161 25.20 18.49 16.21
C GLN B 161 24.95 17.93 17.60
N GLN B 162 24.47 16.69 17.64
CA GLN B 162 24.24 16.07 18.93
C GLN B 162 25.54 15.39 19.38
N LEU B 163 26.31 14.95 18.37
CA LEU B 163 27.58 14.25 18.55
C LEU B 163 28.76 15.16 18.76
N CYS B 164 28.60 16.44 18.42
CA CYS B 164 29.64 17.45 18.61
C CYS B 164 29.12 18.84 18.21
N PRO B 165 28.12 19.33 18.96
CA PRO B 165 27.36 20.58 18.73
C PRO B 165 27.94 21.63 17.81
N ASP B 166 27.07 22.38 17.14
CA ASP B 166 27.58 23.46 16.28
C ASP B 166 27.27 24.88 16.75
N SER B 167 28.20 25.78 16.38
CA SER B 167 28.25 27.18 16.79
C SER B 167 27.65 28.18 15.79
N GLY B 168 27.92 27.92 14.50
CA GLY B 168 27.55 28.76 13.35
C GLY B 168 26.07 29.09 13.20
N THR B 169 25.75 29.69 12.04
CA THR B 169 24.38 30.07 11.72
C THR B 169 23.57 28.94 11.11
N ILE B 170 22.26 29.12 11.11
CA ILE B 170 21.39 28.16 10.50
C ILE B 170 21.78 28.03 9.03
N ALA B 171 21.85 29.20 8.40
CA ALA B 171 22.23 29.35 7.02
C ALA B 171 23.55 28.66 6.78
N ALA B 172 24.29 28.50 7.87
CA ALA B 172 25.56 27.83 7.80
C ALA B 172 25.36 26.32 7.63
N ARG B 173 24.45 25.77 8.45
CA ARG B 173 24.14 24.35 8.38
C ARG B 173 23.62 23.97 7.01
N ALA B 174 22.76 24.85 6.50
CA ALA B 174 22.17 24.65 5.18
C ALA B 174 23.26 24.55 4.12
N GLN B 175 24.16 25.51 4.17
CA GLN B 175 25.27 25.56 3.24
C GLN B 175 26.03 24.24 3.26
N VAL B 176 26.18 23.64 4.47
CA VAL B 176 26.85 22.35 4.60
C VAL B 176 26.17 21.30 3.76
N CYS B 177 24.95 20.99 4.19
CA CYS B 177 24.23 20.01 3.49
C CYS B 177 24.29 20.26 2.01
N GLN B 178 24.09 21.52 1.62
CA GLN B 178 24.15 21.84 0.20
C GLN B 178 25.46 21.39 -0.45
N GLN B 179 26.58 21.80 0.16
CA GLN B 179 27.89 21.46 -0.36
C GLN B 179 28.06 19.96 -0.53
N ALA B 180 27.46 19.20 0.41
CA ALA B 180 27.46 17.74 0.40
C ALA B 180 26.75 17.19 -0.82
N GLU B 181 25.50 17.64 -1.05
CA GLU B 181 24.72 17.23 -2.21
C GLU B 181 25.46 17.56 -3.49
N HIS B 182 26.07 18.74 -3.43
CA HIS B 182 26.85 19.37 -4.51
C HIS B 182 28.12 18.62 -4.88
N SER B 183 29.04 18.55 -3.88
CA SER B 183 30.34 17.89 -4.00
C SER B 183 30.29 16.36 -3.98
N PHE B 184 29.35 15.80 -3.15
CA PHE B 184 29.17 14.37 -2.94
C PHE B 184 28.05 13.68 -3.73
N ALA B 185 26.85 14.23 -3.73
CA ALA B 185 25.81 13.54 -4.48
C ALA B 185 25.87 13.86 -5.97
N GLY B 186 26.58 14.91 -6.35
CA GLY B 186 26.67 15.20 -7.77
C GLY B 186 25.46 15.98 -8.25
N MSE B 187 24.81 16.62 -7.29
CA MSE B 187 23.64 17.40 -7.60
C MSE B 187 23.84 18.84 -7.24
O MSE B 187 23.91 19.21 -6.07
CB MSE B 187 22.44 16.83 -6.90
CG MSE B 187 21.49 16.15 -7.82
SE MSE B 187 20.76 17.40 -9.10
CE MSE B 187 20.14 18.71 -7.85
N PRO B 188 23.97 19.64 -8.27
CA PRO B 188 24.18 21.04 -8.12
C PRO B 188 22.88 21.71 -7.70
N CYS B 189 22.56 21.64 -6.44
CA CYS B 189 21.29 22.19 -6.05
C CYS B 189 21.36 23.63 -5.57
N GLY B 190 20.17 24.21 -5.39
CA GLY B 190 20.02 25.55 -4.90
C GLY B 190 19.88 25.52 -3.40
N ILE B 191 19.35 26.59 -2.82
CA ILE B 191 19.25 26.71 -1.39
C ILE B 191 17.93 26.24 -0.76
N MSE B 192 16.86 26.40 -1.50
CA MSE B 192 15.55 26.09 -0.98
C MSE B 192 15.44 24.95 0.00
O MSE B 192 15.15 25.13 1.18
CB MSE B 192 14.63 25.70 -2.07
CG MSE B 192 13.34 25.21 -1.52
SE MSE B 192 11.98 25.31 -2.85
CE MSE B 192 12.90 24.35 -4.24
N ASP B 193 15.54 23.76 -0.59
CA ASP B 193 15.36 22.51 0.11
C ASP B 193 15.81 22.52 1.56
N GLN B 194 17.12 22.67 1.74
CA GLN B 194 17.76 22.67 3.04
C GLN B 194 17.14 23.65 4.05
N PHE B 195 17.04 24.92 3.64
CA PHE B 195 16.48 26.02 4.40
C PHE B 195 15.14 25.71 5.00
N ILE B 196 14.22 25.41 4.13
CA ILE B 196 12.91 25.16 4.60
C ILE B 196 13.02 24.00 5.58
N SER B 197 13.84 23.02 5.20
CA SER B 197 14.04 21.88 6.05
C SER B 197 14.34 22.30 7.47
N LEU B 198 15.29 23.22 7.62
CA LEU B 198 15.60 23.74 8.92
C LEU B 198 14.57 24.78 9.31
N MSE B 199 14.40 25.74 8.43
CA MSE B 199 13.53 26.88 8.66
C MSE B 199 12.08 26.60 8.95
O MSE B 199 11.45 27.43 9.57
CB MSE B 199 13.63 27.95 7.61
CG MSE B 199 15.01 28.52 7.43
SE MSE B 199 15.63 29.48 9.01
CE MSE B 199 14.03 29.63 10.02
N GLY B 200 11.52 25.52 8.44
CA GLY B 200 10.09 25.25 8.57
C GLY B 200 9.51 25.64 9.90
N GLN B 201 8.22 26.02 9.87
CA GLN B 201 7.41 26.38 11.06
C GLN B 201 5.95 25.91 10.92
N LYS B 202 5.42 25.28 11.93
CA LYS B 202 4.08 24.74 11.85
C LYS B 202 3.10 25.74 11.21
N GLY B 203 2.09 25.26 10.46
CA GLY B 203 1.08 26.13 9.82
C GLY B 203 1.55 27.41 9.09
N HIS B 204 2.72 27.37 8.44
CA HIS B 204 3.28 28.52 7.71
C HIS B 204 4.04 28.15 6.46
N ALA B 205 3.78 28.83 5.36
CA ALA B 205 4.60 28.65 4.16
C ALA B 205 5.76 29.61 4.31
N LEU B 206 6.79 29.38 3.54
CA LEU B 206 7.95 30.22 3.69
C LEU B 206 8.37 30.91 2.39
N LEU B 207 8.29 32.24 2.38
CA LEU B 207 8.74 32.99 1.24
C LEU B 207 10.23 33.25 1.39
N ILE B 208 11.05 32.57 0.63
CA ILE B 208 12.46 32.77 0.77
C ILE B 208 13.06 33.49 -0.38
N ASP B 209 13.88 34.48 -0.05
CA ASP B 209 14.64 35.18 -1.06
C ASP B 209 16.00 34.49 -1.17
N CYS B 210 16.23 33.81 -2.25
CA CYS B 210 17.46 33.07 -2.36
C CYS B 210 18.58 33.91 -2.89
N ARG B 211 18.30 35.20 -2.86
CA ARG B 211 19.26 36.22 -3.22
C ARG B 211 19.76 36.75 -1.87
N SER B 212 18.88 37.40 -1.09
CA SER B 212 19.22 37.98 0.22
C SER B 212 19.22 36.96 1.35
N LEU B 213 18.81 35.77 1.00
CA LEU B 213 18.63 34.73 1.95
C LEU B 213 17.59 35.10 2.98
N GLU B 214 16.90 36.20 2.74
CA GLU B 214 15.84 36.68 3.56
C GLU B 214 14.59 35.83 3.37
N THR B 215 13.84 35.65 4.45
CA THR B 215 12.66 34.82 4.42
C THR B 215 11.51 35.40 5.29
N SER B 216 10.27 35.12 4.89
CA SER B 216 9.14 35.62 5.62
C SER B 216 8.07 34.57 5.72
N LEU B 217 7.42 34.53 6.87
CA LEU B 217 6.43 33.53 7.18
C LEU B 217 5.10 33.87 6.64
N VAL B 218 4.54 32.93 5.92
CA VAL B 218 3.20 33.07 5.40
C VAL B 218 2.25 32.06 5.95
N PRO B 219 1.30 32.59 6.71
CA PRO B 219 0.27 31.86 7.38
C PRO B 219 -0.72 31.11 6.52
N LEU B 220 -0.58 29.79 6.62
CA LEU B 220 -1.43 28.81 6.00
C LEU B 220 -2.24 28.18 7.12
N SER B 221 -3.25 28.91 7.57
CA SER B 221 -4.10 28.50 8.68
C SER B 221 -5.59 28.65 8.37
N ASP B 222 -6.05 27.86 7.40
CA ASP B 222 -7.43 27.95 6.98
C ASP B 222 -7.98 26.62 6.55
N PRO B 223 -8.75 26.14 7.49
CA PRO B 223 -9.47 24.89 7.43
C PRO B 223 -10.08 24.63 6.08
N LYS B 224 -10.72 25.64 5.54
CA LYS B 224 -11.37 25.45 4.27
C LYS B 224 -10.38 25.27 3.11
N LEU B 225 -9.12 25.38 3.40
CA LEU B 225 -8.19 25.22 2.33
C LEU B 225 -7.26 24.02 2.53
N ALA B 226 -7.10 23.29 1.45
CA ALA B 226 -6.30 22.10 1.44
C ALA B 226 -5.17 22.13 0.41
N VAL B 227 -4.08 21.44 0.73
CA VAL B 227 -2.94 21.31 -0.14
C VAL B 227 -2.80 19.84 -0.43
N LEU B 228 -3.03 19.50 -1.66
CA LEU B 228 -3.01 18.12 -1.99
C LEU B 228 -1.83 17.81 -2.85
N ILE B 229 -1.02 16.89 -2.34
CA ILE B 229 0.18 16.37 -3.02
C ILE B 229 -0.10 15.02 -3.66
N THR B 230 -0.02 14.96 -5.00
CA THR B 230 -0.26 13.73 -5.74
C THR B 230 0.96 13.08 -6.38
N ASN B 231 1.28 11.85 -5.93
CA ASN B 231 2.43 11.07 -6.36
C ASN B 231 2.18 10.20 -7.57
N SER B 232 2.94 10.51 -8.60
CA SER B 232 2.85 9.82 -9.87
C SER B 232 3.53 8.49 -9.76
N ASN B 233 4.30 8.37 -8.70
CA ASN B 233 5.02 7.17 -8.44
C ASN B 233 5.95 6.81 -9.61
N VAL B 234 6.12 7.76 -10.52
CA VAL B 234 7.01 7.64 -11.66
C VAL B 234 8.29 8.44 -11.48
N ARG B 235 9.40 7.86 -11.98
CA ARG B 235 10.78 8.35 -11.94
C ARG B 235 11.44 8.02 -13.29
N HIS B 236 11.71 9.04 -14.11
CA HIS B 236 12.31 8.85 -15.43
C HIS B 236 13.84 8.85 -15.37
N LEU B 238 15.20 9.47 -13.00
CA LEU B 238 15.88 10.75 -12.93
C LEU B 238 16.53 11.14 -14.25
N ALA B 239 16.06 12.24 -14.84
CA ALA B 239 16.72 12.76 -16.03
C ALA B 239 17.61 13.84 -15.47
N SER B 240 18.01 13.53 -14.21
CA SER B 240 18.91 14.27 -13.35
C SER B 240 20.00 14.92 -14.15
N SER B 241 20.38 14.20 -15.20
CA SER B 241 21.28 14.61 -16.19
C SER B 241 20.89 16.00 -16.71
N GLU B 242 19.59 16.23 -16.86
CA GLU B 242 19.02 17.49 -17.33
C GLU B 242 19.20 18.69 -16.36
N TYR B 243 19.14 18.38 -15.08
CA TYR B 243 19.27 19.40 -14.06
C TYR B 243 20.48 20.30 -14.17
N PRO B 244 21.68 19.75 -14.07
CA PRO B 244 22.87 20.56 -14.13
C PRO B 244 22.89 21.29 -15.42
N VAL B 245 22.26 20.67 -16.41
CA VAL B 245 22.13 21.27 -17.72
C VAL B 245 21.40 22.60 -17.64
N ARG B 246 20.17 22.57 -17.10
CA ARG B 246 19.37 23.78 -16.96
C ARG B 246 20.11 24.85 -16.20
N ARG B 247 20.81 24.45 -15.13
CA ARG B 247 21.56 25.40 -14.33
C ARG B 247 22.48 26.22 -15.21
N ARG B 248 23.13 25.51 -16.12
CA ARG B 248 24.00 26.12 -17.09
C ARG B 248 23.27 27.18 -17.93
N GLN B 249 22.41 26.74 -18.87
CA GLN B 249 21.66 27.68 -19.70
C GLN B 249 21.34 28.92 -18.90
N CYS B 250 20.58 28.76 -17.85
CA CYS B 250 20.31 29.89 -17.00
C CYS B 250 21.52 30.75 -16.80
N GLU B 251 22.55 30.13 -16.31
CA GLU B 251 23.76 30.83 -16.07
C GLU B 251 24.29 31.49 -17.32
N GLU B 252 24.53 30.71 -18.38
CA GLU B 252 24.96 31.35 -19.63
C GLU B 252 24.16 32.65 -19.83
N VAL B 253 22.91 32.49 -20.21
CA VAL B 253 22.11 33.65 -20.40
C VAL B 253 22.60 34.79 -19.55
N ALA B 254 22.32 34.71 -18.24
CA ALA B 254 22.71 35.75 -17.29
C ALA B 254 23.98 36.42 -17.78
N ARG B 255 24.95 35.57 -18.10
CA ARG B 255 26.20 36.04 -18.65
C ARG B 255 25.85 36.95 -19.79
N ALA B 256 25.51 36.39 -20.95
CA ALA B 256 25.12 37.24 -22.06
C ALA B 256 24.61 38.62 -21.58
N LEU B 257 23.75 38.62 -20.61
CA LEU B 257 23.18 39.85 -20.12
C LEU B 257 23.99 40.57 -19.05
N GLY B 258 25.27 40.32 -19.01
CA GLY B 258 26.07 41.00 -18.03
C GLY B 258 25.33 41.15 -16.71
N LYS B 259 24.63 40.05 -16.34
CA LYS B 259 23.90 39.99 -15.08
C LYS B 259 24.35 38.86 -14.19
N GLU B 260 24.54 39.26 -12.95
CA GLU B 260 24.97 38.40 -11.85
C GLU B 260 24.12 37.15 -11.78
N SER B 261 22.82 37.38 -11.78
CA SER B 261 21.90 36.29 -11.73
C SER B 261 20.68 36.67 -12.50
N LEU B 262 19.97 35.64 -13.00
CA LEU B 262 18.69 35.82 -13.69
C LEU B 262 17.74 36.66 -12.83
N ARG B 263 18.05 36.74 -11.53
CA ARG B 263 17.29 37.59 -10.66
C ARG B 263 17.49 39.05 -11.06
N GLU B 264 18.55 39.31 -11.80
CA GLU B 264 18.87 40.67 -12.23
C GLU B 264 18.15 41.11 -13.49
N VAL B 265 17.54 40.15 -14.18
CA VAL B 265 16.81 40.37 -15.41
C VAL B 265 15.30 40.55 -15.25
N GLN B 266 14.71 41.31 -16.16
CA GLN B 266 13.29 41.49 -16.14
C GLN B 266 12.66 40.91 -17.35
N LEU B 267 11.46 40.42 -17.12
CA LEU B 267 10.74 39.84 -18.20
C LEU B 267 10.89 40.73 -19.40
N GLU B 268 10.61 41.99 -19.12
CA GLU B 268 10.64 43.03 -20.11
C GLU B 268 12.00 43.19 -20.75
N GLU B 269 13.06 43.18 -19.94
CA GLU B 269 14.42 43.34 -20.49
C GLU B 269 14.85 42.16 -21.29
N LEU B 270 14.14 41.08 -21.01
CA LEU B 270 14.38 39.84 -21.63
C LEU B 270 14.32 39.86 -23.11
N GLU B 271 13.60 40.81 -23.70
CA GLU B 271 13.54 40.93 -25.18
C GLU B 271 14.92 41.14 -25.78
N ALA B 272 15.57 42.15 -25.25
CA ALA B 272 16.92 42.56 -25.57
C ALA B 272 17.82 41.40 -26.00
N ALA B 273 17.96 40.46 -25.08
CA ALA B 273 18.85 39.33 -25.28
C ALA B 273 18.44 38.37 -26.37
N ARG B 274 17.17 38.39 -26.75
CA ARG B 274 16.69 37.46 -27.75
C ARG B 274 17.72 37.09 -28.81
N ASP B 275 18.43 38.14 -29.26
CA ASP B 275 19.46 38.05 -30.29
C ASP B 275 20.78 37.67 -29.69
N LEU B 276 20.90 38.01 -28.42
CA LEU B 276 22.06 37.73 -27.62
C LEU B 276 22.17 36.26 -27.27
N VAL B 277 21.02 35.59 -27.15
CA VAL B 277 20.99 34.19 -26.73
C VAL B 277 20.25 33.28 -27.65
N SER B 278 20.57 31.99 -27.47
CA SER B 278 19.98 30.89 -28.22
C SER B 278 18.49 30.92 -28.02
N LYS B 279 17.82 30.12 -28.79
CA LYS B 279 16.40 30.09 -28.73
C LYS B 279 15.89 29.37 -27.50
N GLU B 280 16.50 28.23 -27.21
CA GLU B 280 16.12 27.37 -26.11
C GLU B 280 16.39 28.01 -24.79
N GLY B 281 17.58 28.62 -24.77
CA GLY B 281 18.08 29.36 -23.63
C GLY B 281 17.29 30.64 -23.39
N PHE B 282 16.52 31.04 -24.40
CA PHE B 282 15.67 32.20 -24.28
C PHE B 282 14.46 31.77 -23.45
N ARG B 283 13.92 30.58 -23.78
CA ARG B 283 12.80 29.93 -23.09
C ARG B 283 13.05 29.61 -21.62
N ARG B 284 14.25 29.07 -21.33
CA ARG B 284 14.66 28.75 -19.96
C ARG B 284 14.60 29.98 -19.07
N ALA B 285 15.31 31.02 -19.49
CA ALA B 285 15.32 32.26 -18.74
C ALA B 285 13.91 32.79 -18.56
N ARG B 286 13.20 32.86 -19.66
CA ARG B 286 11.84 33.28 -19.66
C ARG B 286 11.08 32.57 -18.60
N HIS B 287 11.32 31.27 -18.46
CA HIS B 287 10.66 30.58 -17.36
C HIS B 287 11.14 31.17 -16.04
N VAL B 288 12.45 31.17 -15.83
CA VAL B 288 12.93 31.67 -14.56
C VAL B 288 12.43 33.04 -14.24
N VAL B 289 12.88 33.96 -15.04
CA VAL B 289 12.51 35.34 -14.89
C VAL B 289 11.01 35.47 -14.59
N GLY B 290 10.19 34.65 -15.29
CA GLY B 290 8.75 34.63 -15.13
C GLY B 290 8.28 34.02 -13.81
N GLU B 291 9.01 32.98 -13.38
CA GLU B 291 8.75 32.22 -12.16
C GLU B 291 8.91 33.08 -10.90
N ILE B 292 9.89 33.99 -10.94
CA ILE B 292 10.19 34.90 -9.83
C ILE B 292 9.12 35.96 -9.59
N ARG B 293 8.60 36.56 -10.66
CA ARG B 293 7.56 37.57 -10.47
C ARG B 293 6.31 36.95 -9.94
N ARG B 294 5.95 35.85 -10.61
CA ARG B 294 4.82 35.01 -10.25
C ARG B 294 4.92 34.60 -8.81
N THR B 295 6.09 34.05 -8.44
CA THR B 295 6.26 33.68 -7.05
C THR B 295 5.93 34.86 -6.15
N ALA B 296 6.50 36.01 -6.49
CA ALA B 296 6.29 37.27 -5.76
C ALA B 296 4.82 37.62 -5.65
N GLN B 297 4.13 37.56 -6.79
CA GLN B 297 2.70 37.83 -6.85
C GLN B 297 1.83 36.86 -6.04
N ALA B 298 2.11 35.57 -6.20
CA ALA B 298 1.37 34.53 -5.49
C ALA B 298 1.46 34.68 -4.02
N ALA B 299 2.64 35.04 -3.52
CA ALA B 299 2.80 35.20 -2.07
C ALA B 299 1.86 36.25 -1.54
N ALA B 300 1.78 37.34 -2.28
CA ALA B 300 0.89 38.42 -1.96
C ALA B 300 -0.52 37.88 -2.02
N ALA B 301 -0.82 37.22 -3.13
CA ALA B 301 -2.13 36.64 -3.33
C ALA B 301 -2.58 35.85 -2.14
N LEU B 302 -1.62 35.06 -1.67
CA LEU B 302 -1.82 34.14 -0.57
C LEU B 302 -2.09 34.86 0.72
N ARG B 303 -1.16 35.78 0.99
CA ARG B 303 -1.20 36.62 2.16
C ARG B 303 -2.57 37.22 2.24
N ARG B 304 -2.87 37.82 1.13
CA ARG B 304 -4.09 38.47 0.79
C ARG B 304 -5.27 37.53 0.92
N GLY B 305 -5.02 36.23 0.74
CA GLY B 305 -6.09 35.27 0.77
C GLY B 305 -6.75 35.09 -0.60
N ASP B 306 -6.04 35.47 -1.65
CA ASP B 306 -6.66 35.23 -2.93
C ASP B 306 -6.22 33.89 -3.44
N TYR B 307 -6.97 32.91 -3.05
CA TYR B 307 -6.64 31.54 -3.40
C TYR B 307 -6.80 31.31 -4.87
N ARG B 308 -7.78 32.00 -5.37
CA ARG B 308 -8.17 31.92 -6.72
C ARG B 308 -7.04 32.36 -7.61
N ALA B 309 -6.55 33.58 -7.39
CA ALA B 309 -5.40 34.12 -8.13
C ALA B 309 -4.19 33.22 -7.94
N PHE B 310 -3.97 32.85 -6.67
CA PHE B 310 -2.91 31.94 -6.28
C PHE B 310 -2.81 30.74 -7.25
N GLY B 311 -3.93 30.07 -7.40
CA GLY B 311 -4.01 28.93 -8.29
C GLY B 311 -3.76 29.28 -9.75
N ARG B 312 -4.24 30.43 -10.13
CA ARG B 312 -4.02 30.90 -11.48
C ARG B 312 -2.52 30.98 -11.71
N LEU B 313 -1.83 31.50 -10.72
CA LEU B 313 -0.40 31.59 -10.87
C LEU B 313 0.24 30.21 -10.93
N MSE B 314 -0.26 29.25 -10.11
CA MSE B 314 0.29 27.87 -10.09
C MSE B 314 0.17 27.16 -11.42
O MSE B 314 1.02 26.39 -11.79
CB MSE B 314 -0.36 26.99 -9.05
CG MSE B 314 -0.33 27.45 -7.62
SE MSE B 314 -1.44 26.30 -6.53
CE MSE B 314 -0.43 24.71 -6.85
N VAL B 315 -0.92 27.40 -12.10
CA VAL B 315 -1.17 26.83 -13.40
C VAL B 315 -0.21 27.42 -14.43
N GLU B 316 0.00 28.72 -14.37
CA GLU B 316 0.90 29.36 -15.28
C GLU B 316 2.30 28.81 -15.08
N SER B 317 2.64 28.61 -13.82
CA SER B 317 3.93 28.10 -13.45
C SER B 317 4.12 26.78 -14.17
N HIS B 318 3.13 25.92 -14.03
CA HIS B 318 3.20 24.61 -14.65
C HIS B 318 3.43 24.70 -16.15
N ARG B 319 2.56 25.44 -16.84
CA ARG B 319 2.79 25.58 -18.27
C ARG B 319 4.21 26.01 -18.56
N SER B 320 4.61 27.03 -17.84
CA SER B 320 5.92 27.55 -17.95
C SER B 320 6.88 26.41 -17.79
N LEU B 321 6.63 25.63 -16.73
CA LEU B 321 7.49 24.49 -16.36
C LEU B 321 7.50 23.36 -17.38
N ARG B 322 6.35 23.21 -18.03
CA ARG B 322 6.17 22.19 -19.03
C ARG B 322 6.59 22.61 -20.41
N ASP B 323 6.38 23.88 -20.75
CA ASP B 323 6.66 24.35 -22.09
C ASP B 323 7.98 25.09 -22.23
N ASP B 324 8.33 25.98 -21.30
CA ASP B 324 9.59 26.73 -21.44
C ASP B 324 10.85 26.03 -20.89
N TYR B 325 10.76 25.52 -19.64
CA TYR B 325 11.84 24.82 -18.93
C TYR B 325 12.00 23.35 -19.29
N GLU B 326 10.90 22.71 -19.67
CA GLU B 326 10.89 21.31 -20.07
C GLU B 326 11.38 20.37 -18.99
N VAL B 327 10.71 20.49 -17.85
CA VAL B 327 11.01 19.66 -16.72
C VAL B 327 9.82 18.87 -16.25
N SER B 328 8.71 19.03 -16.96
CA SER B 328 7.56 18.22 -16.66
C SER B 328 7.72 16.80 -17.13
N CYS B 329 6.60 16.14 -17.19
CA CYS B 329 6.50 14.79 -17.68
C CYS B 329 5.05 14.51 -17.93
N PRO B 330 4.82 13.59 -18.83
CA PRO B 330 3.48 13.23 -19.25
C PRO B 330 2.55 12.92 -18.05
N GLU B 331 3.07 12.12 -17.18
CA GLU B 331 2.37 11.72 -16.01
C GLU B 331 2.05 12.92 -15.14
N LEU B 332 2.96 13.88 -15.15
CA LEU B 332 2.82 15.10 -14.40
C LEU B 332 1.72 15.97 -15.01
N ASP B 333 1.79 16.14 -16.34
CA ASP B 333 0.79 16.92 -17.08
C ASP B 333 -0.60 16.27 -17.05
N GLN B 334 -0.59 14.93 -17.00
CA GLN B 334 -1.81 14.17 -16.90
C GLN B 334 -2.51 14.44 -15.59
N LEU B 335 -1.75 14.34 -14.50
CA LEU B 335 -2.22 14.57 -13.16
C LEU B 335 -2.77 16.00 -12.94
N VAL B 336 -2.06 17.02 -13.49
CA VAL B 336 -2.42 18.46 -13.35
C VAL B 336 -3.72 18.77 -14.07
N GLU B 337 -3.74 18.33 -15.33
CA GLU B 337 -4.89 18.46 -16.18
C GLU B 337 -6.15 17.89 -15.50
N ALA B 338 -6.00 16.66 -14.95
CA ALA B 338 -7.01 15.93 -14.17
C ALA B 338 -7.52 16.72 -12.99
N ALA B 339 -6.56 17.32 -12.24
CA ALA B 339 -6.83 18.18 -11.08
C ALA B 339 -7.58 19.45 -11.47
N LEU B 340 -7.05 20.15 -12.44
CA LEU B 340 -7.67 21.39 -12.89
C LEU B 340 -9.17 21.31 -13.20
N ALA B 341 -9.58 20.11 -13.58
CA ALA B 341 -10.95 19.77 -13.93
C ALA B 341 -11.87 19.57 -12.71
N VAL B 342 -11.32 19.45 -11.53
CA VAL B 342 -12.16 19.28 -10.38
C VAL B 342 -12.51 20.63 -9.77
N PRO B 343 -13.80 20.91 -9.69
CA PRO B 343 -14.29 22.16 -9.13
C PRO B 343 -13.96 22.24 -7.67
N GLY B 344 -13.41 23.34 -7.25
CA GLY B 344 -13.00 23.48 -5.88
C GLY B 344 -11.51 23.59 -5.88
N VAL B 345 -10.94 23.06 -6.96
CA VAL B 345 -9.52 23.14 -7.18
C VAL B 345 -9.18 24.53 -7.63
N TYR B 346 -8.20 25.15 -7.01
CA TYR B 346 -7.80 26.49 -7.38
C TYR B 346 -6.66 26.42 -8.39
N GLY B 347 -5.77 25.45 -8.19
CA GLY B 347 -4.62 25.29 -9.08
C GLY B 347 -3.83 24.05 -8.74
N SER B 348 -3.00 23.64 -9.71
CA SER B 348 -2.23 22.43 -9.59
C SER B 348 -1.02 22.60 -10.42
N ARG B 349 0.06 21.93 -10.04
CA ARG B 349 1.24 22.02 -10.86
C ARG B 349 2.32 21.08 -10.36
N MSE B 350 3.25 20.75 -11.22
CA MSE B 350 4.30 19.90 -10.75
C MSE B 350 5.11 20.58 -9.68
O MSE B 350 5.12 21.79 -9.55
CB MSE B 350 5.19 19.47 -11.88
CG MSE B 350 5.86 20.59 -12.60
SE MSE B 350 7.58 20.11 -13.36
CE MSE B 350 8.65 20.13 -11.77
N THR B 351 5.73 19.77 -8.85
CA THR B 351 6.58 20.31 -7.84
C THR B 351 7.92 19.59 -7.89
N GLY B 352 8.91 20.14 -7.17
CA GLY B 352 10.24 19.56 -7.10
C GLY B 352 11.00 19.77 -8.36
N GLY B 353 12.05 18.99 -8.51
CA GLY B 353 12.88 19.13 -9.72
C GLY B 353 12.20 18.87 -11.07
N GLY B 354 11.15 18.03 -11.10
CA GLY B 354 10.42 17.69 -12.34
C GLY B 354 10.78 16.29 -12.86
N PHE B 355 10.40 15.99 -14.12
CA PHE B 355 10.75 14.69 -14.72
C PHE B 355 10.18 13.50 -13.94
N GLY B 356 9.11 13.75 -13.21
CA GLY B 356 8.44 12.75 -12.41
C GLY B 356 8.04 13.29 -11.05
N GLY B 357 7.88 12.37 -10.12
CA GLY B 357 7.60 12.71 -8.76
C GLY B 357 6.17 13.15 -8.54
N CYS B 358 6.02 14.30 -7.86
CA CYS B 358 4.75 14.85 -7.40
C CYS B 358 4.21 16.15 -8.01
N THR B 359 2.89 16.35 -7.78
CA THR B 359 2.12 17.54 -8.11
C THR B 359 1.53 18.12 -6.85
N VAL B 360 1.48 19.42 -6.78
CA VAL B 360 0.87 20.02 -5.65
C VAL B 360 -0.36 20.78 -6.09
N THR B 361 -1.44 20.55 -5.35
CA THR B 361 -2.72 21.13 -5.68
C THR B 361 -3.27 21.91 -4.52
N LEU B 362 -3.88 23.01 -4.87
CA LEU B 362 -4.54 23.85 -3.90
C LEU B 362 -6.00 23.85 -4.24
N LEU B 363 -6.80 23.58 -3.22
CA LEU B 363 -8.21 23.55 -3.44
C LEU B 363 -8.99 23.76 -2.19
N GLU B 364 -10.28 23.56 -2.31
CA GLU B 364 -11.15 23.65 -1.17
C GLU B 364 -11.20 22.30 -0.49
N ALA B 365 -10.88 22.28 0.80
CA ALA B 365 -10.85 21.05 1.60
C ALA B 365 -12.05 20.14 1.43
N SER B 366 -13.15 20.74 0.99
CA SER B 366 -14.39 20.02 0.77
C SER B 366 -14.25 19.12 -0.43
N ALA B 367 -13.46 19.62 -1.40
CA ALA B 367 -13.21 18.98 -2.72
C ALA B 367 -12.22 17.82 -2.74
N ALA B 368 -11.33 17.78 -1.74
CA ALA B 368 -10.28 16.76 -1.66
C ALA B 368 -10.65 15.38 -2.09
N PRO B 369 -11.74 14.89 -1.54
CA PRO B 369 -12.18 13.57 -1.89
C PRO B 369 -12.55 13.41 -3.35
N HIS B 370 -13.42 14.30 -3.90
CA HIS B 370 -13.81 14.12 -5.31
C HIS B 370 -12.56 14.06 -6.13
N ALA B 371 -11.71 15.05 -5.83
CA ALA B 371 -10.48 15.23 -6.55
C ALA B 371 -9.74 13.94 -6.60
N MSE B 372 -9.35 13.49 -5.40
CA MSE B 372 -8.62 12.26 -5.30
C MSE B 372 -9.22 11.23 -6.21
O MSE B 372 -8.51 10.66 -7.05
CB MSE B 372 -8.52 11.84 -3.88
CG MSE B 372 -7.87 12.89 -3.05
SE MSE B 372 -7.34 12.30 -1.28
CE MSE B 372 -8.84 13.02 -0.36
N ARG B 373 -10.53 11.03 -6.11
CA ARG B 373 -11.19 10.09 -7.00
C ARG B 373 -10.92 10.45 -8.43
N HIS B 374 -11.35 11.66 -8.76
CA HIS B 374 -11.22 12.19 -10.09
C HIS B 374 -9.85 11.99 -10.69
N ILE B 375 -8.79 12.34 -9.94
CA ILE B 375 -7.41 12.19 -10.43
C ILE B 375 -7.03 10.74 -10.70
N GLN B 376 -7.53 9.86 -9.82
CA GLN B 376 -7.23 8.46 -9.92
C GLN B 376 -7.86 7.87 -11.16
N GLU B 377 -9.11 8.25 -11.35
CA GLU B 377 -9.87 7.80 -12.48
C GLU B 377 -9.15 8.04 -13.76
N HIS B 378 -8.73 9.30 -13.89
CA HIS B 378 -8.09 9.80 -15.10
C HIS B 378 -6.61 9.58 -15.18
N TYR B 379 -6.08 8.97 -14.13
CA TYR B 379 -4.68 8.67 -14.11
C TYR B 379 -4.37 7.26 -14.58
N GLY B 380 -3.65 7.22 -15.69
CA GLY B 380 -3.22 5.99 -16.35
C GLY B 380 -1.98 5.42 -15.71
N GLY B 381 -1.99 5.48 -14.38
CA GLY B 381 -0.92 5.00 -13.54
C GLY B 381 -1.46 4.94 -12.12
N THR B 382 -0.58 4.69 -11.15
CA THR B 382 -1.01 4.61 -9.74
C THR B 382 -0.53 5.78 -8.86
N ALA B 383 -1.45 6.68 -8.62
CA ALA B 383 -1.11 7.85 -7.86
C ALA B 383 -1.19 7.57 -6.40
N THR B 384 -0.32 8.23 -5.67
CA THR B 384 -0.37 8.17 -4.24
C THR B 384 -0.75 9.57 -3.82
N PHE B 385 -1.57 9.71 -2.80
CA PHE B 385 -1.98 11.06 -2.40
C PHE B 385 -1.42 11.43 -1.01
N TYR B 386 -1.28 12.74 -0.76
CA TYR B 386 -0.90 13.26 0.55
C TYR B 386 -1.65 14.55 0.78
N LEU B 387 -2.27 14.68 1.93
CA LEU B 387 -3.04 15.86 2.31
C LEU B 387 -2.21 16.65 3.32
N SER B 388 -1.36 17.49 2.76
CA SER B 388 -0.37 18.23 3.51
C SER B 388 -0.82 19.36 4.41
N GLN B 389 -0.12 19.43 5.54
CA GLN B 389 -0.31 20.46 6.54
C GLN B 389 1.03 21.04 6.83
N ALA B 390 1.08 22.35 6.85
CA ALA B 390 2.34 22.98 7.14
C ALA B 390 2.93 22.54 8.49
N ALA B 391 4.11 21.93 8.39
CA ALA B 391 4.86 21.45 9.53
C ALA B 391 6.05 22.33 9.89
N ASP B 392 6.78 21.85 10.91
CA ASP B 392 7.95 22.48 11.50
C ASP B 392 9.27 21.95 10.92
N GLY B 393 10.36 22.61 11.24
CA GLY B 393 11.62 22.18 10.70
C GLY B 393 12.24 21.07 11.54
N ALA B 394 13.56 20.95 11.42
CA ALA B 394 14.32 19.95 12.13
C ALA B 394 14.22 20.12 13.63
N LYS B 395 14.09 19.01 14.30
CA LYS B 395 13.97 19.01 15.75
C LYS B 395 14.84 17.92 16.40
N VAL B 396 15.08 18.07 17.68
CA VAL B 396 15.83 17.06 18.33
C VAL B 396 14.81 16.24 19.06
N LEU B 397 14.94 14.94 18.91
CA LEU B 397 14.00 13.98 19.46
C LEU B 397 14.43 13.41 20.79
N CYS B 398 13.61 13.57 21.80
CA CYS B 398 14.05 13.00 23.03
C CYS B 398 13.46 11.67 23.36
N LEU B 399 14.40 10.76 23.58
CA LEU B 399 14.06 9.41 23.93
C LEU B 399 13.76 9.35 25.41
N HIS C 8 -15.95 -58.46 -32.74
CA HIS C 8 -14.95 -58.26 -31.69
C HIS C 8 -15.48 -57.69 -30.38
N ALA C 9 -14.66 -57.84 -29.37
CA ALA C 9 -14.93 -57.29 -28.10
C ALA C 9 -13.89 -56.19 -27.93
N ALA C 10 -13.96 -55.46 -26.84
CA ALA C 10 -12.97 -54.44 -26.59
C ALA C 10 -12.07 -54.88 -25.43
N LEU C 11 -10.85 -54.36 -25.37
CA LEU C 11 -10.01 -54.74 -24.25
C LEU C 11 -10.69 -54.22 -22.98
N ARG C 12 -10.53 -54.95 -21.86
CA ARG C 12 -11.03 -54.51 -20.55
C ARG C 12 -9.91 -53.72 -19.85
N GLN C 13 -10.26 -52.54 -19.35
CA GLN C 13 -9.31 -51.64 -18.72
C GLN C 13 -9.24 -51.87 -17.21
N PRO C 14 -8.05 -52.36 -16.79
CA PRO C 14 -7.75 -52.70 -15.41
C PRO C 14 -8.01 -51.55 -14.50
N GLN C 15 -8.90 -51.75 -13.55
CA GLN C 15 -9.10 -50.64 -12.68
C GLN C 15 -7.90 -50.32 -11.78
N VAL C 16 -7.80 -49.05 -11.38
CA VAL C 16 -6.73 -48.57 -10.50
C VAL C 16 -6.32 -49.67 -9.59
N ALA C 17 -7.39 -50.13 -8.98
CA ALA C 17 -7.35 -51.21 -8.05
C ALA C 17 -6.34 -52.22 -8.54
N GLU C 18 -6.80 -53.01 -9.51
CA GLU C 18 -6.02 -54.07 -10.10
C GLU C 18 -4.63 -53.60 -10.42
N LEU C 19 -4.55 -52.38 -10.95
CA LEU C 19 -3.29 -51.79 -11.37
C LEU C 19 -2.39 -51.60 -10.15
N LEU C 20 -3.05 -51.35 -9.02
CA LEU C 20 -2.38 -51.13 -7.74
C LEU C 20 -1.74 -52.40 -7.19
N ALA C 21 -2.55 -53.44 -7.10
CA ALA C 21 -2.06 -54.70 -6.64
C ALA C 21 -0.75 -54.98 -7.35
N GLU C 22 -0.85 -55.18 -8.66
CA GLU C 22 0.33 -55.41 -9.48
C GLU C 22 1.55 -54.60 -9.02
N ALA C 23 1.40 -53.28 -8.96
CA ALA C 23 2.49 -52.43 -8.54
C ALA C 23 3.04 -52.79 -7.16
N ARG C 24 2.09 -53.18 -6.26
CA ARG C 24 2.29 -53.58 -4.87
C ARG C 24 3.17 -54.82 -4.79
N ARG C 25 2.71 -55.87 -5.49
CA ARG C 25 3.39 -57.13 -5.61
C ARG C 25 4.77 -56.89 -6.15
N ALA C 26 4.82 -56.58 -7.42
CA ALA C 26 6.08 -56.27 -8.08
C ALA C 26 7.06 -55.71 -7.08
N PHE C 27 6.59 -54.66 -6.43
CA PHE C 27 7.36 -53.98 -5.42
C PHE C 27 7.76 -54.86 -4.26
N ARG C 28 6.76 -55.59 -3.72
CA ARG C 28 7.02 -56.57 -2.67
C ARG C 28 8.15 -57.40 -3.23
N GLU C 29 7.84 -58.05 -4.35
CA GLU C 29 8.77 -58.82 -5.13
C GLU C 29 10.16 -58.19 -5.21
N GLU C 30 10.26 -57.14 -6.02
CA GLU C 30 11.54 -56.46 -6.28
C GLU C 30 12.28 -55.96 -5.06
N PHE C 31 11.59 -55.17 -4.26
CA PHE C 31 12.24 -54.55 -3.13
C PHE C 31 12.17 -55.34 -1.83
N GLY C 32 11.28 -56.35 -1.78
CA GLY C 32 11.13 -57.18 -0.58
C GLY C 32 10.12 -56.60 0.41
N ALA C 33 9.97 -55.28 0.25
CA ALA C 33 9.10 -54.40 1.02
C ALA C 33 7.67 -54.23 0.47
N GLU C 34 6.89 -53.59 1.33
CA GLU C 34 5.58 -53.08 1.04
C GLU C 34 5.85 -51.60 0.72
N PRO C 35 5.43 -51.14 -0.48
CA PRO C 35 5.70 -49.78 -0.91
C PRO C 35 4.95 -48.78 -0.03
N GLU C 36 5.59 -47.63 0.27
CA GLU C 36 5.00 -46.60 1.13
C GLU C 36 4.05 -45.66 0.35
N LEU C 37 4.51 -45.22 -0.83
CA LEU C 37 3.75 -44.28 -1.64
C LEU C 37 3.13 -44.85 -2.93
N ALA C 38 2.20 -44.06 -3.53
CA ALA C 38 1.49 -44.40 -4.76
C ALA C 38 0.78 -43.21 -5.43
N VAL C 39 1.03 -43.06 -6.75
CA VAL C 39 0.42 -42.05 -7.65
C VAL C 39 -0.01 -42.63 -9.00
N SER C 40 -1.02 -41.99 -9.59
CA SER C 40 -1.59 -42.47 -10.83
C SER C 40 -1.79 -41.32 -11.79
N ALA C 41 -1.45 -41.57 -13.07
CA ALA C 41 -1.56 -40.58 -14.15
C ALA C 41 -2.01 -41.23 -15.47
N PRO C 42 -3.11 -40.69 -16.06
CA PRO C 42 -3.72 -41.29 -17.22
C PRO C 42 -3.02 -40.89 -18.46
N GLY C 43 -3.32 -41.65 -19.52
CA GLY C 43 -2.85 -41.36 -20.86
C GLY C 43 -3.96 -40.50 -21.49
N ARG C 44 -4.07 -40.44 -22.82
CA ARG C 44 -5.13 -39.60 -23.35
C ARG C 44 -5.38 -39.78 -24.83
N VAL C 45 -6.58 -39.44 -25.22
CA VAL C 45 -6.88 -39.41 -26.62
C VAL C 45 -7.28 -38.02 -27.08
N ASN C 46 -6.79 -37.63 -28.25
CA ASN C 46 -7.14 -36.34 -28.79
C ASN C 46 -8.34 -36.55 -29.69
N LEU C 47 -9.44 -35.92 -29.35
CA LEU C 47 -10.54 -36.11 -30.23
C LEU C 47 -10.33 -35.32 -31.49
N ILE C 48 -9.63 -34.22 -31.37
CA ILE C 48 -9.33 -33.38 -32.51
C ILE C 48 -8.35 -32.29 -32.14
N GLY C 49 -7.61 -31.83 -33.14
CA GLY C 49 -6.61 -30.80 -32.93
C GLY C 49 -5.23 -31.41 -32.97
N GLU C 50 -4.96 -32.03 -34.11
CA GLU C 50 -3.68 -32.73 -34.24
C GLU C 50 -2.54 -31.89 -34.81
N HIS C 51 -1.40 -31.95 -34.10
CA HIS C 51 -0.20 -31.22 -34.45
C HIS C 51 -0.40 -29.76 -34.41
N THR C 52 -1.26 -29.29 -33.50
CA THR C 52 -1.52 -27.87 -33.44
C THR C 52 -0.95 -27.31 -32.14
N ASP C 53 -0.66 -28.19 -31.20
CA ASP C 53 -0.20 -27.74 -29.90
C ASP C 53 1.09 -27.00 -29.92
N TYR C 54 2.00 -27.42 -30.76
CA TYR C 54 3.26 -26.70 -30.85
C TYR C 54 3.22 -25.52 -31.81
N ASN C 55 2.04 -25.28 -32.45
CA ASN C 55 1.78 -24.15 -33.38
C ASN C 55 0.88 -23.11 -32.82
N GLN C 56 0.68 -23.26 -31.50
CA GLN C 56 -0.12 -22.46 -30.56
C GLN C 56 -1.57 -22.50 -30.82
N GLY C 57 -2.08 -23.69 -31.09
CA GLY C 57 -3.45 -23.80 -31.44
C GLY C 57 -4.26 -24.35 -30.31
N LEU C 58 -5.38 -24.98 -30.72
CA LEU C 58 -6.39 -25.60 -29.86
C LEU C 58 -6.41 -27.11 -30.06
N VAL C 59 -6.55 -27.83 -28.96
CA VAL C 59 -6.60 -29.27 -28.97
C VAL C 59 -7.78 -29.72 -28.16
N LEU C 60 -8.25 -30.93 -28.43
CA LEU C 60 -9.41 -31.42 -27.74
C LEU C 60 -9.31 -32.85 -27.24
N PRO C 61 -8.39 -33.13 -26.34
CA PRO C 61 -8.30 -34.47 -25.81
C PRO C 61 -9.19 -34.71 -24.60
N MSE C 62 -9.06 -35.93 -24.14
CA MSE C 62 -9.71 -36.33 -22.95
C MSE C 62 -8.84 -37.37 -22.29
O MSE C 62 -8.00 -38.04 -22.96
CB MSE C 62 -11.08 -36.85 -23.30
CG MSE C 62 -11.19 -38.33 -23.59
SE MSE C 62 -12.97 -38.93 -24.10
CE MSE C 62 -12.54 -40.77 -24.38
N ALA C 63 -8.97 -37.43 -20.94
CA ALA C 63 -8.16 -38.36 -20.15
C ALA C 63 -8.68 -39.78 -20.19
N LEU C 64 -7.74 -40.72 -20.36
CA LEU C 64 -8.07 -42.09 -20.59
C LEU C 64 -8.04 -42.88 -19.35
N GLU C 65 -8.80 -43.99 -19.34
CA GLU C 65 -8.80 -44.89 -18.18
C GLU C 65 -7.47 -45.64 -18.20
N LEU C 66 -6.93 -45.80 -19.39
CA LEU C 66 -5.62 -46.37 -19.53
C LEU C 66 -4.62 -45.54 -18.74
N MSE C 67 -3.77 -46.12 -17.94
CA MSE C 67 -2.93 -45.25 -17.17
C MSE C 67 -1.66 -45.90 -16.66
O MSE C 67 -1.49 -47.10 -16.75
CB MSE C 67 -3.71 -44.82 -15.94
CG MSE C 67 -3.62 -45.76 -14.77
SE MSE C 67 -4.87 -45.43 -13.33
CE MSE C 67 -6.42 -46.29 -14.04
N THR C 68 -0.81 -45.04 -16.08
CA THR C 68 0.46 -45.43 -15.44
C THR C 68 0.36 -45.31 -13.93
N VAL C 69 0.61 -46.40 -13.22
CA VAL C 69 0.64 -46.38 -11.77
C VAL C 69 2.08 -46.41 -11.24
N LEU C 70 2.33 -45.66 -10.18
CA LEU C 70 3.69 -45.61 -9.68
C LEU C 70 3.80 -45.78 -8.18
N VAL C 71 3.93 -47.03 -7.76
CA VAL C 71 4.13 -47.37 -6.36
C VAL C 71 5.62 -47.29 -5.99
N GLY C 72 5.89 -46.76 -4.79
CA GLY C 72 7.25 -46.56 -4.35
C GLY C 72 7.41 -46.12 -2.89
N SER C 73 8.71 -45.87 -2.54
CA SER C 73 9.18 -45.52 -1.21
C SER C 73 10.52 -44.74 -1.28
N PRO C 74 10.67 -43.78 -0.34
CA PRO C 74 11.80 -42.87 -0.27
C PRO C 74 13.04 -43.64 0.16
N ARG C 75 14.23 -43.09 -0.12
CA ARG C 75 15.46 -43.79 0.25
C ARG C 75 16.52 -42.98 0.98
N LYS C 76 16.84 -43.49 2.19
CA LYS C 76 17.91 -42.94 3.03
C LYS C 76 19.25 -43.21 2.36
N ASP C 77 19.25 -44.34 1.59
CA ASP C 77 20.34 -44.87 0.76
C ASP C 77 20.87 -43.71 -0.09
N GLY C 78 19.91 -42.95 -0.62
CA GLY C 78 20.19 -41.76 -1.40
C GLY C 78 20.07 -41.91 -2.92
N LEU C 79 19.82 -43.12 -3.43
CA LEU C 79 19.74 -43.26 -4.90
C LEU C 79 18.33 -43.50 -5.49
N VAL C 80 18.35 -43.67 -6.80
CA VAL C 80 17.14 -43.91 -7.53
C VAL C 80 17.25 -45.16 -8.34
N SER C 81 16.39 -46.09 -8.00
CA SER C 81 16.29 -47.33 -8.72
C SER C 81 14.84 -47.53 -9.13
N LEU C 82 14.61 -47.85 -10.40
CA LEU C 82 13.23 -48.04 -10.83
C LEU C 82 13.06 -49.30 -11.62
N LEU C 83 11.84 -49.81 -11.60
CA LEU C 83 11.55 -50.98 -12.36
C LEU C 83 10.26 -50.84 -13.13
N THR C 84 10.34 -51.11 -14.42
CA THR C 84 9.16 -51.03 -15.21
C THR C 84 8.64 -52.39 -15.50
N THR C 85 7.33 -52.49 -15.47
CA THR C 85 6.59 -53.71 -15.73
C THR C 85 6.18 -53.79 -17.20
N SER C 86 6.64 -52.82 -18.02
CA SER C 86 6.33 -52.78 -19.46
C SER C 86 7.25 -53.61 -20.34
N GLU C 87 6.62 -54.57 -21.02
CA GLU C 87 7.31 -55.52 -21.87
C GLU C 87 7.83 -54.86 -23.10
N GLY C 88 7.09 -53.86 -23.54
CA GLY C 88 7.46 -53.16 -24.74
C GLY C 88 8.56 -52.14 -24.45
N ALA C 89 8.67 -51.77 -23.20
CA ALA C 89 9.71 -50.82 -22.89
C ALA C 89 11.07 -51.38 -23.15
N ASP C 90 11.95 -50.49 -23.59
CA ASP C 90 13.35 -50.72 -23.84
C ASP C 90 13.96 -51.80 -22.95
N GLU C 91 15.19 -52.18 -23.27
CA GLU C 91 15.91 -53.16 -22.49
C GLU C 91 17.12 -52.48 -21.87
N PRO C 92 17.44 -52.72 -20.59
CA PRO C 92 16.73 -53.58 -19.66
C PRO C 92 15.30 -53.14 -19.36
N GLN C 93 14.80 -53.52 -18.20
CA GLN C 93 13.46 -53.18 -17.72
C GLN C 93 13.60 -52.48 -16.38
N ARG C 94 14.85 -52.55 -15.88
CA ARG C 94 15.31 -52.00 -14.60
C ARG C 94 16.51 -51.06 -14.77
N LEU C 95 16.73 -50.29 -13.70
CA LEU C 95 17.78 -49.31 -13.60
C LEU C 95 17.91 -48.80 -12.17
N GLN C 96 19.15 -48.43 -11.85
CA GLN C 96 19.54 -47.85 -10.56
C GLN C 96 20.62 -46.85 -10.84
N PHE C 97 20.31 -45.60 -10.54
CA PHE C 97 21.28 -44.59 -10.79
C PHE C 97 21.32 -43.59 -9.67
N PRO C 98 22.42 -42.87 -9.65
CA PRO C 98 22.70 -41.88 -8.66
C PRO C 98 22.02 -40.56 -8.96
N LEU C 99 21.33 -40.06 -7.91
CA LEU C 99 20.66 -38.76 -7.91
C LEU C 99 21.57 -37.67 -8.48
N PRO C 100 20.98 -36.60 -8.96
CA PRO C 100 21.81 -35.58 -9.59
C PRO C 100 22.55 -34.74 -8.56
N THR C 101 23.39 -33.83 -9.07
CA THR C 101 24.18 -32.94 -8.22
C THR C 101 24.65 -31.74 -9.01
N ALA C 102 25.05 -30.68 -8.31
CA ALA C 102 25.58 -29.58 -9.06
C ALA C 102 26.77 -30.15 -9.88
N GLN C 103 27.40 -31.18 -9.26
CA GLN C 103 28.50 -31.94 -9.85
C GLN C 103 27.91 -32.73 -11.00
N ARG C 104 27.35 -33.86 -10.66
CA ARG C 104 26.70 -34.70 -11.64
C ARG C 104 25.33 -34.16 -12.00
N SER C 105 25.14 -34.03 -13.31
CA SER C 105 23.92 -33.55 -13.89
C SER C 105 23.31 -34.59 -14.80
N LEU C 106 22.37 -35.38 -14.25
CA LEU C 106 21.71 -36.43 -15.03
C LEU C 106 21.90 -36.26 -16.53
N GLU C 107 22.27 -37.38 -17.15
CA GLU C 107 22.48 -37.42 -18.57
C GLU C 107 21.54 -38.45 -19.18
N PRO C 108 21.07 -38.18 -20.38
CA PRO C 108 20.16 -39.07 -21.09
C PRO C 108 20.90 -40.31 -21.64
N GLY C 109 20.53 -41.55 -21.20
CA GLY C 109 21.25 -42.73 -21.70
C GLY C 109 20.41 -43.91 -22.17
N THR C 110 20.72 -45.03 -21.57
CA THR C 110 20.00 -46.23 -21.89
C THR C 110 19.75 -46.92 -20.58
N PRO C 111 18.58 -47.50 -20.37
CA PRO C 111 17.53 -47.61 -21.34
C PRO C 111 17.01 -46.24 -21.72
N ARG C 112 16.55 -46.09 -22.93
CA ARG C 112 16.01 -44.81 -23.26
C ARG C 112 14.82 -44.52 -22.35
N TRP C 113 14.05 -45.54 -22.05
CA TRP C 113 12.91 -45.38 -21.16
C TRP C 113 13.17 -44.71 -19.83
N ALA C 114 14.33 -44.90 -19.26
CA ALA C 114 14.54 -44.25 -18.00
C ALA C 114 14.75 -42.77 -18.20
N ASN C 115 14.90 -42.37 -19.47
CA ASN C 115 15.11 -40.97 -19.84
C ASN C 115 13.95 -40.03 -19.46
N TYR C 116 12.74 -40.57 -19.52
CA TYR C 116 11.55 -39.85 -19.14
C TYR C 116 11.52 -39.62 -17.64
N VAL C 117 11.98 -40.61 -16.89
CA VAL C 117 12.03 -40.43 -15.47
C VAL C 117 13.17 -39.56 -15.02
N LYS C 118 14.16 -39.43 -15.88
CA LYS C 118 15.32 -38.62 -15.56
C LYS C 118 15.07 -37.11 -15.59
N GLY C 119 14.53 -36.59 -16.71
CA GLY C 119 14.24 -35.15 -16.87
C GLY C 119 13.19 -34.68 -15.89
N VAL C 120 12.32 -35.57 -15.49
CA VAL C 120 11.36 -35.15 -14.49
C VAL C 120 12.22 -34.74 -13.28
N ILE C 121 12.97 -35.75 -12.79
CA ILE C 121 13.90 -35.59 -11.68
C ILE C 121 14.81 -34.41 -11.94
N GLN C 122 15.62 -34.57 -12.97
CA GLN C 122 16.55 -33.56 -13.39
C GLN C 122 15.96 -32.18 -13.34
N TYR C 123 14.63 -32.09 -13.50
CA TYR C 123 13.92 -30.82 -13.53
C TYR C 123 12.90 -30.60 -12.43
N TYR C 124 12.70 -31.55 -11.48
CA TYR C 124 11.77 -31.27 -10.41
C TYR C 124 12.23 -29.96 -9.82
N PRO C 125 11.28 -29.05 -9.62
CA PRO C 125 11.59 -27.70 -9.17
C PRO C 125 11.88 -27.63 -7.69
N ALA C 126 11.13 -28.39 -6.91
CA ALA C 126 11.31 -28.38 -5.45
C ALA C 126 12.50 -29.26 -4.96
N ALA C 127 12.86 -29.09 -3.66
CA ALA C 127 13.96 -29.79 -3.00
C ALA C 127 13.87 -29.64 -1.49
N PRO C 128 14.57 -30.49 -0.76
CA PRO C 128 15.43 -31.51 -1.35
C PRO C 128 14.78 -32.89 -1.59
N LEU C 129 15.17 -33.43 -2.74
CA LEU C 129 14.72 -34.72 -3.19
C LEU C 129 15.57 -35.84 -2.68
N PRO C 130 14.86 -36.76 -2.08
CA PRO C 130 15.36 -38.01 -1.51
C PRO C 130 15.87 -38.98 -2.61
N GLY C 131 15.81 -40.28 -2.32
CA GLY C 131 16.15 -41.32 -3.29
C GLY C 131 14.91 -42.16 -3.28
N PHE C 132 14.66 -43.01 -4.29
CA PHE C 132 13.40 -43.77 -4.17
C PHE C 132 13.37 -45.09 -4.90
N SER C 133 12.44 -45.91 -4.43
CA SER C 133 12.16 -47.20 -4.99
C SER C 133 10.89 -47.05 -5.79
N ALA C 134 10.94 -47.46 -7.06
CA ALA C 134 9.81 -47.31 -7.97
C ALA C 134 9.49 -48.51 -8.90
N VAL C 135 8.19 -48.85 -8.93
CA VAL C 135 7.57 -49.86 -9.79
C VAL C 135 6.57 -49.18 -10.72
N VAL C 136 6.96 -49.01 -11.97
CA VAL C 136 6.11 -48.41 -12.97
C VAL C 136 5.12 -49.43 -13.54
N VAL C 137 3.86 -49.10 -13.51
CA VAL C 137 2.84 -50.01 -14.06
C VAL C 137 1.97 -49.22 -15.05
N SER C 138 1.59 -49.83 -16.18
CA SER C 138 0.89 -48.99 -17.15
C SER C 138 -0.06 -49.74 -18.06
N SER C 139 -1.30 -49.27 -18.12
CA SER C 139 -2.27 -49.87 -19.01
C SER C 139 -2.16 -49.24 -20.40
N VAL C 140 -1.26 -48.28 -20.50
CA VAL C 140 -1.12 -47.53 -21.72
C VAL C 140 -0.22 -48.14 -22.78
N PRO C 141 -0.81 -48.59 -23.88
CA PRO C 141 -0.04 -49.08 -24.99
C PRO C 141 1.09 -48.11 -25.35
N LEU C 142 2.35 -48.51 -25.13
CA LEU C 142 3.49 -47.63 -25.45
C LEU C 142 3.48 -47.26 -26.92
N GLY C 143 3.87 -46.03 -27.24
CA GLY C 143 3.88 -45.57 -28.63
C GLY C 143 2.57 -45.81 -29.38
N GLY C 144 1.51 -46.19 -28.68
CA GLY C 144 0.23 -46.44 -29.32
C GLY C 144 -0.53 -45.15 -29.63
N GLY C 145 0.12 -44.01 -29.44
CA GLY C 145 -0.50 -42.73 -29.69
C GLY C 145 -1.44 -42.28 -28.57
N LEU C 146 -1.31 -42.85 -27.36
CA LEU C 146 -2.19 -42.45 -26.24
C LEU C 146 -1.42 -41.77 -25.15
N SER C 147 -0.35 -41.14 -25.53
CA SER C 147 0.51 -40.45 -24.62
C SER C 147 1.00 -41.21 -23.42
N SER C 148 1.52 -42.39 -23.65
CA SER C 148 2.15 -43.19 -22.61
C SER C 148 3.32 -42.39 -22.08
N SER C 149 3.74 -41.41 -22.87
CA SER C 149 4.85 -40.58 -22.54
C SER C 149 4.46 -39.67 -21.39
N ALA C 150 3.36 -38.94 -21.55
CA ALA C 150 2.92 -38.06 -20.48
C ALA C 150 2.46 -38.86 -19.27
N SER C 151 1.72 -39.92 -19.50
CA SER C 151 1.27 -40.69 -18.36
C SER C 151 2.43 -40.92 -17.39
N LEU C 152 3.53 -41.26 -17.99
CA LEU C 152 4.73 -41.64 -17.32
C LEU C 152 5.39 -40.48 -16.64
N GLU C 153 5.72 -39.45 -17.40
CA GLU C 153 6.35 -38.24 -16.87
C GLU C 153 5.63 -37.66 -15.67
N VAL C 154 4.33 -37.42 -15.88
CA VAL C 154 3.40 -36.86 -14.91
C VAL C 154 3.27 -37.75 -13.68
N ALA C 155 2.95 -39.03 -13.92
CA ALA C 155 2.83 -40.00 -12.83
C ALA C 155 4.10 -39.99 -12.01
N THR C 156 5.19 -39.66 -12.68
CA THR C 156 6.49 -39.60 -12.07
C THR C 156 6.54 -38.37 -11.22
N TYR C 157 6.32 -37.27 -11.91
CA TYR C 157 6.29 -35.98 -11.28
C TYR C 157 5.42 -36.08 -10.03
N THR C 158 4.17 -36.43 -10.21
CA THR C 158 3.27 -36.56 -9.10
C THR C 158 3.85 -37.31 -7.94
N PHE C 159 4.68 -38.30 -8.26
CA PHE C 159 5.37 -39.16 -7.30
C PHE C 159 6.32 -38.33 -6.44
N LEU C 160 7.21 -37.65 -7.17
CA LEU C 160 8.19 -36.75 -6.59
C LEU C 160 7.49 -35.63 -5.83
N GLN C 161 6.17 -35.58 -5.99
CA GLN C 161 5.33 -34.56 -5.37
C GLN C 161 4.95 -35.03 -3.99
N GLN C 162 5.26 -36.31 -3.80
CA GLN C 162 4.99 -36.99 -2.59
C GLN C 162 6.25 -37.05 -1.74
N LEU C 163 7.38 -37.16 -2.45
CA LEU C 163 8.71 -37.14 -1.87
C LEU C 163 9.10 -35.77 -1.28
N CYS C 164 8.80 -34.70 -2.01
CA CYS C 164 9.08 -33.34 -1.61
C CYS C 164 8.23 -32.37 -2.44
N PRO C 165 7.05 -32.12 -1.90
CA PRO C 165 6.02 -31.32 -2.52
C PRO C 165 6.52 -29.97 -2.95
N ASP C 166 6.19 -29.63 -4.20
CA ASP C 166 6.56 -28.34 -4.77
C ASP C 166 5.57 -27.29 -4.29
N SER C 167 5.63 -26.14 -4.92
CA SER C 167 4.79 -25.05 -4.50
C SER C 167 4.20 -24.29 -5.67
N GLY C 168 4.67 -24.58 -6.86
CA GLY C 168 4.24 -23.87 -8.06
C GLY C 168 2.95 -24.37 -8.70
N THR C 169 2.70 -23.84 -9.90
CA THR C 169 1.51 -24.08 -10.70
C THR C 169 1.42 -25.44 -11.39
N ILE C 170 0.18 -25.84 -11.62
CA ILE C 170 -0.19 -27.03 -12.36
C ILE C 170 0.44 -26.91 -13.74
N ALA C 171 0.46 -25.68 -14.18
CA ALA C 171 1.02 -25.35 -15.45
C ALA C 171 2.51 -25.59 -15.45
N ALA C 172 3.13 -25.29 -14.35
CA ALA C 172 4.55 -25.49 -14.30
C ALA C 172 4.81 -26.97 -14.36
N ARG C 173 4.19 -27.67 -13.47
CA ARG C 173 4.34 -29.10 -13.47
C ARG C 173 4.40 -29.60 -14.89
N ALA C 174 3.44 -29.17 -15.67
CA ALA C 174 3.36 -29.56 -17.07
C ALA C 174 4.58 -29.18 -17.86
N GLN C 175 5.08 -27.98 -17.65
CA GLN C 175 6.26 -27.53 -18.35
C GLN C 175 7.50 -28.31 -17.92
N VAL C 176 7.51 -28.81 -16.69
CA VAL C 176 8.65 -29.59 -16.21
C VAL C 176 8.74 -30.86 -17.02
N CYS C 177 7.63 -31.57 -17.09
CA CYS C 177 7.55 -32.75 -17.88
C CYS C 177 7.90 -32.47 -19.33
N GLN C 178 7.33 -31.42 -19.89
CA GLN C 178 7.64 -31.10 -21.26
C GLN C 178 9.16 -31.07 -21.55
N GLN C 179 9.90 -30.31 -20.72
CA GLN C 179 11.36 -30.19 -20.77
C GLN C 179 12.02 -31.56 -20.67
N ALA C 180 11.42 -32.39 -19.86
CA ALA C 180 11.94 -33.72 -19.80
C ALA C 180 11.91 -34.26 -21.21
N GLU C 181 10.72 -34.42 -21.75
CA GLU C 181 10.55 -34.96 -23.08
C GLU C 181 11.49 -34.35 -24.06
N HIS C 182 11.54 -33.05 -24.02
CA HIS C 182 12.41 -32.37 -24.94
C HIS C 182 13.86 -32.74 -24.69
N SER C 183 14.40 -32.13 -23.63
CA SER C 183 15.79 -32.24 -23.21
C SER C 183 16.38 -33.64 -23.08
N PHE C 184 15.64 -34.54 -22.48
CA PHE C 184 16.08 -35.89 -22.21
C PHE C 184 15.62 -36.97 -23.20
N ALA C 185 14.31 -36.99 -23.47
CA ALA C 185 13.71 -37.91 -24.41
C ALA C 185 14.07 -37.52 -25.82
N GLY C 186 14.42 -36.23 -25.94
CA GLY C 186 14.76 -35.66 -27.24
C GLY C 186 13.55 -35.57 -28.17
N MSE C 187 12.41 -35.12 -27.62
CA MSE C 187 11.14 -35.03 -28.33
C MSE C 187 10.41 -33.72 -28.13
O MSE C 187 9.61 -33.56 -27.23
CB MSE C 187 10.22 -36.17 -27.93
CG MSE C 187 9.87 -37.14 -29.03
SE MSE C 187 8.96 -36.34 -30.56
CE MSE C 187 7.61 -35.44 -29.57
N PRO C 188 10.63 -32.81 -29.04
CA PRO C 188 10.05 -31.50 -29.02
C PRO C 188 8.56 -31.53 -29.12
N CYS C 189 7.98 -32.12 -28.15
CA CYS C 189 6.55 -32.15 -28.17
C CYS C 189 5.99 -30.76 -27.83
N GLY C 190 4.68 -30.69 -27.72
CA GLY C 190 3.94 -29.52 -27.30
C GLY C 190 3.32 -29.68 -25.91
N ILE C 191 2.50 -28.72 -25.56
CA ILE C 191 1.81 -28.50 -24.30
C ILE C 191 0.72 -29.52 -23.97
N MSE C 192 -0.02 -29.96 -24.96
CA MSE C 192 -1.14 -30.83 -24.71
C MSE C 192 -0.97 -31.94 -23.69
O MSE C 192 -1.38 -31.81 -22.55
CB MSE C 192 -1.72 -31.41 -26.00
CG MSE C 192 -2.68 -32.56 -25.81
SE MSE C 192 -3.57 -33.12 -27.43
CE MSE C 192 -2.08 -33.36 -28.61
N ASP C 193 -0.46 -33.06 -24.16
CA ASP C 193 -0.31 -34.30 -23.41
C ASP C 193 -0.21 -34.19 -21.89
N GLN C 194 0.64 -33.29 -21.41
CA GLN C 194 0.86 -33.18 -19.99
C GLN C 194 -0.28 -32.50 -19.32
N PHE C 195 -0.84 -31.53 -20.02
CA PHE C 195 -1.97 -30.83 -19.47
C PHE C 195 -3.06 -31.77 -19.20
N ILE C 196 -3.60 -32.22 -20.27
CA ILE C 196 -4.67 -33.10 -20.15
C ILE C 196 -4.39 -34.13 -19.08
N SER C 197 -3.22 -34.74 -19.16
CA SER C 197 -2.88 -35.77 -18.18
C SER C 197 -3.00 -35.24 -16.74
N LEU C 198 -2.58 -34.01 -16.57
CA LEU C 198 -2.64 -33.30 -15.33
C LEU C 198 -4.04 -32.78 -15.01
N MSE C 199 -4.53 -31.94 -15.93
CA MSE C 199 -5.76 -31.18 -15.86
C MSE C 199 -7.03 -31.98 -15.95
O MSE C 199 -8.11 -31.45 -15.67
CB MSE C 199 -5.78 -30.20 -17.03
CG MSE C 199 -4.58 -29.30 -17.17
SE MSE C 199 -4.82 -27.66 -16.21
CE MSE C 199 -3.15 -26.80 -16.61
N GLY C 200 -6.89 -33.22 -16.37
CA GLY C 200 -7.99 -34.13 -16.65
C GLY C 200 -9.04 -34.36 -15.54
N GLN C 201 -10.31 -34.42 -16.01
CA GLN C 201 -11.48 -34.67 -15.18
C GLN C 201 -12.50 -35.61 -15.81
N LYS C 202 -12.86 -36.57 -15.00
CA LYS C 202 -13.86 -37.54 -15.32
C LYS C 202 -14.93 -36.86 -16.14
N GLY C 203 -15.60 -37.66 -16.95
CA GLY C 203 -16.64 -37.18 -17.83
C GLY C 203 -16.35 -35.89 -18.52
N HIS C 204 -15.11 -35.46 -18.65
CA HIS C 204 -14.93 -34.24 -19.39
C HIS C 204 -13.83 -34.29 -20.43
N ALA C 205 -14.02 -33.50 -21.48
CA ALA C 205 -13.01 -33.24 -22.52
C ALA C 205 -12.32 -31.88 -22.20
N LEU C 206 -11.09 -31.66 -22.68
CA LEU C 206 -10.41 -30.45 -22.27
C LEU C 206 -9.92 -29.63 -23.43
N LEU C 207 -10.74 -28.66 -23.85
CA LEU C 207 -10.34 -27.76 -24.92
C LEU C 207 -9.23 -26.89 -24.38
N ILE C 208 -8.04 -27.16 -24.89
CA ILE C 208 -6.85 -26.44 -24.50
C ILE C 208 -6.43 -25.42 -25.54
N ASP C 209 -6.20 -24.20 -25.06
CA ASP C 209 -5.74 -23.13 -25.90
C ASP C 209 -4.27 -23.02 -25.66
N CYS C 210 -3.54 -23.66 -26.57
CA CYS C 210 -2.13 -23.77 -26.43
C CYS C 210 -1.47 -22.47 -26.53
N ARG C 211 -2.25 -21.47 -26.85
CA ARG C 211 -1.61 -20.18 -26.92
C ARG C 211 -1.74 -19.47 -25.57
N SER C 212 -2.88 -19.59 -24.96
CA SER C 212 -3.09 -18.90 -23.73
C SER C 212 -3.06 -19.85 -22.60
N LEU C 213 -3.03 -21.11 -22.97
CA LEU C 213 -3.03 -22.12 -21.94
C LEU C 213 -4.34 -22.12 -21.18
N GLU C 214 -5.35 -21.56 -21.85
CA GLU C 214 -6.68 -21.49 -21.31
C GLU C 214 -7.46 -22.73 -21.70
N THR C 215 -7.81 -23.45 -20.68
CA THR C 215 -8.56 -24.65 -20.80
C THR C 215 -10.02 -24.43 -20.40
N SER C 216 -10.87 -25.18 -21.05
CA SER C 216 -12.28 -25.23 -20.74
C SER C 216 -12.66 -26.69 -20.77
N LEU C 217 -13.45 -27.12 -19.81
CA LEU C 217 -13.89 -28.50 -19.70
C LEU C 217 -15.20 -28.74 -20.41
N VAL C 218 -15.24 -29.76 -21.24
CA VAL C 218 -16.45 -29.98 -21.96
C VAL C 218 -17.16 -31.26 -21.60
N PRO C 219 -18.26 -31.07 -20.97
CA PRO C 219 -18.99 -32.24 -20.57
C PRO C 219 -19.16 -33.12 -21.79
N LEU C 220 -18.75 -34.40 -21.63
CA LEU C 220 -18.79 -35.40 -22.68
C LEU C 220 -19.65 -36.60 -22.28
N SER C 221 -20.56 -36.37 -21.35
CA SER C 221 -21.45 -37.39 -20.81
C SER C 221 -22.78 -37.50 -21.53
N ASP C 222 -22.86 -38.66 -22.13
CA ASP C 222 -23.96 -39.10 -22.92
C ASP C 222 -23.71 -40.56 -23.21
N PRO C 223 -24.58 -41.31 -22.64
CA PRO C 223 -24.52 -42.74 -22.71
C PRO C 223 -24.78 -43.22 -24.14
N LYS C 224 -25.59 -42.47 -24.86
CA LYS C 224 -25.91 -42.84 -26.21
C LYS C 224 -24.72 -42.63 -27.15
N LEU C 225 -23.66 -42.05 -26.60
CA LEU C 225 -22.47 -41.72 -27.34
C LEU C 225 -21.33 -42.55 -26.77
N ALA C 226 -20.51 -43.09 -27.69
CA ALA C 226 -19.35 -43.89 -27.34
C ALA C 226 -18.07 -43.35 -27.96
N VAL C 227 -16.97 -43.69 -27.33
CA VAL C 227 -15.73 -43.33 -27.91
C VAL C 227 -14.94 -44.59 -28.04
N LEU C 228 -14.75 -44.97 -29.29
CA LEU C 228 -14.09 -46.19 -29.67
C LEU C 228 -12.66 -45.95 -30.11
N ILE C 229 -11.79 -46.52 -29.36
CA ILE C 229 -10.44 -46.37 -29.73
C ILE C 229 -10.02 -47.66 -30.37
N THR C 230 -9.35 -47.54 -31.50
CA THR C 230 -8.85 -48.72 -32.15
C THR C 230 -7.34 -48.70 -32.27
N ASN C 231 -6.69 -49.81 -31.87
CA ASN C 231 -5.23 -49.91 -31.97
C ASN C 231 -4.80 -50.72 -33.18
N SER C 232 -4.25 -50.02 -34.17
CA SER C 232 -3.75 -50.63 -35.41
C SER C 232 -2.69 -51.67 -35.12
N ASN C 233 -2.10 -51.54 -33.93
CA ASN C 233 -1.07 -52.43 -33.53
C ASN C 233 0.07 -52.43 -34.54
N VAL C 234 0.36 -51.22 -35.02
CA VAL C 234 1.45 -50.89 -35.92
C VAL C 234 2.26 -49.77 -35.29
N ARG C 235 3.52 -49.62 -35.71
CA ARG C 235 4.43 -48.65 -35.10
C ARG C 235 5.65 -48.37 -35.99
N HIS C 236 5.46 -47.64 -37.11
CA HIS C 236 6.57 -47.32 -38.04
C HIS C 236 7.42 -46.16 -37.51
N ALA C 239 8.34 -42.92 -37.25
CA ALA C 239 9.12 -41.94 -38.03
C ALA C 239 9.44 -40.65 -37.27
N SER C 240 9.55 -40.83 -35.93
CA SER C 240 9.85 -39.84 -34.89
C SER C 240 10.92 -38.82 -35.28
N SER C 241 11.61 -39.14 -36.37
CA SER C 241 12.57 -38.26 -36.94
C SER C 241 11.79 -37.16 -37.63
N GLU C 242 10.58 -37.54 -38.06
CA GLU C 242 9.64 -36.68 -38.77
C GLU C 242 9.18 -35.50 -37.91
N TYR C 243 8.64 -35.84 -36.77
CA TYR C 243 8.13 -34.87 -35.81
C TYR C 243 8.86 -33.51 -35.79
N PRO C 244 10.06 -33.51 -35.28
CA PRO C 244 10.80 -32.28 -35.25
C PRO C 244 10.71 -31.69 -36.59
N VAL C 245 10.83 -32.55 -37.57
CA VAL C 245 10.80 -32.02 -38.91
C VAL C 245 9.58 -31.20 -39.23
N ARG C 246 8.41 -31.73 -38.86
CA ARG C 246 7.18 -31.01 -39.13
C ARG C 246 7.19 -29.77 -38.31
N ARG C 247 7.61 -29.93 -37.05
CA ARG C 247 7.68 -28.77 -36.21
C ARG C 247 8.38 -27.66 -36.97
N ARG C 248 9.60 -27.99 -37.34
CA ARG C 248 10.45 -27.09 -38.08
C ARG C 248 9.72 -26.39 -39.18
N GLN C 249 9.14 -27.19 -40.09
CA GLN C 249 8.43 -26.71 -41.26
C GLN C 249 7.50 -25.56 -40.87
N CYS C 250 6.53 -25.88 -40.04
CA CYS C 250 5.60 -24.90 -39.53
C CYS C 250 6.33 -23.65 -39.12
N GLU C 251 7.15 -23.80 -38.13
CA GLU C 251 7.87 -22.68 -37.65
C GLU C 251 8.37 -21.78 -38.81
N GLU C 252 9.06 -22.38 -39.80
CA GLU C 252 9.53 -21.64 -40.96
C GLU C 252 8.41 -20.87 -41.60
N VAL C 253 7.35 -21.54 -41.94
CA VAL C 253 6.26 -20.83 -42.55
C VAL C 253 5.98 -19.60 -41.70
N ALA C 254 5.53 -19.82 -40.48
CA ALA C 254 5.25 -18.70 -39.59
C ALA C 254 6.31 -17.61 -39.72
N ARG C 255 7.54 -18.05 -39.88
CA ARG C 255 8.63 -17.14 -39.98
C ARG C 255 8.42 -16.29 -41.20
N ALA C 256 8.20 -17.01 -42.30
CA ALA C 256 8.00 -16.40 -43.61
C ALA C 256 6.87 -15.40 -43.69
N LEU C 257 6.02 -15.30 -42.69
CA LEU C 257 4.92 -14.35 -42.79
C LEU C 257 5.07 -13.27 -41.73
N GLY C 258 6.19 -13.31 -41.05
CA GLY C 258 6.46 -12.36 -40.00
C GLY C 258 5.60 -12.58 -38.75
N LYS C 259 5.11 -13.82 -38.58
CA LYS C 259 4.25 -14.13 -37.46
C LYS C 259 4.89 -14.97 -36.37
N GLU C 260 4.28 -14.87 -35.20
CA GLU C 260 4.70 -15.58 -34.00
C GLU C 260 4.39 -17.05 -34.16
N SER C 261 3.23 -17.35 -34.72
CA SER C 261 2.82 -18.72 -34.92
C SER C 261 1.82 -18.87 -36.02
N LEU C 262 1.57 -20.09 -36.37
CA LEU C 262 0.57 -20.31 -37.35
C LEU C 262 -0.76 -19.98 -36.72
N ARG C 263 -0.80 -19.92 -35.40
CA ARG C 263 -2.06 -19.54 -34.82
C ARG C 263 -2.44 -18.17 -35.34
N GLU C 264 -1.43 -17.38 -35.67
CA GLU C 264 -1.69 -16.02 -36.13
C GLU C 264 -1.97 -15.87 -37.64
N VAL C 265 -2.04 -16.99 -38.36
CA VAL C 265 -2.33 -16.96 -39.78
C VAL C 265 -3.70 -17.49 -40.04
N GLN C 266 -4.29 -17.04 -41.13
CA GLN C 266 -5.59 -17.55 -41.43
C GLN C 266 -5.73 -18.22 -42.74
N LEU C 267 -6.53 -19.25 -42.66
CA LEU C 267 -6.82 -20.12 -43.75
C LEU C 267 -6.91 -19.32 -45.03
N GLU C 268 -7.62 -18.21 -44.93
CA GLU C 268 -7.76 -17.34 -46.07
C GLU C 268 -6.38 -16.72 -46.38
N GLU C 269 -5.73 -16.15 -45.32
CA GLU C 269 -4.42 -15.49 -45.34
C GLU C 269 -3.32 -16.25 -46.09
N LEU C 270 -3.36 -17.52 -45.90
CA LEU C 270 -2.42 -18.44 -46.40
C LEU C 270 -1.94 -18.26 -47.81
N GLU C 271 -2.85 -17.94 -48.72
CA GLU C 271 -2.39 -17.86 -50.10
C GLU C 271 -1.19 -16.93 -50.22
N ALA C 272 -1.25 -15.87 -49.39
CA ALA C 272 -0.21 -14.86 -49.34
C ALA C 272 1.22 -15.41 -49.45
N ALA C 273 1.42 -16.54 -48.75
CA ALA C 273 2.70 -17.24 -48.62
C ALA C 273 2.95 -18.26 -49.72
N ARG C 274 2.00 -18.39 -50.61
CA ARG C 274 2.15 -19.34 -51.67
C ARG C 274 3.56 -19.23 -52.27
N ASP C 275 3.95 -17.98 -52.46
CA ASP C 275 5.19 -17.64 -53.09
C ASP C 275 6.37 -17.52 -52.16
N LEU C 276 6.09 -17.30 -50.90
CA LEU C 276 7.10 -17.14 -49.87
C LEU C 276 7.72 -18.43 -49.38
N VAL C 277 6.96 -19.53 -49.42
CA VAL C 277 7.42 -20.81 -48.90
C VAL C 277 7.33 -21.94 -49.85
N SER C 278 7.97 -23.00 -49.39
CA SER C 278 8.03 -24.26 -50.06
C SER C 278 6.65 -24.88 -50.16
N LYS C 279 6.54 -25.83 -51.09
CA LYS C 279 5.30 -26.53 -51.36
C LYS C 279 4.89 -27.37 -50.16
N GLU C 280 5.74 -28.35 -49.84
CA GLU C 280 5.56 -29.18 -48.65
C GLU C 280 5.15 -28.30 -47.48
N GLY C 281 5.97 -27.30 -47.18
CA GLY C 281 5.72 -26.35 -46.12
C GLY C 281 4.35 -25.69 -46.23
N PHE C 282 3.92 -25.45 -47.46
CA PHE C 282 2.62 -24.86 -47.63
C PHE C 282 1.58 -25.82 -47.09
N ARG C 283 1.74 -27.08 -47.49
CA ARG C 283 0.87 -28.13 -47.01
C ARG C 283 0.80 -28.21 -45.45
N ARG C 284 1.92 -28.52 -44.80
CA ARG C 284 1.89 -28.58 -43.35
C ARG C 284 1.05 -27.44 -42.83
N ALA C 285 1.45 -26.28 -43.26
CA ALA C 285 0.81 -25.04 -42.88
C ALA C 285 -0.70 -25.09 -43.02
N ARG C 286 -1.16 -25.63 -44.14
CA ARG C 286 -2.58 -25.69 -44.42
C ARG C 286 -3.27 -26.55 -43.46
N HIS C 287 -2.60 -27.63 -43.08
CA HIS C 287 -3.22 -28.51 -42.12
C HIS C 287 -3.38 -27.78 -40.81
N VAL C 288 -2.27 -27.24 -40.36
CA VAL C 288 -2.27 -26.55 -39.11
C VAL C 288 -3.36 -25.51 -39.00
N VAL C 289 -3.33 -24.60 -39.96
CA VAL C 289 -4.30 -23.53 -40.01
C VAL C 289 -5.71 -24.07 -40.09
N GLY C 290 -5.90 -25.10 -40.92
CA GLY C 290 -7.21 -25.74 -40.97
C GLY C 290 -7.57 -26.31 -39.61
N GLU C 291 -6.76 -27.28 -39.18
CA GLU C 291 -6.89 -28.00 -37.90
C GLU C 291 -7.28 -27.08 -36.75
N ILE C 292 -6.82 -25.87 -36.82
CA ILE C 292 -7.16 -24.97 -35.76
C ILE C 292 -8.63 -24.52 -35.86
N ARG C 293 -9.07 -24.10 -37.04
CA ARG C 293 -10.48 -23.71 -37.21
C ARG C 293 -11.44 -24.86 -36.87
N ARG C 294 -11.07 -26.06 -37.37
CA ARG C 294 -11.80 -27.30 -37.20
C ARG C 294 -12.07 -27.63 -35.76
N THR C 295 -11.05 -27.42 -34.96
CA THR C 295 -11.13 -27.69 -33.55
C THR C 295 -11.96 -26.65 -32.82
N ALA C 296 -11.86 -25.41 -33.22
CA ALA C 296 -12.65 -24.45 -32.50
C ALA C 296 -14.10 -24.75 -32.75
N GLN C 297 -14.33 -25.07 -34.02
CA GLN C 297 -15.62 -25.41 -34.54
C GLN C 297 -16.12 -26.69 -33.90
N ALA C 298 -15.24 -27.69 -33.82
CA ALA C 298 -15.64 -28.95 -33.20
C ALA C 298 -15.97 -28.74 -31.73
N ALA C 299 -15.36 -27.77 -31.09
CA ALA C 299 -15.71 -27.51 -29.71
C ALA C 299 -17.15 -27.01 -29.63
N ALA C 300 -17.53 -26.15 -30.61
CA ALA C 300 -18.87 -25.59 -30.63
C ALA C 300 -19.91 -26.65 -30.88
N ALA C 301 -19.56 -27.60 -31.72
CA ALA C 301 -20.47 -28.66 -32.05
C ALA C 301 -20.78 -29.54 -30.86
N LEU C 302 -19.73 -29.95 -30.14
CA LEU C 302 -19.83 -30.82 -28.96
C LEU C 302 -20.82 -30.28 -27.95
N ARG C 303 -20.50 -29.09 -27.47
CA ARG C 303 -21.31 -28.37 -26.52
C ARG C 303 -22.79 -28.33 -26.93
N ARG C 304 -23.02 -28.22 -28.24
CA ARG C 304 -24.32 -28.16 -28.88
C ARG C 304 -25.02 -29.52 -28.91
N GLY C 305 -24.24 -30.61 -28.78
CA GLY C 305 -24.74 -31.98 -28.90
C GLY C 305 -24.83 -32.47 -30.37
N ASP C 306 -24.21 -31.69 -31.28
CA ASP C 306 -24.17 -31.93 -32.72
C ASP C 306 -23.05 -32.89 -33.09
N TYR C 307 -23.19 -34.12 -32.61
CA TYR C 307 -22.19 -35.10 -32.87
C TYR C 307 -21.93 -35.29 -34.35
N ARG C 308 -22.92 -35.05 -35.19
CA ARG C 308 -22.73 -35.22 -36.61
C ARG C 308 -21.69 -34.25 -37.22
N ALA C 309 -21.84 -32.96 -36.94
CA ALA C 309 -20.92 -31.96 -37.40
C ALA C 309 -19.56 -32.26 -36.81
N PHE C 310 -19.61 -32.85 -35.65
CA PHE C 310 -18.40 -33.22 -34.95
C PHE C 310 -17.64 -34.33 -35.64
N GLY C 311 -18.33 -35.40 -36.02
CA GLY C 311 -17.66 -36.49 -36.68
C GLY C 311 -17.08 -36.04 -38.01
N ARG C 312 -17.88 -35.23 -38.65
CA ARG C 312 -17.54 -34.70 -39.95
C ARG C 312 -16.24 -33.94 -39.88
N LEU C 313 -16.14 -33.13 -38.86
CA LEU C 313 -14.95 -32.36 -38.63
C LEU C 313 -13.75 -33.27 -38.42
N MSE C 314 -13.98 -34.29 -37.59
CA MSE C 314 -13.00 -35.31 -37.30
C MSE C 314 -12.47 -35.91 -38.57
O MSE C 314 -11.30 -36.20 -38.73
CB MSE C 314 -13.66 -36.45 -36.55
CG MSE C 314 -14.09 -36.13 -35.16
SE MSE C 314 -14.72 -37.65 -34.14
CE MSE C 314 -13.13 -38.73 -33.96
N VAL C 315 -13.35 -36.08 -39.48
CA VAL C 315 -12.94 -36.64 -40.72
C VAL C 315 -12.17 -35.68 -41.59
N GLU C 316 -12.53 -34.43 -41.59
CA GLU C 316 -11.75 -33.51 -42.40
C GLU C 316 -10.36 -33.52 -41.82
N SER C 317 -10.33 -33.56 -40.51
CA SER C 317 -9.10 -33.64 -39.78
C SER C 317 -8.29 -34.79 -40.27
N HIS C 318 -8.89 -35.95 -40.32
CA HIS C 318 -8.14 -37.12 -40.68
C HIS C 318 -7.56 -37.05 -42.07
N ARG C 319 -8.31 -36.48 -42.95
CA ARG C 319 -7.76 -36.38 -44.26
C ARG C 319 -6.70 -35.26 -44.47
N SER C 320 -6.73 -34.22 -43.64
CA SER C 320 -5.70 -33.19 -43.68
C SER C 320 -4.40 -33.78 -43.16
N LEU C 321 -4.54 -34.61 -42.16
CA LEU C 321 -3.45 -35.29 -41.52
C LEU C 321 -2.78 -36.20 -42.51
N ARG C 322 -3.62 -36.98 -43.19
CA ARG C 322 -3.19 -37.94 -44.20
C ARG C 322 -2.47 -37.29 -45.35
N ASP C 323 -3.23 -36.49 -46.06
CA ASP C 323 -2.76 -35.81 -47.24
C ASP C 323 -1.87 -34.63 -47.06
N ASP C 324 -2.27 -33.70 -46.24
CA ASP C 324 -1.55 -32.45 -46.08
C ASP C 324 -0.40 -32.50 -45.10
N TYR C 325 -0.62 -33.10 -43.94
CA TYR C 325 0.44 -33.19 -42.96
C TYR C 325 1.26 -34.47 -43.16
N GLU C 326 0.57 -35.49 -43.65
CA GLU C 326 1.24 -36.71 -43.93
C GLU C 326 1.92 -37.24 -42.72
N VAL C 327 1.18 -37.67 -41.72
CA VAL C 327 1.81 -38.26 -40.57
C VAL C 327 1.01 -39.47 -40.29
N SER C 328 0.20 -39.78 -41.27
CA SER C 328 -0.69 -40.89 -41.17
C SER C 328 -0.01 -42.11 -41.73
N CYS C 329 -0.72 -43.20 -41.77
CA CYS C 329 -0.17 -44.43 -42.28
C CYS C 329 -1.28 -45.29 -42.83
N PRO C 330 -0.92 -46.07 -43.83
CA PRO C 330 -1.85 -46.96 -44.53
C PRO C 330 -2.76 -47.67 -43.57
N GLU C 331 -2.15 -48.14 -42.50
CA GLU C 331 -2.88 -48.85 -41.46
C GLU C 331 -3.97 -48.00 -40.84
N LEU C 332 -3.65 -46.74 -40.50
CA LEU C 332 -4.63 -45.81 -39.95
C LEU C 332 -5.72 -45.52 -41.01
N ASP C 333 -5.28 -45.17 -42.19
CA ASP C 333 -6.24 -44.92 -43.24
C ASP C 333 -7.28 -46.04 -43.40
N GLN C 334 -6.81 -47.28 -43.48
CA GLN C 334 -7.68 -48.43 -43.62
C GLN C 334 -8.71 -48.47 -42.47
N LEU C 335 -8.20 -48.33 -41.27
CA LEU C 335 -9.01 -48.31 -40.10
C LEU C 335 -10.03 -47.18 -40.13
N VAL C 336 -9.63 -46.01 -40.62
CA VAL C 336 -10.59 -44.93 -40.63
C VAL C 336 -11.67 -45.21 -41.68
N GLU C 337 -11.25 -45.59 -42.88
CA GLU C 337 -12.18 -45.88 -43.94
C GLU C 337 -13.17 -47.00 -43.57
N ALA C 338 -12.66 -47.95 -42.84
CA ALA C 338 -13.46 -49.04 -42.36
C ALA C 338 -14.46 -48.58 -41.34
N ALA C 339 -14.04 -47.71 -40.43
CA ALA C 339 -14.95 -47.26 -39.40
C ALA C 339 -16.04 -46.36 -39.95
N LEU C 340 -15.71 -45.63 -41.00
CA LEU C 340 -16.65 -44.69 -41.58
C LEU C 340 -17.75 -45.37 -42.39
N ALA C 341 -17.51 -46.62 -42.74
CA ALA C 341 -18.47 -47.38 -43.52
C ALA C 341 -19.67 -47.79 -42.69
N VAL C 342 -19.39 -47.94 -41.38
CA VAL C 342 -20.37 -48.35 -40.39
C VAL C 342 -21.38 -47.29 -39.99
N PRO C 343 -22.60 -47.49 -40.45
CA PRO C 343 -23.69 -46.61 -40.13
C PRO C 343 -23.75 -46.49 -38.65
N GLY C 344 -23.79 -45.25 -38.13
CA GLY C 344 -23.82 -44.97 -36.67
C GLY C 344 -22.48 -44.36 -36.17
N VAL C 345 -21.52 -44.38 -37.07
CA VAL C 345 -20.25 -43.81 -36.75
C VAL C 345 -20.32 -42.39 -37.22
N TYR C 346 -20.04 -41.44 -36.30
CA TYR C 346 -20.09 -40.01 -36.58
C TYR C 346 -18.88 -39.52 -37.35
N GLY C 347 -17.71 -40.09 -37.02
CA GLY C 347 -16.47 -39.72 -37.68
C GLY C 347 -15.37 -40.58 -37.16
N SER C 348 -14.24 -40.53 -37.79
CA SER C 348 -13.10 -41.30 -37.32
C SER C 348 -11.78 -40.66 -37.79
N ARG C 349 -10.69 -40.92 -37.09
CA ARG C 349 -9.45 -40.34 -37.52
C ARG C 349 -8.32 -40.80 -36.64
N MSE C 350 -7.13 -40.70 -37.15
CA MSE C 350 -5.99 -41.13 -36.37
C MSE C 350 -5.93 -40.23 -35.18
O MSE C 350 -6.54 -39.19 -35.23
CB MSE C 350 -4.71 -40.98 -37.18
CG MSE C 350 -4.46 -39.60 -37.75
SE MSE C 350 -2.60 -39.15 -38.14
CE MSE C 350 -1.90 -39.09 -36.34
N THR C 351 -5.18 -40.59 -34.17
CA THR C 351 -5.04 -39.71 -33.06
C THR C 351 -3.61 -39.75 -32.65
N GLY C 352 -3.11 -38.73 -31.97
CA GLY C 352 -1.69 -38.72 -31.59
C GLY C 352 -0.80 -38.18 -32.72
N GLY C 353 0.50 -38.44 -32.63
CA GLY C 353 1.47 -37.97 -33.65
C GLY C 353 1.38 -38.59 -35.06
N GLY C 354 0.93 -39.83 -35.17
CA GLY C 354 0.77 -40.47 -36.46
C GLY C 354 1.79 -41.55 -36.72
N PHE C 355 1.87 -42.00 -37.96
CA PHE C 355 2.86 -42.98 -38.32
C PHE C 355 2.62 -44.35 -37.69
N GLY C 356 1.38 -44.55 -37.20
CA GLY C 356 0.95 -45.80 -36.58
C GLY C 356 -0.11 -45.57 -35.49
N GLY C 357 0.08 -46.25 -34.38
CA GLY C 357 -0.78 -46.14 -33.23
C GLY C 357 -2.27 -46.32 -33.51
N CYS C 358 -3.06 -45.52 -32.78
CA CYS C 358 -4.52 -45.58 -32.75
C CYS C 358 -5.35 -44.56 -33.54
N THR C 359 -6.61 -44.95 -33.72
CA THR C 359 -7.66 -44.12 -34.28
C THR C 359 -8.72 -43.97 -33.21
N VAL C 360 -9.31 -42.78 -33.21
CA VAL C 360 -10.36 -42.37 -32.32
C VAL C 360 -11.65 -42.21 -33.12
N THR C 361 -12.66 -42.98 -32.75
CA THR C 361 -13.93 -42.96 -33.46
C THR C 361 -15.09 -42.49 -32.55
N LEU C 362 -16.03 -41.70 -33.06
CA LEU C 362 -17.20 -41.22 -32.31
C LEU C 362 -18.38 -41.86 -32.93
N LEU C 363 -19.10 -42.59 -32.16
CA LEU C 363 -20.25 -43.27 -32.69
C LEU C 363 -21.38 -43.37 -31.67
N GLU C 364 -22.48 -43.97 -32.13
CA GLU C 364 -23.61 -44.21 -31.27
C GLU C 364 -23.30 -45.44 -30.45
N ALA C 365 -23.56 -45.33 -29.15
CA ALA C 365 -23.35 -46.42 -28.23
C ALA C 365 -23.75 -47.77 -28.86
N SER C 366 -24.98 -47.82 -29.38
CA SER C 366 -25.58 -48.97 -30.07
C SER C 366 -24.75 -49.59 -31.18
N ALA C 367 -23.82 -48.85 -31.76
CA ALA C 367 -23.08 -49.41 -32.88
C ALA C 367 -21.72 -49.93 -32.46
N ALA C 368 -21.30 -49.54 -31.26
CA ALA C 368 -20.01 -50.03 -30.80
C ALA C 368 -19.67 -51.36 -31.46
N PRO C 369 -20.51 -52.37 -31.15
CA PRO C 369 -20.38 -53.76 -31.60
C PRO C 369 -20.16 -54.00 -33.09
N HIS C 370 -21.08 -53.49 -33.91
CA HIS C 370 -21.00 -53.67 -35.36
C HIS C 370 -19.74 -53.01 -35.87
N ALA C 371 -19.46 -51.88 -35.28
CA ALA C 371 -18.31 -51.12 -35.66
C ALA C 371 -17.06 -51.95 -35.45
N MSE C 372 -16.92 -52.58 -34.28
CA MSE C 372 -15.74 -53.39 -34.05
C MSE C 372 -15.64 -54.61 -34.97
O MSE C 372 -14.56 -55.06 -35.35
CB MSE C 372 -15.67 -53.79 -32.62
CG MSE C 372 -15.86 -52.69 -31.62
SE MSE C 372 -15.38 -53.24 -29.83
CE MSE C 372 -17.16 -53.25 -29.15
N ARG C 373 -16.80 -55.13 -35.35
CA ARG C 373 -16.82 -56.27 -36.23
C ARG C 373 -16.30 -55.86 -37.60
N HIS C 374 -17.02 -54.94 -38.18
CA HIS C 374 -16.64 -54.50 -39.49
C HIS C 374 -15.18 -54.15 -39.56
N ILE C 375 -14.80 -53.20 -38.73
CA ILE C 375 -13.44 -52.71 -38.68
C ILE C 375 -12.41 -53.80 -38.66
N GLN C 376 -12.62 -54.76 -37.78
CA GLN C 376 -11.68 -55.87 -37.67
C GLN C 376 -11.74 -56.65 -38.96
N GLU C 377 -13.00 -56.83 -39.42
CA GLU C 377 -13.28 -57.56 -40.63
C GLU C 377 -12.45 -57.02 -41.79
N HIS C 378 -12.41 -55.70 -41.87
CA HIS C 378 -11.71 -54.99 -42.91
C HIS C 378 -10.30 -54.51 -42.57
N TYR C 379 -9.74 -55.03 -41.49
CA TYR C 379 -8.40 -54.68 -41.14
C TYR C 379 -7.46 -55.88 -41.32
N GLY C 380 -6.51 -55.66 -42.23
CA GLY C 380 -5.48 -56.63 -42.56
C GLY C 380 -4.36 -56.61 -41.54
N GLY C 381 -4.75 -56.83 -40.32
CA GLY C 381 -3.85 -56.87 -39.20
C GLY C 381 -4.67 -57.25 -38.02
N THR C 382 -4.15 -57.02 -36.84
CA THR C 382 -4.98 -57.32 -35.73
C THR C 382 -5.17 -56.17 -34.79
N ALA C 383 -6.28 -55.49 -34.99
CA ALA C 383 -6.58 -54.33 -34.19
C ALA C 383 -7.02 -54.65 -32.77
N THR C 384 -6.75 -53.72 -31.85
CA THR C 384 -7.16 -53.81 -30.45
C THR C 384 -8.26 -52.77 -30.25
N PHE C 385 -9.23 -53.07 -29.40
CA PHE C 385 -10.28 -52.09 -29.21
C PHE C 385 -10.47 -51.68 -27.77
N TYR C 386 -10.55 -50.35 -27.55
CA TYR C 386 -10.89 -49.72 -26.25
C TYR C 386 -12.16 -48.89 -26.40
N LEU C 387 -13.10 -49.10 -25.49
CA LEU C 387 -14.32 -48.30 -25.41
C LEU C 387 -14.14 -47.35 -24.24
N SER C 388 -14.03 -46.07 -24.51
CA SER C 388 -13.63 -45.15 -23.49
C SER C 388 -14.65 -44.13 -23.01
N GLN C 389 -14.31 -43.57 -21.84
CA GLN C 389 -15.03 -42.54 -21.07
C GLN C 389 -14.07 -41.46 -20.54
N ALA C 390 -14.35 -40.16 -20.71
CA ALA C 390 -13.38 -39.22 -20.19
C ALA C 390 -12.98 -39.62 -18.78
N ALA C 391 -11.72 -39.48 -18.43
CA ALA C 391 -11.34 -39.91 -17.11
C ALA C 391 -10.69 -38.85 -16.25
N ASP C 392 -10.23 -39.26 -15.05
CA ASP C 392 -9.65 -38.29 -14.17
C ASP C 392 -8.22 -37.94 -14.47
N GLY C 393 -7.74 -36.84 -13.91
CA GLY C 393 -6.35 -36.44 -14.10
C GLY C 393 -5.43 -37.19 -13.17
N ALA C 394 -4.22 -36.70 -13.03
CA ALA C 394 -3.27 -37.36 -12.13
C ALA C 394 -3.76 -37.37 -10.69
N LYS C 395 -3.51 -38.46 -9.96
CA LYS C 395 -3.92 -38.51 -8.56
C LYS C 395 -2.99 -39.22 -7.55
N VAL C 396 -3.19 -38.88 -6.29
CA VAL C 396 -2.45 -39.51 -5.24
C VAL C 396 -3.21 -40.72 -4.77
N LEU C 397 -2.46 -41.76 -4.58
CA LEU C 397 -3.03 -42.98 -4.14
C LEU C 397 -2.59 -43.29 -2.77
N CYS C 398 -3.61 -43.54 -1.99
CA CYS C 398 -3.45 -43.88 -0.63
C CYS C 398 -3.24 -45.37 -0.52
N LEU C 399 -2.02 -45.72 -0.10
CA LEU C 399 -1.63 -47.11 0.06
C LEU C 399 -2.01 -47.65 1.43
N HIS D 8 -4.31 -4.73 10.53
CA HIS D 8 -3.09 -4.56 9.75
C HIS D 8 -2.39 -5.91 9.35
N ALA D 9 -2.77 -7.00 10.03
CA ALA D 9 -2.19 -8.32 9.83
C ALA D 9 -3.16 -9.24 9.12
N ALA D 10 -2.60 -10.21 8.43
CA ALA D 10 -3.43 -11.16 7.76
C ALA D 10 -3.47 -12.40 8.57
N LEU D 11 -4.61 -13.06 8.51
CA LEU D 11 -4.78 -14.27 9.24
C LEU D 11 -3.97 -15.39 8.64
N ARG D 12 -3.23 -16.07 9.49
CA ARG D 12 -2.42 -17.17 9.00
C ARG D 12 -3.25 -18.42 8.75
N GLN D 13 -3.50 -18.73 7.48
CA GLN D 13 -4.25 -19.90 7.06
C GLN D 13 -3.45 -21.17 7.25
N PRO D 14 -3.99 -22.10 8.04
CA PRO D 14 -3.30 -23.35 8.30
C PRO D 14 -3.31 -24.18 7.04
N GLN D 15 -2.18 -24.85 6.78
CA GLN D 15 -1.99 -25.73 5.66
C GLN D 15 -2.36 -27.17 6.01
N VAL D 16 -2.75 -27.96 5.02
CA VAL D 16 -3.24 -29.28 5.29
C VAL D 16 -2.62 -29.93 6.48
N ALA D 17 -1.35 -30.24 6.30
CA ALA D 17 -0.64 -30.91 7.37
C ALA D 17 -1.05 -30.48 8.79
N GLU D 18 -1.14 -29.17 9.11
CA GLU D 18 -1.54 -28.83 10.46
C GLU D 18 -2.98 -29.18 10.69
N LEU D 19 -3.79 -28.86 9.69
CA LEU D 19 -5.21 -29.10 9.83
C LEU D 19 -5.41 -30.56 10.16
N LEU D 20 -4.81 -31.40 9.32
CA LEU D 20 -4.87 -32.85 9.45
C LEU D 20 -4.37 -33.37 10.77
N ALA D 21 -3.41 -32.69 11.37
CA ALA D 21 -2.95 -33.09 12.67
C ALA D 21 -4.02 -32.82 13.71
N GLU D 22 -4.56 -31.60 13.72
CA GLU D 22 -5.65 -31.20 14.60
C GLU D 22 -6.72 -32.28 14.56
N ALA D 23 -7.06 -32.67 13.33
CA ALA D 23 -8.08 -33.67 13.08
C ALA D 23 -7.74 -35.00 13.68
N ARG D 24 -6.49 -35.43 13.52
CA ARG D 24 -6.04 -36.67 14.13
C ARG D 24 -6.10 -36.61 15.67
N ARG D 25 -5.54 -35.53 16.22
CA ARG D 25 -5.47 -35.29 17.65
C ARG D 25 -6.83 -35.47 18.25
N ALA D 26 -7.71 -34.57 17.83
CA ALA D 26 -9.09 -34.52 18.25
C ALA D 26 -9.72 -35.88 18.26
N PHE D 27 -9.43 -36.61 17.18
CA PHE D 27 -9.91 -37.94 16.93
C PHE D 27 -9.34 -38.93 17.91
N ARG D 28 -7.99 -38.97 18.01
CA ARG D 28 -7.33 -39.86 18.95
C ARG D 28 -7.82 -39.55 20.32
N GLU D 29 -8.37 -38.39 20.49
CA GLU D 29 -8.91 -38.04 21.76
C GLU D 29 -10.29 -38.65 21.92
N GLU D 30 -11.20 -38.14 21.13
CA GLU D 30 -12.58 -38.56 21.11
C GLU D 30 -12.85 -40.05 21.02
N PHE D 31 -12.30 -40.72 20.01
CA PHE D 31 -12.66 -42.10 19.80
C PHE D 31 -11.70 -43.01 20.39
N GLY D 32 -10.65 -42.42 20.87
CA GLY D 32 -9.62 -43.19 21.53
C GLY D 32 -8.87 -44.09 20.57
N ALA D 33 -8.72 -43.64 19.33
CA ALA D 33 -7.94 -44.41 18.36
C ALA D 33 -7.52 -43.55 17.24
N GLU D 34 -6.62 -44.08 16.45
CA GLU D 34 -6.19 -43.36 15.29
C GLU D 34 -7.18 -43.55 14.16
N PRO D 35 -7.40 -42.46 13.46
CA PRO D 35 -8.31 -42.44 12.38
C PRO D 35 -7.71 -43.15 11.21
N GLU D 36 -8.58 -43.86 10.53
CA GLU D 36 -8.21 -44.63 9.36
C GLU D 36 -8.27 -43.81 8.08
N LEU D 37 -9.24 -42.89 7.98
CA LEU D 37 -9.41 -42.11 6.77
C LEU D 37 -9.44 -40.59 6.99
N ALA D 38 -8.97 -39.85 5.95
CA ALA D 38 -8.88 -38.39 5.94
C ALA D 38 -9.16 -37.78 4.58
N VAL D 39 -9.82 -36.61 4.61
CA VAL D 39 -10.20 -35.85 3.44
C VAL D 39 -10.35 -34.33 3.66
N SER D 40 -10.21 -33.56 2.59
CA SER D 40 -10.33 -32.14 2.74
C SER D 40 -11.16 -31.54 1.66
N ALA D 41 -11.97 -30.57 2.05
CA ALA D 41 -12.76 -29.81 1.13
C ALA D 41 -12.57 -28.36 1.48
N PRO D 42 -12.41 -27.54 0.46
CA PRO D 42 -12.04 -26.15 0.65
C PRO D 42 -13.23 -25.25 0.55
N GLY D 43 -13.08 -24.08 1.16
CA GLY D 43 -14.09 -23.04 1.10
C GLY D 43 -13.95 -22.22 -0.20
N ARG D 44 -14.57 -21.05 -0.27
CA ARG D 44 -14.40 -20.33 -1.50
C ARG D 44 -14.93 -18.93 -1.51
N VAL D 45 -14.23 -18.05 -2.27
CA VAL D 45 -14.70 -16.69 -2.48
C VAL D 45 -15.01 -16.47 -3.93
N ASN D 46 -16.19 -15.96 -4.18
CA ASN D 46 -16.63 -15.65 -5.53
C ASN D 46 -16.25 -14.23 -5.79
N LEU D 47 -15.49 -14.05 -6.87
CA LEU D 47 -15.03 -12.75 -7.29
C LEU D 47 -16.09 -11.99 -8.02
N ILE D 48 -16.95 -12.69 -8.71
CA ILE D 48 -18.05 -12.06 -9.41
C ILE D 48 -19.12 -13.05 -9.86
N GLY D 49 -20.37 -12.60 -10.00
CA GLY D 49 -21.47 -13.49 -10.37
C GLY D 49 -22.29 -13.89 -9.13
N GLU D 50 -22.62 -12.89 -8.35
CA GLU D 50 -23.38 -13.15 -7.17
C GLU D 50 -24.85 -13.30 -7.47
N HIS D 51 -25.49 -14.33 -6.91
CA HIS D 51 -26.93 -14.55 -7.12
C HIS D 51 -27.35 -14.80 -8.57
N THR D 52 -26.45 -15.37 -9.34
CA THR D 52 -26.70 -15.65 -10.76
C THR D 52 -26.89 -17.13 -10.89
N ASP D 53 -26.27 -17.81 -9.92
CA ASP D 53 -26.28 -19.23 -9.92
C ASP D 53 -27.60 -19.88 -10.04
N TYR D 54 -28.47 -19.73 -9.09
CA TYR D 54 -29.73 -20.37 -9.31
C TYR D 54 -30.49 -19.89 -10.56
N ASN D 55 -29.95 -18.89 -11.26
CA ASN D 55 -30.60 -18.34 -12.47
C ASN D 55 -29.96 -18.81 -13.79
N GLN D 56 -29.10 -19.85 -13.64
CA GLN D 56 -28.31 -20.46 -14.70
C GLN D 56 -27.35 -19.48 -15.31
N GLY D 57 -26.87 -18.53 -14.53
CA GLY D 57 -25.96 -17.55 -15.04
C GLY D 57 -24.56 -18.01 -14.89
N LEU D 58 -23.64 -17.07 -14.85
CA LEU D 58 -22.24 -17.37 -14.74
C LEU D 58 -21.65 -16.88 -13.48
N VAL D 59 -20.65 -17.60 -13.03
CA VAL D 59 -19.99 -17.28 -11.77
C VAL D 59 -18.51 -17.41 -11.90
N LEU D 60 -17.82 -16.66 -11.06
CA LEU D 60 -16.38 -16.65 -11.09
C LEU D 60 -15.77 -16.72 -9.72
N PRO D 61 -15.85 -17.92 -9.17
CA PRO D 61 -15.28 -18.20 -7.87
C PRO D 61 -13.84 -18.72 -7.96
N MSE D 62 -13.27 -18.94 -6.78
CA MSE D 62 -11.95 -19.50 -6.66
C MSE D 62 -11.85 -20.16 -5.30
O MSE D 62 -12.31 -19.64 -4.29
CB MSE D 62 -10.82 -18.52 -6.92
CG MSE D 62 -10.08 -18.06 -5.68
SE MSE D 62 -9.04 -16.43 -5.91
CE MSE D 62 -8.18 -16.41 -4.23
N ALA D 63 -11.33 -21.37 -5.33
CA ALA D 63 -11.22 -22.16 -4.14
C ALA D 63 -10.25 -21.51 -3.20
N LEU D 64 -10.39 -21.75 -1.86
CA LEU D 64 -9.57 -21.09 -0.85
C LEU D 64 -8.70 -21.96 -0.03
N GLU D 65 -7.65 -21.38 0.47
CA GLU D 65 -6.76 -22.10 1.31
C GLU D 65 -7.47 -22.42 2.61
N LEU D 66 -8.64 -21.83 2.76
CA LEU D 66 -9.42 -22.13 3.94
C LEU D 66 -10.12 -23.41 3.64
N MSE D 67 -10.25 -24.28 4.62
CA MSE D 67 -10.89 -25.50 4.26
C MSE D 67 -11.32 -26.36 5.39
O MSE D 67 -10.99 -26.14 6.55
CB MSE D 67 -9.89 -26.30 3.47
CG MSE D 67 -8.72 -26.78 4.31
SE MSE D 67 -7.39 -27.89 3.40
CE MSE D 67 -5.86 -27.44 4.45
N THR D 68 -12.01 -27.41 4.98
CA THR D 68 -12.48 -28.40 5.87
C THR D 68 -11.75 -29.68 5.67
N VAL D 69 -11.43 -30.25 6.81
CA VAL D 69 -10.81 -31.53 6.89
C VAL D 69 -11.61 -32.41 7.78
N LEU D 70 -11.73 -33.62 7.33
CA LEU D 70 -12.51 -34.60 8.00
C LEU D 70 -11.84 -35.97 8.00
N VAL D 71 -11.44 -36.40 9.17
CA VAL D 71 -10.85 -37.71 9.26
C VAL D 71 -11.79 -38.63 9.98
N GLY D 72 -11.75 -39.90 9.63
CA GLY D 72 -12.68 -40.77 10.27
C GLY D 72 -12.36 -42.22 10.01
N SER D 73 -13.21 -43.04 10.58
CA SER D 73 -13.05 -44.45 10.49
C SER D 73 -14.38 -45.14 10.51
N PRO D 74 -14.44 -46.20 9.74
CA PRO D 74 -15.64 -46.98 9.60
C PRO D 74 -16.13 -47.58 10.91
N ARG D 75 -17.27 -48.20 10.80
CA ARG D 75 -17.79 -48.88 11.95
C ARG D 75 -18.48 -50.16 11.61
N LYS D 76 -18.14 -51.17 12.35
CA LYS D 76 -18.80 -52.42 12.20
C LYS D 76 -20.02 -52.31 13.11
N ASP D 77 -20.11 -51.12 13.69
CA ASP D 77 -21.09 -50.71 14.71
C ASP D 77 -22.53 -50.42 14.27
N GLY D 78 -22.75 -50.05 13.00
CA GLY D 78 -24.09 -49.71 12.50
C GLY D 78 -24.55 -48.21 12.64
N LEU D 79 -23.80 -47.40 13.36
CA LEU D 79 -24.27 -46.06 13.54
C LEU D 79 -23.33 -45.06 12.97
N VAL D 80 -23.65 -43.82 13.29
CA VAL D 80 -22.90 -42.66 12.88
C VAL D 80 -22.72 -41.72 14.05
N SER D 81 -21.46 -41.42 14.35
CA SER D 81 -21.16 -40.41 15.36
C SER D 81 -20.14 -39.41 14.87
N LEU D 82 -20.49 -38.12 15.01
CA LEU D 82 -19.68 -37.01 14.56
C LEU D 82 -19.25 -36.08 15.67
N LEU D 83 -18.13 -35.34 15.45
CA LEU D 83 -17.66 -34.30 16.36
C LEU D 83 -17.19 -33.12 15.58
N THR D 84 -17.74 -31.96 15.88
CA THR D 84 -17.27 -30.76 15.21
C THR D 84 -16.31 -30.13 16.11
N THR D 85 -15.33 -29.56 15.51
CA THR D 85 -14.36 -28.89 16.27
C THR D 85 -14.62 -27.39 16.31
N SER D 86 -15.56 -26.99 15.46
CA SER D 86 -15.98 -25.61 15.38
C SER D 86 -16.74 -25.12 16.59
N GLU D 87 -16.41 -23.91 17.01
CA GLU D 87 -17.02 -23.25 18.15
C GLU D 87 -18.32 -22.54 17.78
N GLY D 88 -18.30 -21.96 16.55
CA GLY D 88 -19.36 -21.14 15.89
C GLY D 88 -20.58 -21.90 15.36
N ALA D 89 -20.58 -23.17 15.71
CA ALA D 89 -21.63 -24.07 15.35
C ALA D 89 -22.71 -24.00 16.35
N ASP D 90 -23.64 -24.84 16.06
CA ASP D 90 -24.81 -25.12 16.84
C ASP D 90 -24.46 -25.98 18.06
N GLU D 91 -25.20 -25.80 19.16
CA GLU D 91 -25.04 -26.63 20.34
C GLU D 91 -25.88 -27.87 20.15
N PRO D 92 -25.34 -29.07 20.34
CA PRO D 92 -24.03 -29.38 20.84
C PRO D 92 -23.10 -29.61 19.68
N GLN D 93 -21.83 -29.81 20.01
CA GLN D 93 -20.75 -30.01 19.04
C GLN D 93 -20.70 -31.43 18.53
N ARG D 94 -21.37 -32.29 19.30
CA ARG D 94 -21.44 -33.71 19.02
C ARG D 94 -22.83 -34.15 18.57
N LEU D 95 -22.82 -35.28 17.90
CA LEU D 95 -23.99 -35.92 17.38
C LEU D 95 -23.68 -37.28 16.82
N GLN D 96 -24.56 -38.17 17.25
CA GLN D 96 -24.57 -39.58 17.03
C GLN D 96 -25.97 -39.93 16.59
N PHE D 97 -26.03 -40.76 15.58
CA PHE D 97 -27.33 -41.16 15.12
C PHE D 97 -27.23 -42.40 14.23
N PRO D 98 -28.30 -43.19 14.19
CA PRO D 98 -28.31 -44.41 13.42
C PRO D 98 -28.41 -44.14 11.93
N LEU D 99 -27.73 -44.97 11.15
CA LEU D 99 -27.71 -44.90 9.69
C LEU D 99 -29.11 -45.02 9.10
N PRO D 100 -29.31 -44.63 7.83
CA PRO D 100 -30.62 -44.72 7.18
C PRO D 100 -30.98 -46.12 6.69
N THR D 101 -32.29 -46.36 6.58
CA THR D 101 -32.84 -47.65 6.16
C THR D 101 -34.02 -47.53 5.22
N ALA D 102 -34.60 -48.69 4.97
CA ALA D 102 -35.81 -48.75 4.21
C ALA D 102 -36.83 -48.07 5.08
N GLN D 103 -37.32 -48.84 6.04
CA GLN D 103 -38.24 -48.25 6.93
C GLN D 103 -37.77 -46.84 7.25
N ARG D 104 -36.73 -46.76 8.10
CA ARG D 104 -36.17 -45.51 8.59
C ARG D 104 -35.37 -44.68 7.56
N SER D 105 -35.57 -43.34 7.66
CA SER D 105 -34.93 -42.29 6.86
C SER D 105 -34.45 -41.17 7.78
N LEU D 106 -33.22 -40.66 7.53
CA LEU D 106 -32.65 -39.57 8.31
C LEU D 106 -33.51 -38.31 8.23
N GLU D 107 -33.65 -37.58 9.31
CA GLU D 107 -34.45 -36.38 9.18
C GLU D 107 -33.70 -35.22 9.75
N PRO D 108 -33.95 -34.04 9.20
CA PRO D 108 -33.33 -32.85 9.72
C PRO D 108 -33.63 -32.74 11.19
N GLY D 109 -32.75 -32.04 11.90
CA GLY D 109 -32.96 -31.87 13.29
C GLY D 109 -32.08 -30.84 13.93
N THR D 110 -31.56 -31.27 15.04
CA THR D 110 -30.73 -30.45 15.83
C THR D 110 -29.73 -31.34 16.47
N PRO D 111 -28.47 -30.88 16.52
CA PRO D 111 -28.13 -29.57 16.04
C PRO D 111 -28.22 -29.46 14.54
N ARG D 112 -28.34 -28.22 14.13
CA ARG D 112 -28.47 -27.84 12.75
C ARG D 112 -27.25 -28.10 11.86
N TRP D 113 -26.07 -27.79 12.33
CA TRP D 113 -24.92 -28.04 11.50
C TRP D 113 -24.99 -29.44 10.93
N ALA D 114 -25.40 -30.37 11.78
CA ALA D 114 -25.50 -31.77 11.43
C ALA D 114 -26.30 -32.04 10.17
N ASN D 115 -27.24 -31.17 9.95
CA ASN D 115 -28.14 -31.29 8.83
C ASN D 115 -27.43 -31.48 7.49
N TYR D 116 -26.29 -30.81 7.39
CA TYR D 116 -25.46 -30.93 6.22
C TYR D 116 -24.96 -32.35 6.04
N VAL D 117 -24.53 -32.92 7.15
CA VAL D 117 -24.03 -34.28 7.11
C VAL D 117 -25.11 -35.29 6.79
N LYS D 118 -26.26 -35.07 7.39
CA LYS D 118 -27.35 -35.96 7.20
C LYS D 118 -27.80 -35.93 5.78
N GLY D 119 -27.94 -34.74 5.26
CA GLY D 119 -28.34 -34.60 3.85
C GLY D 119 -27.44 -35.44 2.96
N VAL D 120 -26.15 -35.24 3.07
CA VAL D 120 -25.19 -36.00 2.25
C VAL D 120 -25.25 -37.48 2.48
N ILE D 121 -25.40 -37.86 3.72
CA ILE D 121 -25.49 -39.26 4.05
C ILE D 121 -26.77 -39.78 3.43
N GLN D 122 -27.83 -39.01 3.53
CA GLN D 122 -29.10 -39.47 2.99
C GLN D 122 -29.11 -39.78 1.51
N TYR D 123 -28.37 -38.97 0.74
CA TYR D 123 -28.37 -39.06 -0.72
C TYR D 123 -27.21 -39.69 -1.43
N TYR D 124 -26.21 -40.24 -0.72
CA TYR D 124 -25.10 -40.91 -1.40
C TYR D 124 -25.65 -41.94 -2.39
N PRO D 125 -25.17 -41.93 -3.64
CA PRO D 125 -25.75 -42.82 -4.63
C PRO D 125 -25.37 -44.26 -4.50
N ALA D 126 -24.27 -44.50 -3.82
CA ALA D 126 -23.72 -45.84 -3.73
C ALA D 126 -23.90 -46.60 -2.40
N ALA D 127 -23.42 -47.86 -2.38
CA ALA D 127 -23.57 -48.78 -1.25
C ALA D 127 -22.66 -50.01 -1.31
N PRO D 128 -22.47 -50.71 -0.18
CA PRO D 128 -23.08 -50.31 1.07
C PRO D 128 -22.25 -49.30 1.84
N LEU D 129 -22.99 -48.44 2.51
CA LEU D 129 -22.37 -47.41 3.28
C LEU D 129 -22.37 -47.83 4.74
N PRO D 130 -21.16 -48.04 5.26
CA PRO D 130 -20.95 -48.40 6.64
C PRO D 130 -21.17 -47.22 7.57
N GLY D 131 -21.31 -47.52 8.88
CA GLY D 131 -21.37 -46.52 9.92
C GLY D 131 -19.94 -46.02 10.15
N PHE D 132 -19.80 -44.83 10.72
CA PHE D 132 -18.45 -44.33 10.90
C PHE D 132 -18.28 -43.41 12.07
N SER D 133 -17.00 -43.19 12.34
CA SER D 133 -16.56 -42.24 13.32
C SER D 133 -15.85 -41.13 12.55
N ALA D 134 -16.30 -39.90 12.77
CA ALA D 134 -15.77 -38.76 12.07
C ALA D 134 -15.60 -37.52 12.96
N VAL D 135 -14.55 -36.77 12.63
CA VAL D 135 -14.23 -35.48 13.27
C VAL D 135 -14.09 -34.40 12.18
N VAL D 136 -14.79 -33.25 12.37
CA VAL D 136 -14.72 -32.13 11.44
C VAL D 136 -13.84 -31.01 11.94
N VAL D 137 -12.87 -30.70 11.09
CA VAL D 137 -11.97 -29.60 11.32
C VAL D 137 -12.06 -28.66 10.13
N SER D 138 -12.07 -27.36 10.41
CA SER D 138 -12.18 -26.37 9.37
C SER D 138 -11.46 -25.07 9.70
N SER D 139 -11.18 -24.29 8.68
CA SER D 139 -10.50 -23.01 8.79
C SER D 139 -11.40 -21.96 8.19
N VAL D 140 -12.42 -22.47 7.51
CA VAL D 140 -13.43 -21.63 6.98
C VAL D 140 -14.27 -21.17 8.14
N PRO D 141 -14.66 -19.93 8.07
CA PRO D 141 -15.41 -19.28 9.10
C PRO D 141 -16.90 -19.41 8.79
N LEU D 142 -17.65 -19.87 9.78
CA LEU D 142 -19.07 -20.12 9.63
C LEU D 142 -19.89 -18.90 9.34
N GLY D 143 -20.70 -19.00 8.31
CA GLY D 143 -21.54 -17.92 7.90
C GLY D 143 -20.73 -16.69 7.54
N GLY D 144 -19.59 -16.91 6.90
CA GLY D 144 -18.70 -15.85 6.46
C GLY D 144 -18.87 -15.44 5.02
N GLY D 145 -19.65 -16.20 4.27
CA GLY D 145 -19.85 -15.89 2.86
C GLY D 145 -18.86 -16.63 2.00
N LEU D 146 -18.02 -17.41 2.66
CA LEU D 146 -16.99 -18.21 2.02
C LEU D 146 -17.32 -19.70 1.91
N SER D 147 -18.58 -19.98 1.99
CA SER D 147 -19.08 -21.30 1.85
C SER D 147 -18.52 -22.29 2.82
N SER D 148 -18.93 -22.18 4.08
CA SER D 148 -18.55 -23.22 5.02
C SER D 148 -19.47 -24.45 4.83
N SER D 149 -20.53 -24.19 4.11
CA SER D 149 -21.52 -25.19 3.82
C SER D 149 -21.06 -26.17 2.77
N ALA D 150 -20.70 -25.68 1.59
CA ALA D 150 -20.29 -26.63 0.60
C ALA D 150 -19.01 -27.33 1.00
N SER D 151 -18.16 -26.57 1.62
CA SER D 151 -16.93 -27.12 2.07
C SER D 151 -17.22 -28.33 2.94
N LEU D 152 -18.24 -28.18 3.76
CA LEU D 152 -18.66 -29.20 4.70
C LEU D 152 -19.31 -30.40 4.00
N GLU D 153 -20.17 -30.12 3.02
CA GLU D 153 -20.84 -31.17 2.26
C GLU D 153 -19.85 -31.95 1.41
N VAL D 154 -19.07 -31.20 0.68
CA VAL D 154 -18.10 -31.80 -0.18
C VAL D 154 -17.15 -32.66 0.62
N ALA D 155 -16.72 -32.14 1.77
CA ALA D 155 -15.83 -32.89 2.60
C ALA D 155 -16.49 -34.21 2.98
N THR D 156 -17.78 -34.14 3.37
CA THR D 156 -18.55 -35.33 3.77
C THR D 156 -18.64 -36.31 2.63
N TYR D 157 -19.08 -35.77 1.52
CA TYR D 157 -19.23 -36.59 0.36
C TYR D 157 -17.95 -37.35 0.05
N THR D 158 -16.88 -36.63 0.02
CA THR D 158 -15.57 -37.17 -0.23
C THR D 158 -15.22 -38.31 0.72
N PHE D 159 -15.63 -38.15 1.96
CA PHE D 159 -15.39 -39.16 2.94
C PHE D 159 -16.16 -40.43 2.63
N LEU D 160 -17.44 -40.25 2.49
CA LEU D 160 -18.24 -41.39 2.21
C LEU D 160 -17.63 -42.20 1.09
N GLN D 161 -17.11 -41.49 0.06
CA GLN D 161 -16.41 -42.07 -1.11
C GLN D 161 -15.31 -43.00 -0.68
N GLN D 162 -14.83 -42.75 0.51
CA GLN D 162 -13.77 -43.55 1.08
C GLN D 162 -14.39 -44.75 1.78
N LEU D 163 -15.66 -44.58 2.20
CA LEU D 163 -16.40 -45.66 2.84
C LEU D 163 -17.05 -46.52 1.79
N CYS D 164 -17.41 -45.91 0.67
CA CYS D 164 -18.10 -46.68 -0.33
C CYS D 164 -18.04 -46.04 -1.72
N PRO D 165 -16.81 -45.90 -2.22
CA PRO D 165 -16.53 -45.31 -3.50
C PRO D 165 -17.73 -45.44 -4.40
N ASP D 166 -18.00 -44.37 -5.13
CA ASP D 166 -19.10 -44.40 -6.04
C ASP D 166 -18.61 -44.49 -7.47
N SER D 167 -19.57 -44.54 -8.36
CA SER D 167 -19.35 -44.62 -9.77
C SER D 167 -20.19 -43.58 -10.47
N GLY D 168 -19.73 -42.35 -10.57
CA GLY D 168 -20.60 -41.39 -11.24
C GLY D 168 -19.94 -40.07 -11.57
N THR D 169 -20.74 -39.21 -12.17
CA THR D 169 -20.18 -37.95 -12.55
C THR D 169 -20.00 -37.01 -11.39
N ILE D 170 -19.07 -36.10 -11.60
CA ILE D 170 -18.76 -35.07 -10.64
C ILE D 170 -20.01 -34.22 -10.41
N ALA D 171 -20.63 -33.86 -11.52
CA ALA D 171 -21.86 -33.10 -11.46
C ALA D 171 -22.71 -33.71 -10.42
N ALA D 172 -22.94 -34.95 -10.71
CA ALA D 172 -23.75 -35.78 -9.89
C ALA D 172 -23.43 -35.59 -8.44
N ARG D 173 -22.15 -35.30 -8.16
CA ARG D 173 -21.66 -35.14 -6.80
C ARG D 173 -22.11 -33.84 -6.18
N ALA D 174 -21.94 -32.78 -6.94
CA ALA D 174 -22.39 -31.51 -6.49
C ALA D 174 -23.87 -31.63 -6.17
N GLN D 175 -24.59 -32.04 -7.18
CA GLN D 175 -26.01 -32.26 -7.10
C GLN D 175 -26.49 -32.99 -5.85
N VAL D 176 -25.66 -33.82 -5.32
CA VAL D 176 -26.08 -34.55 -4.16
C VAL D 176 -25.97 -33.65 -2.97
N CYS D 177 -24.94 -32.83 -3.04
CA CYS D 177 -24.68 -31.88 -1.99
C CYS D 177 -25.72 -30.80 -2.01
N GLN D 178 -25.98 -30.31 -3.18
CA GLN D 178 -26.95 -29.26 -3.32
C GLN D 178 -28.30 -29.68 -2.76
N GLN D 179 -28.67 -30.92 -3.05
CA GLN D 179 -29.90 -31.53 -2.59
C GLN D 179 -29.91 -31.61 -1.06
N ALA D 180 -28.78 -32.05 -0.49
CA ALA D 180 -28.62 -32.11 0.95
C ALA D 180 -29.04 -30.80 1.59
N GLU D 181 -28.41 -29.73 1.12
CA GLU D 181 -28.64 -28.36 1.56
C GLU D 181 -30.09 -27.96 1.42
N HIS D 182 -30.62 -28.28 0.28
CA HIS D 182 -31.98 -27.95 0.01
C HIS D 182 -32.95 -28.61 0.97
N SER D 183 -32.90 -29.94 1.03
CA SER D 183 -33.85 -30.75 1.75
C SER D 183 -33.59 -30.83 3.20
N PHE D 184 -32.30 -30.90 3.49
CA PHE D 184 -31.84 -31.10 4.85
C PHE D 184 -31.58 -29.84 5.60
N ALA D 185 -30.95 -28.91 4.90
CA ALA D 185 -30.57 -27.64 5.49
C ALA D 185 -31.56 -26.51 5.21
N GLY D 186 -32.64 -26.83 4.48
CA GLY D 186 -33.68 -25.88 4.10
C GLY D 186 -33.19 -24.59 3.43
N MSE D 187 -32.12 -24.72 2.65
CA MSE D 187 -31.49 -23.63 1.93
C MSE D 187 -31.44 -23.97 0.45
O MSE D 187 -30.64 -24.80 0.03
CB MSE D 187 -30.08 -23.52 2.46
CG MSE D 187 -29.68 -22.17 2.99
SE MSE D 187 -30.09 -20.69 1.81
CE MSE D 187 -28.30 -20.24 1.27
N PRO D 188 -32.31 -23.36 -0.34
CA PRO D 188 -32.41 -23.61 -1.78
C PRO D 188 -31.28 -22.95 -2.56
N CYS D 189 -30.06 -23.36 -2.28
CA CYS D 189 -28.94 -22.77 -3.00
C CYS D 189 -28.88 -23.12 -4.51
N GLY D 190 -27.86 -22.59 -5.16
CA GLY D 190 -27.59 -22.84 -6.55
C GLY D 190 -26.53 -23.94 -6.64
N ILE D 191 -25.69 -23.88 -7.66
CA ILE D 191 -24.69 -24.93 -7.88
C ILE D 191 -23.24 -24.57 -7.61
N MSE D 192 -22.94 -23.28 -7.66
CA MSE D 192 -21.57 -22.80 -7.61
C MSE D 192 -20.65 -23.39 -6.58
O MSE D 192 -19.48 -23.69 -6.84
CB MSE D 192 -21.52 -21.31 -7.44
CG MSE D 192 -20.16 -20.81 -7.04
SE MSE D 192 -20.16 -18.88 -6.88
CE MSE D 192 -21.65 -18.63 -5.67
N ASP D 193 -21.18 -23.43 -5.39
CA ASP D 193 -20.53 -23.77 -4.19
C ASP D 193 -19.90 -25.13 -4.19
N GLN D 194 -20.72 -26.09 -4.59
CA GLN D 194 -20.30 -27.48 -4.63
C GLN D 194 -19.31 -27.71 -5.75
N PHE D 195 -19.63 -27.12 -6.90
CA PHE D 195 -18.75 -27.19 -8.04
C PHE D 195 -17.36 -26.82 -7.68
N ILE D 196 -17.20 -25.54 -7.50
CA ILE D 196 -15.93 -25.01 -7.14
C ILE D 196 -15.25 -25.82 -6.07
N SER D 197 -15.97 -26.18 -5.03
CA SER D 197 -15.34 -26.91 -3.97
C SER D 197 -14.69 -28.15 -4.54
N LEU D 198 -15.39 -28.70 -5.51
CA LEU D 198 -15.00 -29.90 -6.21
C LEU D 198 -13.96 -29.71 -7.34
N MSE D 199 -14.32 -28.92 -8.36
CA MSE D 199 -13.43 -28.69 -9.50
C MSE D 199 -12.29 -27.70 -9.27
O MSE D 199 -11.51 -27.42 -10.17
CB MSE D 199 -14.17 -28.08 -10.66
CG MSE D 199 -15.65 -28.30 -10.73
SE MSE D 199 -16.02 -29.50 -12.16
CE MSE D 199 -14.36 -30.50 -12.11
N GLY D 200 -12.23 -27.07 -8.12
CA GLY D 200 -11.20 -26.09 -7.89
C GLY D 200 -9.84 -26.54 -8.37
N GLN D 201 -8.95 -25.59 -8.64
CA GLN D 201 -7.61 -25.89 -9.10
C GLN D 201 -6.61 -24.79 -8.77
N LYS D 202 -5.53 -25.16 -8.09
CA LYS D 202 -4.49 -24.21 -7.71
C LYS D 202 -4.20 -23.21 -8.81
N GLY D 203 -4.16 -21.94 -8.42
CA GLY D 203 -3.84 -20.81 -9.30
C GLY D 203 -4.88 -20.41 -10.36
N HIS D 204 -6.03 -21.04 -10.33
CA HIS D 204 -7.08 -20.74 -11.28
C HIS D 204 -8.33 -20.17 -10.63
N ALA D 205 -9.24 -19.76 -11.48
CA ALA D 205 -10.55 -19.28 -11.10
C ALA D 205 -11.47 -20.04 -12.05
N LEU D 206 -12.75 -20.02 -11.79
CA LEU D 206 -13.54 -20.85 -12.64
C LEU D 206 -14.80 -20.20 -13.15
N LEU D 207 -14.89 -20.08 -14.43
CA LEU D 207 -16.13 -19.57 -14.86
C LEU D 207 -17.07 -20.70 -15.13
N ILE D 208 -18.05 -20.78 -14.30
CA ILE D 208 -18.99 -21.84 -14.45
C ILE D 208 -20.25 -21.33 -15.06
N ASP D 209 -20.72 -22.07 -16.03
CA ASP D 209 -21.96 -21.74 -16.67
C ASP D 209 -22.99 -22.64 -16.03
N CYS D 210 -23.74 -22.09 -15.10
CA CYS D 210 -24.69 -22.85 -14.32
C CYS D 210 -25.84 -23.30 -15.10
N ARG D 211 -25.75 -23.16 -16.35
CA ARG D 211 -26.86 -23.54 -17.17
C ARG D 211 -26.42 -24.74 -17.95
N SER D 212 -25.28 -24.54 -18.56
CA SER D 212 -24.59 -25.53 -19.35
C SER D 212 -23.81 -26.47 -18.47
N LEU D 213 -23.37 -25.92 -17.34
CA LEU D 213 -22.55 -26.63 -16.37
C LEU D 213 -21.15 -26.71 -16.91
N GLU D 214 -20.93 -25.91 -17.94
CA GLU D 214 -19.63 -25.87 -18.54
C GLU D 214 -18.72 -24.90 -17.84
N THR D 215 -17.50 -25.33 -17.66
CA THR D 215 -16.52 -24.58 -16.93
C THR D 215 -15.40 -24.11 -17.80
N SER D 216 -14.72 -23.05 -17.35
CA SER D 216 -13.61 -22.45 -18.06
C SER D 216 -12.61 -22.03 -17.03
N LEU D 217 -11.37 -22.38 -17.23
CA LEU D 217 -10.37 -22.10 -16.23
C LEU D 217 -9.53 -20.89 -16.50
N VAL D 218 -9.56 -20.04 -15.48
CA VAL D 218 -8.92 -18.78 -15.53
C VAL D 218 -7.81 -18.63 -14.53
N PRO D 219 -6.65 -18.51 -15.10
CA PRO D 219 -5.40 -18.33 -14.41
C PRO D 219 -5.27 -17.06 -13.56
N LEU D 220 -5.02 -17.26 -12.25
CA LEU D 220 -4.82 -16.22 -11.27
C LEU D 220 -3.49 -16.34 -10.60
N SER D 221 -2.45 -16.45 -11.39
CA SER D 221 -1.10 -16.64 -10.89
C SER D 221 -0.24 -15.39 -11.00
N ASP D 222 -0.83 -14.23 -10.63
CA ASP D 222 -0.13 -12.93 -10.71
C ASP D 222 0.29 -12.43 -9.33
N PRO D 223 1.59 -12.31 -9.18
CA PRO D 223 2.21 -11.95 -7.94
C PRO D 223 2.12 -10.45 -7.69
N LYS D 224 1.66 -9.73 -8.72
CA LYS D 224 1.51 -8.30 -8.61
C LYS D 224 0.06 -8.00 -8.30
N LEU D 225 -0.71 -9.09 -8.39
CA LEU D 225 -2.11 -9.13 -8.12
C LEU D 225 -2.35 -9.62 -6.70
N ALA D 226 -3.54 -9.40 -6.22
CA ALA D 226 -3.83 -9.79 -4.86
C ALA D 226 -5.31 -9.81 -4.61
N VAL D 227 -5.70 -10.74 -3.74
CA VAL D 227 -7.08 -10.91 -3.35
C VAL D 227 -7.19 -10.63 -1.87
N LEU D 228 -7.95 -9.59 -1.58
CA LEU D 228 -8.14 -9.23 -0.22
C LEU D 228 -9.55 -9.58 0.19
N ILE D 229 -9.63 -10.48 1.17
CA ILE D 229 -10.91 -10.92 1.71
C ILE D 229 -11.12 -10.29 3.05
N THR D 230 -12.19 -9.52 3.14
CA THR D 230 -12.43 -8.84 4.38
C THR D 230 -13.69 -9.24 5.06
N ASN D 231 -13.47 -9.80 6.26
CA ASN D 231 -14.51 -10.29 7.12
C ASN D 231 -15.10 -9.26 8.05
N SER D 232 -16.30 -8.85 7.67
CA SER D 232 -17.06 -7.89 8.43
C SER D 232 -17.24 -8.38 9.85
N ASN D 233 -17.08 -9.69 10.00
CA ASN D 233 -17.26 -10.31 11.28
C ASN D 233 -18.71 -10.16 11.73
N VAL D 234 -19.56 -9.78 10.79
CA VAL D 234 -20.96 -9.65 11.05
C VAL D 234 -21.72 -10.77 10.40
N ARG D 235 -22.44 -11.52 11.21
CA ARG D 235 -23.33 -12.60 10.81
C ARG D 235 -24.77 -12.17 11.17
N HIS D 236 -25.44 -11.47 10.28
CA HIS D 236 -26.77 -11.02 10.67
C HIS D 236 -28.00 -11.84 10.45
N SER D 237 -28.56 -12.26 11.58
CA SER D 237 -29.78 -13.02 11.65
C SER D 237 -29.95 -13.93 10.44
N SER D 240 -31.09 -17.46 6.86
CA SER D 240 -31.57 -16.37 6.00
C SER D 240 -32.84 -16.67 5.21
N SER D 241 -33.87 -15.92 5.62
CA SER D 241 -35.20 -16.00 5.09
C SER D 241 -35.27 -15.30 3.76
N GLU D 242 -34.49 -14.27 3.63
CA GLU D 242 -34.56 -13.50 2.41
C GLU D 242 -34.21 -14.29 1.17
N TYR D 243 -33.12 -15.03 1.29
CA TYR D 243 -32.63 -15.81 0.19
C TYR D 243 -33.77 -16.47 -0.55
N PRO D 244 -34.36 -17.49 0.06
CA PRO D 244 -35.44 -18.14 -0.63
C PRO D 244 -36.41 -17.15 -1.22
N VAL D 245 -36.52 -15.96 -0.63
CA VAL D 245 -37.39 -14.96 -1.18
C VAL D 245 -36.81 -14.58 -2.52
N ARG D 246 -35.65 -14.00 -2.48
CA ARG D 246 -35.02 -13.67 -3.73
C ARG D 246 -35.26 -14.75 -4.78
N ARG D 247 -34.75 -15.94 -4.52
CA ARG D 247 -34.89 -17.04 -5.45
C ARG D 247 -36.27 -17.08 -6.10
N ARG D 248 -37.30 -16.86 -5.30
CA ARG D 248 -38.68 -16.93 -5.79
C ARG D 248 -39.05 -15.80 -6.72
N GLN D 249 -38.57 -14.59 -6.41
CA GLN D 249 -38.83 -13.45 -7.27
C GLN D 249 -38.34 -13.85 -8.63
N CYS D 250 -37.03 -13.92 -8.78
CA CYS D 250 -36.49 -14.33 -10.07
C CYS D 250 -37.36 -15.37 -10.77
N GLU D 251 -37.64 -16.42 -10.10
CA GLU D 251 -38.48 -17.39 -10.73
C GLU D 251 -39.83 -16.87 -11.22
N GLU D 252 -40.41 -15.88 -10.56
CA GLU D 252 -41.70 -15.42 -11.02
C GLU D 252 -41.51 -14.51 -12.18
N VAL D 253 -40.52 -13.64 -12.03
CA VAL D 253 -40.24 -12.76 -13.15
C VAL D 253 -40.16 -13.62 -14.41
N ALA D 254 -39.29 -14.58 -14.31
CA ALA D 254 -39.04 -15.48 -15.38
C ALA D 254 -40.31 -15.88 -16.07
N ARG D 255 -41.27 -16.43 -15.32
CA ARG D 255 -42.50 -16.83 -15.99
C ARG D 255 -43.26 -15.66 -16.52
N ALA D 256 -43.33 -14.60 -15.74
CA ALA D 256 -43.92 -13.42 -16.28
C ALA D 256 -43.41 -13.25 -17.70
N LEU D 257 -42.10 -13.49 -17.86
CA LEU D 257 -41.48 -13.29 -19.15
C LEU D 257 -41.49 -14.55 -19.96
N GLY D 258 -42.33 -15.46 -19.52
CA GLY D 258 -42.47 -16.75 -20.16
C GLY D 258 -41.12 -17.41 -20.44
N LYS D 259 -40.07 -16.95 -19.73
CA LYS D 259 -38.75 -17.49 -19.94
C LYS D 259 -38.38 -18.61 -18.95
N GLU D 260 -37.51 -19.52 -19.39
CA GLU D 260 -37.06 -20.65 -18.59
C GLU D 260 -36.27 -20.21 -17.36
N SER D 261 -35.30 -19.35 -17.59
CA SER D 261 -34.45 -18.82 -16.54
C SER D 261 -34.23 -17.37 -16.81
N LEU D 262 -33.69 -16.63 -15.85
CA LEU D 262 -33.41 -15.22 -16.09
C LEU D 262 -32.23 -15.12 -17.02
N ARG D 263 -31.66 -16.31 -17.22
CA ARG D 263 -30.58 -16.43 -18.13
C ARG D 263 -31.10 -15.95 -19.48
N GLU D 264 -32.19 -16.59 -19.92
CA GLU D 264 -32.87 -16.29 -21.18
C GLU D 264 -33.12 -14.79 -21.43
N VAL D 265 -33.60 -14.09 -20.41
CA VAL D 265 -33.95 -12.69 -20.50
C VAL D 265 -32.78 -11.73 -20.59
N GLN D 266 -32.91 -10.69 -21.41
CA GLN D 266 -31.87 -9.71 -21.68
C GLN D 266 -32.17 -8.25 -21.27
N LEU D 267 -31.12 -7.60 -20.72
CA LEU D 267 -31.11 -6.24 -20.17
C LEU D 267 -32.09 -5.29 -20.79
N GLU D 268 -32.05 -5.31 -22.08
CA GLU D 268 -32.85 -4.43 -22.88
C GLU D 268 -34.31 -4.88 -22.97
N GLU D 269 -34.49 -6.19 -23.01
CA GLU D 269 -35.82 -6.74 -23.04
C GLU D 269 -36.49 -6.61 -21.70
N LEU D 270 -35.76 -6.07 -20.73
CA LEU D 270 -36.34 -5.96 -19.40
C LEU D 270 -37.41 -4.90 -19.29
N GLU D 271 -37.32 -3.89 -20.12
CA GLU D 271 -38.37 -2.92 -20.03
C GLU D 271 -39.70 -3.58 -20.16
N ALA D 272 -40.00 -3.93 -21.39
CA ALA D 272 -41.22 -4.54 -21.80
C ALA D 272 -42.06 -5.13 -20.69
N ALA D 273 -41.43 -5.81 -19.71
CA ALA D 273 -42.24 -6.40 -18.66
C ALA D 273 -42.47 -5.52 -17.45
N ARG D 274 -41.89 -4.35 -17.54
CA ARG D 274 -41.97 -3.38 -16.49
C ARG D 274 -43.37 -3.41 -15.95
N ASP D 275 -44.29 -3.42 -16.91
CA ASP D 275 -45.71 -3.45 -16.66
C ASP D 275 -46.21 -4.83 -16.28
N LEU D 276 -45.41 -5.80 -16.71
CA LEU D 276 -45.64 -7.21 -16.49
C LEU D 276 -45.27 -7.70 -15.09
N VAL D 277 -44.33 -6.99 -14.43
CA VAL D 277 -43.82 -7.45 -13.14
C VAL D 277 -43.62 -6.38 -12.05
N SER D 278 -43.56 -6.92 -10.81
CA SER D 278 -43.35 -6.17 -9.59
C SER D 278 -42.24 -5.11 -9.66
N LYS D 279 -42.31 -4.10 -8.79
CA LYS D 279 -41.26 -3.08 -8.77
C LYS D 279 -39.97 -3.79 -8.39
N GLU D 280 -40.11 -4.52 -7.27
CA GLU D 280 -39.08 -5.34 -6.67
C GLU D 280 -38.58 -6.27 -7.72
N GLY D 281 -39.36 -7.29 -7.99
CA GLY D 281 -38.95 -8.24 -9.00
C GLY D 281 -38.08 -7.56 -10.02
N PHE D 282 -38.66 -6.51 -10.58
CA PHE D 282 -37.95 -5.73 -11.55
C PHE D 282 -36.53 -5.52 -11.06
N ARG D 283 -36.37 -4.91 -9.91
CA ARG D 283 -35.06 -4.69 -9.38
C ARG D 283 -34.21 -5.98 -9.11
N ARG D 284 -34.81 -7.13 -8.93
CA ARG D 284 -33.91 -8.24 -8.71
C ARG D 284 -33.42 -8.75 -10.01
N ALA D 285 -34.41 -9.17 -10.80
CA ALA D 285 -34.13 -9.70 -12.12
C ALA D 285 -33.11 -8.83 -12.80
N ARG D 286 -33.33 -7.55 -12.64
CA ARG D 286 -32.43 -6.60 -13.22
C ARG D 286 -31.06 -6.92 -12.72
N HIS D 287 -30.92 -6.92 -11.39
CA HIS D 287 -29.65 -7.21 -10.80
C HIS D 287 -29.02 -8.36 -11.54
N VAL D 288 -29.72 -9.47 -11.47
CA VAL D 288 -29.30 -10.66 -12.12
C VAL D 288 -28.83 -10.39 -13.53
N VAL D 289 -29.80 -10.15 -14.41
CA VAL D 289 -29.59 -9.92 -15.85
C VAL D 289 -28.30 -9.14 -16.17
N GLY D 290 -27.93 -8.18 -15.35
CA GLY D 290 -26.68 -7.45 -15.58
C GLY D 290 -25.49 -8.11 -14.92
N GLU D 291 -25.72 -8.84 -13.83
CA GLU D 291 -24.65 -9.53 -13.16
C GLU D 291 -24.08 -10.53 -14.13
N ILE D 292 -24.97 -11.33 -14.71
CA ILE D 292 -24.51 -12.30 -15.69
C ILE D 292 -23.56 -11.66 -16.67
N ARG D 293 -24.11 -10.93 -17.65
CA ARG D 293 -23.26 -10.24 -18.58
C ARG D 293 -22.04 -9.68 -17.88
N ARG D 294 -22.24 -8.93 -16.81
CA ARG D 294 -21.13 -8.36 -16.07
C ARG D 294 -20.06 -9.40 -15.86
N THR D 295 -20.51 -10.59 -15.47
CA THR D 295 -19.64 -11.72 -15.19
C THR D 295 -18.88 -12.09 -16.42
N ALA D 296 -19.65 -12.31 -17.47
CA ALA D 296 -19.08 -12.60 -18.78
C ALA D 296 -17.99 -11.59 -19.13
N GLN D 297 -18.26 -10.33 -18.81
CA GLN D 297 -17.32 -9.33 -19.11
C GLN D 297 -16.03 -9.50 -18.30
N ALA D 298 -16.15 -9.79 -17.04
CA ALA D 298 -14.98 -9.87 -16.18
C ALA D 298 -14.00 -11.00 -16.48
N ALA D 299 -14.53 -12.18 -16.82
CA ALA D 299 -13.63 -13.27 -17.10
C ALA D 299 -12.61 -12.85 -18.15
N ALA D 300 -13.16 -12.30 -19.26
CA ALA D 300 -12.41 -11.79 -20.42
C ALA D 300 -11.47 -10.74 -19.95
N ALA D 301 -12.05 -9.77 -19.32
CA ALA D 301 -11.24 -8.76 -18.73
C ALA D 301 -10.12 -9.46 -18.01
N LEU D 302 -10.53 -10.37 -17.13
CA LEU D 302 -9.56 -11.08 -16.33
C LEU D 302 -8.55 -11.83 -17.18
N ARG D 303 -9.03 -12.42 -18.27
CA ARG D 303 -8.18 -13.14 -19.20
C ARG D 303 -7.13 -12.23 -19.83
N ARG D 304 -7.63 -11.12 -20.36
CA ARG D 304 -6.86 -10.08 -20.99
C ARG D 304 -5.73 -9.55 -20.11
N GLY D 305 -5.85 -9.69 -18.79
CA GLY D 305 -4.87 -9.14 -17.87
C GLY D 305 -5.34 -7.81 -17.25
N ASP D 306 -6.48 -7.36 -17.77
CA ASP D 306 -7.11 -6.09 -17.42
C ASP D 306 -7.72 -6.00 -16.02
N TYR D 307 -6.87 -5.94 -15.01
CA TYR D 307 -7.33 -5.88 -13.64
C TYR D 307 -8.20 -4.67 -13.35
N ARG D 308 -8.17 -3.74 -14.28
CA ARG D 308 -8.88 -2.49 -14.12
C ARG D 308 -10.36 -2.60 -14.44
N ALA D 309 -10.68 -3.02 -15.64
CA ALA D 309 -12.09 -3.10 -15.92
C ALA D 309 -12.73 -4.02 -14.89
N PHE D 310 -11.94 -5.03 -14.57
CA PHE D 310 -12.32 -6.09 -13.69
C PHE D 310 -12.93 -5.60 -12.43
N GLY D 311 -12.07 -4.95 -11.67
CA GLY D 311 -12.43 -4.37 -10.39
C GLY D 311 -13.52 -3.33 -10.58
N ARG D 312 -13.54 -2.74 -11.77
CA ARG D 312 -14.54 -1.76 -12.12
C ARG D 312 -15.86 -2.42 -12.13
N LEU D 313 -15.86 -3.57 -12.73
CA LEU D 313 -17.05 -4.37 -12.81
C LEU D 313 -17.51 -4.90 -11.46
N MSE D 314 -16.51 -5.26 -10.64
CA MSE D 314 -16.74 -5.77 -9.33
C MSE D 314 -17.56 -4.80 -8.55
O MSE D 314 -18.53 -5.13 -7.88
CB MSE D 314 -15.41 -5.83 -8.61
CG MSE D 314 -14.38 -6.68 -9.27
SE MSE D 314 -13.08 -7.24 -7.99
CE MSE D 314 -12.57 -5.55 -7.35
N VAL D 315 -17.07 -3.58 -8.62
CA VAL D 315 -17.69 -2.48 -7.94
C VAL D 315 -19.10 -2.25 -8.44
N GLU D 316 -19.31 -2.48 -9.71
CA GLU D 316 -20.64 -2.37 -10.28
C GLU D 316 -21.49 -3.47 -9.65
N SER D 317 -20.94 -4.67 -9.64
CA SER D 317 -21.56 -5.82 -9.00
C SER D 317 -22.09 -5.37 -7.65
N HIS D 318 -21.16 -4.96 -6.80
CA HIS D 318 -21.46 -4.54 -5.45
C HIS D 318 -22.67 -3.65 -5.37
N ARG D 319 -22.70 -2.63 -6.23
CA ARG D 319 -23.80 -1.73 -6.15
C ARG D 319 -25.12 -2.33 -6.58
N SER D 320 -25.04 -3.24 -7.54
CA SER D 320 -26.20 -3.99 -8.00
C SER D 320 -26.82 -4.73 -6.81
N LEU D 321 -25.97 -5.49 -6.15
CA LEU D 321 -26.38 -6.25 -5.00
C LEU D 321 -27.09 -5.33 -3.99
N ARG D 322 -26.36 -4.29 -3.57
CA ARG D 322 -26.77 -3.30 -2.59
C ARG D 322 -28.15 -2.74 -2.81
N ASP D 323 -28.23 -2.06 -3.94
CA ASP D 323 -29.40 -1.35 -4.33
C ASP D 323 -30.43 -2.22 -5.00
N ASP D 324 -30.11 -2.76 -6.16
CA ASP D 324 -31.07 -3.62 -6.84
C ASP D 324 -31.46 -4.91 -6.09
N TYR D 325 -30.52 -5.83 -5.92
CA TYR D 325 -30.81 -7.09 -5.26
C TYR D 325 -31.26 -6.94 -3.81
N GLU D 326 -30.55 -6.11 -3.04
CA GLU D 326 -30.83 -5.83 -1.63
C GLU D 326 -30.48 -6.97 -0.68
N VAL D 327 -29.19 -7.33 -0.72
CA VAL D 327 -28.65 -8.42 0.05
C VAL D 327 -27.33 -7.99 0.61
N SER D 328 -27.09 -6.69 0.58
CA SER D 328 -25.88 -6.19 1.18
C SER D 328 -26.18 -5.75 2.58
N CYS D 329 -25.14 -5.33 3.26
CA CYS D 329 -25.32 -4.88 4.60
C CYS D 329 -24.42 -3.70 4.92
N PRO D 330 -25.04 -2.71 5.53
CA PRO D 330 -24.37 -1.54 6.03
C PRO D 330 -22.90 -1.79 6.34
N GLU D 331 -22.61 -2.90 6.98
CA GLU D 331 -21.23 -3.20 7.33
C GLU D 331 -20.42 -3.47 6.08
N LEU D 332 -21.01 -4.22 5.17
CA LEU D 332 -20.36 -4.51 3.93
C LEU D 332 -20.06 -3.23 3.18
N ASP D 333 -21.10 -2.39 2.99
CA ASP D 333 -20.94 -1.13 2.28
C ASP D 333 -19.84 -0.27 2.88
N GLN D 334 -19.87 -0.12 4.21
CA GLN D 334 -18.83 0.64 4.90
C GLN D 334 -17.48 0.24 4.31
N LEU D 335 -17.19 -1.05 4.56
CA LEU D 335 -16.02 -1.83 4.16
C LEU D 335 -15.60 -1.70 2.69
N VAL D 336 -16.57 -1.69 1.78
CA VAL D 336 -16.23 -1.52 0.40
C VAL D 336 -15.62 -0.14 0.25
N GLU D 337 -16.48 0.84 0.49
CA GLU D 337 -16.04 2.20 0.45
C GLU D 337 -14.68 2.31 1.10
N ALA D 338 -14.63 1.91 2.32
CA ALA D 338 -13.36 1.98 3.00
C ALA D 338 -12.24 1.53 2.10
N ALA D 339 -12.49 0.50 1.31
CA ALA D 339 -11.44 -0.06 0.50
C ALA D 339 -11.18 0.68 -0.79
N LEU D 340 -12.25 0.94 -1.51
CA LEU D 340 -12.09 1.61 -2.76
C LEU D 340 -11.19 2.82 -2.58
N ALA D 341 -11.33 3.41 -1.40
CA ALA D 341 -10.53 4.53 -1.00
C ALA D 341 -9.02 4.28 -1.21
N VAL D 342 -8.55 3.07 -1.03
CA VAL D 342 -7.13 2.88 -1.22
C VAL D 342 -6.74 2.90 -2.67
N PRO D 343 -5.58 3.45 -2.91
CA PRO D 343 -4.99 3.55 -4.21
C PRO D 343 -4.30 2.25 -4.48
N GLY D 344 -4.69 1.58 -5.55
CA GLY D 344 -4.13 0.28 -5.84
C GLY D 344 -5.25 -0.76 -5.90
N VAL D 345 -6.31 -0.39 -5.21
CA VAL D 345 -7.48 -1.20 -5.13
C VAL D 345 -8.18 -1.25 -6.48
N TYR D 346 -8.32 -2.40 -7.05
CA TYR D 346 -9.00 -2.40 -8.31
C TYR D 346 -10.52 -2.38 -8.14
N GLY D 347 -10.95 -2.58 -6.92
CA GLY D 347 -12.38 -2.55 -6.65
C GLY D 347 -12.70 -3.30 -5.36
N SER D 348 -13.98 -3.55 -5.20
CA SER D 348 -14.44 -4.32 -4.08
C SER D 348 -15.94 -4.60 -4.15
N ARG D 349 -16.32 -5.62 -3.38
CA ARG D 349 -17.72 -6.03 -3.24
C ARG D 349 -17.93 -7.04 -2.15
N MSE D 350 -19.20 -7.26 -1.86
CA MSE D 350 -19.52 -8.29 -0.93
C MSE D 350 -19.44 -9.59 -1.70
O MSE D 350 -19.61 -9.60 -2.92
CB MSE D 350 -20.92 -8.13 -0.36
CG MSE D 350 -21.97 -7.50 -1.22
SE MSE D 350 -23.67 -8.43 -1.01
CE MSE D 350 -22.88 -10.07 -0.46
N THR D 351 -19.14 -10.66 -1.03
CA THR D 351 -19.07 -11.93 -1.69
C THR D 351 -20.04 -12.87 -0.95
N GLY D 352 -20.55 -13.90 -1.62
CA GLY D 352 -21.43 -14.88 -1.00
C GLY D 352 -22.87 -14.44 -0.96
N GLY D 353 -23.62 -15.10 -0.08
CA GLY D 353 -25.03 -14.83 0.12
C GLY D 353 -25.40 -13.36 0.41
N GLY D 354 -24.55 -12.63 1.13
CA GLY D 354 -24.89 -11.24 1.42
C GLY D 354 -25.44 -11.12 2.84
N PHE D 355 -25.78 -9.88 3.24
CA PHE D 355 -26.35 -9.61 4.56
C PHE D 355 -25.34 -9.84 5.70
N GLY D 356 -24.06 -9.54 5.52
CA GLY D 356 -23.09 -9.84 6.57
C GLY D 356 -21.90 -10.53 5.94
N GLY D 357 -21.06 -11.18 6.70
CA GLY D 357 -19.95 -11.85 6.11
C GLY D 357 -18.84 -10.93 5.56
N CYS D 358 -18.12 -11.46 4.55
CA CYS D 358 -16.91 -10.94 3.90
C CYS D 358 -17.06 -10.12 2.62
N THR D 359 -16.01 -9.38 2.30
CA THR D 359 -15.99 -8.76 1.00
C THR D 359 -14.82 -9.33 0.24
N VAL D 360 -14.75 -9.00 -1.03
CA VAL D 360 -13.63 -9.47 -1.80
C VAL D 360 -12.97 -8.33 -2.55
N THR D 361 -11.72 -8.14 -2.23
CA THR D 361 -10.91 -7.09 -2.79
C THR D 361 -9.72 -7.47 -3.70
N LEU D 362 -9.82 -7.05 -4.99
CA LEU D 362 -8.79 -7.23 -5.99
C LEU D 362 -7.89 -6.01 -6.03
N LEU D 363 -6.63 -6.28 -5.76
CA LEU D 363 -5.70 -5.18 -5.70
C LEU D 363 -4.26 -5.56 -6.01
N GLU D 364 -3.42 -4.52 -6.01
CA GLU D 364 -2.01 -4.67 -6.22
C GLU D 364 -1.33 -5.23 -4.99
N ALA D 365 -0.72 -6.37 -5.15
CA ALA D 365 -0.03 -6.92 -4.01
C ALA D 365 0.54 -5.82 -3.06
N SER D 366 1.60 -5.15 -3.48
CA SER D 366 2.21 -4.12 -2.65
C SER D 366 1.22 -3.30 -1.85
N ALA D 367 0.00 -3.13 -2.42
CA ALA D 367 -1.10 -2.32 -1.85
C ALA D 367 -1.79 -2.91 -0.62
N ALA D 368 -1.56 -4.19 -0.36
CA ALA D 368 -2.16 -4.97 0.72
C ALA D 368 -2.30 -4.31 2.09
N PRO D 369 -1.15 -4.24 2.77
CA PRO D 369 -1.06 -3.76 4.13
C PRO D 369 -1.76 -2.45 4.27
N HIS D 370 -1.35 -1.51 3.42
CA HIS D 370 -1.98 -0.23 3.49
C HIS D 370 -3.46 -0.47 3.53
N ALA D 371 -3.93 -1.28 2.57
CA ALA D 371 -5.35 -1.63 2.46
C ALA D 371 -5.92 -2.10 3.77
N MSE D 372 -5.20 -3.00 4.39
CA MSE D 372 -5.66 -3.54 5.64
C MSE D 372 -5.72 -2.50 6.73
O MSE D 372 -6.57 -2.55 7.62
CB MSE D 372 -4.87 -4.74 6.05
CG MSE D 372 -5.29 -6.01 5.34
SE MSE D 372 -4.06 -7.42 5.75
CE MSE D 372 -2.61 -6.93 4.61
N ARG D 373 -4.84 -1.53 6.66
CA ARG D 373 -4.87 -0.51 7.68
C ARG D 373 -6.06 0.42 7.52
N HIS D 374 -6.23 0.86 6.29
CA HIS D 374 -7.29 1.77 5.99
C HIS D 374 -8.64 1.22 6.41
N ILE D 375 -8.94 0.07 5.81
CA ILE D 375 -10.18 -0.69 5.97
C ILE D 375 -10.54 -0.92 7.43
N GLN D 376 -9.55 -1.29 8.20
CA GLN D 376 -9.74 -1.48 9.61
C GLN D 376 -10.26 -0.17 10.18
N GLU D 377 -9.30 0.75 10.30
CA GLU D 377 -9.50 2.10 10.79
C GLU D 377 -10.90 2.61 10.53
N HIS D 378 -11.28 2.58 9.26
CA HIS D 378 -12.58 3.07 8.82
C HIS D 378 -13.71 2.06 8.88
N TYR D 379 -13.45 1.01 9.66
CA TYR D 379 -14.40 -0.02 9.90
C TYR D 379 -14.87 0.03 11.33
N GLY D 380 -16.15 0.40 11.46
CA GLY D 380 -16.87 0.40 12.71
C GLY D 380 -17.20 -1.06 13.07
N GLY D 381 -16.15 -1.74 13.55
CA GLY D 381 -16.19 -3.13 13.95
C GLY D 381 -14.79 -3.72 13.84
N THR D 382 -14.67 -5.00 14.15
CA THR D 382 -13.39 -5.72 14.06
C THR D 382 -13.34 -6.61 12.82
N ALA D 383 -12.75 -6.07 11.78
CA ALA D 383 -12.67 -6.81 10.57
C ALA D 383 -11.62 -7.85 10.72
N THR D 384 -11.78 -8.89 9.93
CA THR D 384 -10.82 -9.96 9.92
C THR D 384 -10.28 -10.00 8.49
N PHE D 385 -8.94 -10.24 8.32
CA PHE D 385 -8.31 -10.20 6.98
C PHE D 385 -7.61 -11.46 6.50
N TYR D 386 -7.79 -11.79 5.20
CA TYR D 386 -7.25 -12.99 4.56
C TYR D 386 -6.57 -12.64 3.26
N LEU D 387 -5.38 -13.19 2.99
CA LEU D 387 -4.77 -12.87 1.71
C LEU D 387 -4.74 -14.08 0.82
N SER D 388 -5.82 -14.18 0.09
CA SER D 388 -6.09 -15.34 -0.70
C SER D 388 -5.26 -15.55 -1.91
N GLN D 389 -5.23 -16.84 -2.23
CA GLN D 389 -4.59 -17.45 -3.36
C GLN D 389 -5.48 -18.59 -3.87
N ALA D 390 -5.79 -18.68 -5.18
CA ALA D 390 -6.67 -19.79 -5.57
C ALA D 390 -6.08 -21.15 -5.38
N ALA D 391 -6.86 -21.99 -4.71
CA ALA D 391 -6.43 -23.32 -4.39
C ALA D 391 -7.13 -24.40 -5.14
N ASP D 392 -6.79 -25.60 -4.74
CA ASP D 392 -7.35 -26.77 -5.36
C ASP D 392 -8.62 -27.17 -4.68
N GLY D 393 -9.33 -28.09 -5.29
CA GLY D 393 -10.55 -28.65 -4.73
C GLY D 393 -10.34 -29.76 -3.70
N ALA D 394 -11.46 -30.42 -3.42
CA ALA D 394 -11.55 -31.50 -2.46
C ALA D 394 -10.55 -32.57 -2.76
N LYS D 395 -9.87 -33.06 -1.72
CA LYS D 395 -8.93 -34.15 -1.95
C LYS D 395 -8.88 -35.21 -0.86
N VAL D 396 -8.30 -36.35 -1.24
CA VAL D 396 -8.15 -37.47 -0.36
C VAL D 396 -6.80 -37.38 0.30
N LEU D 397 -6.78 -37.52 1.63
CA LEU D 397 -5.53 -37.43 2.39
C LEU D 397 -5.11 -38.76 2.94
N CYS D 398 -3.93 -39.22 2.55
CA CYS D 398 -3.43 -40.51 3.01
C CYS D 398 -2.93 -40.41 4.42
N LEU D 399 -3.60 -41.11 5.31
CA LEU D 399 -3.13 -41.04 6.68
C LEU D 399 -2.00 -42.01 6.89
C1 GLA E . 3.21 44.59 28.12
C2 GLA E . 2.20 43.95 27.20
C3 GLA E . 2.78 43.87 25.81
C4 GLA E . 3.14 45.27 25.35
C5 GLA E . 4.14 45.85 26.30
C6 GLA E . 4.50 47.25 25.84
O1 GLA E . 4.40 43.78 28.01
O2 GLA E . 1.92 42.61 27.60
O3 GLA E . 1.79 43.33 24.94
O4 GLA E . 2.04 46.15 25.35
O5 GLA E . 3.53 45.91 27.61
O6 GLA E . 4.74 47.19 24.43
MG MG F . 3.65 40.98 30.39
PG ANP G . 6.43 42.86 30.74
O1G ANP G . 4.95 43.02 30.70
O2G ANP G . 7.12 44.15 30.40
O3G ANP G . 6.82 41.72 29.69
PB ANP G . 6.37 40.98 32.88
O1B ANP G . 5.51 40.33 31.83
O2B ANP G . 7.48 40.05 33.27
N3B ANP G . 6.84 42.36 32.22
PA ANP G . 3.90 41.28 34.25
O1A ANP G . 3.46 42.66 34.65
O2A ANP G . 3.33 41.00 32.88
O3A ANP G . 5.49 41.22 34.16
O5' ANP G . 3.35 40.24 35.33
C5' ANP G . 4.14 39.07 35.71
C4' ANP G . 3.33 38.27 36.72
O4' ANP G . 3.06 36.93 36.27
C3' ANP G . 3.88 38.14 38.15
O3' ANP G . 3.54 39.33 38.92
C2' ANP G . 3.17 36.85 38.60
O2' ANP G . 1.85 37.13 39.12
C1' ANP G . 3.10 36.04 37.31
N9 ANP G . 4.28 35.25 37.07
C8 ANP G . 5.15 35.33 36.02
N7 ANP G . 6.02 34.30 35.97
C5 ANP G . 5.70 33.58 37.10
C6 ANP G . 6.31 32.42 37.61
N6 ANP G . 7.26 31.80 37.09
N1 ANP G . 5.70 32.05 38.76
C2 ANP G . 4.64 32.66 39.34
N3 ANP G . 4.08 33.73 38.89
C4 ANP G . 4.67 34.17 37.80
C1 GLA H . 15.63 20.51 -6.87
C2 GLA H . 16.62 21.37 -6.07
C3 GLA H . 15.96 22.58 -5.48
C4 GLA H . 15.29 23.35 -6.59
C5 GLA H . 14.27 22.41 -7.21
C6 GLA H . 13.44 23.04 -8.32
O1 GLA H . 14.58 20.06 -6.00
O2 GLA H . 17.26 20.73 -4.95
O3 GLA H . 17.02 23.35 -4.96
O4 GLA H . 16.27 23.67 -7.57
O5 GLA H . 14.98 21.34 -7.83
O6 GLA H . 12.85 24.22 -7.81
MG MG I . 16.40 16.77 -3.82
PG ANP J . 13.36 16.60 -5.10
O1G ANP J . 14.85 16.68 -5.21
O2G ANP J . 12.69 16.97 -6.41
O3G ANP J . 12.93 17.53 -3.88
PB ANP J . 13.97 14.05 -4.07
O1B ANP J . 14.84 14.77 -3.07
O2B ANP J . 13.17 12.93 -3.42
N3B ANP J . 13.01 15.09 -4.75
PA ANP J . 16.51 13.15 -4.99
O1A ANP J . 17.23 13.16 -6.30
O2A ANP J . 17.15 14.15 -4.06
O3A ANP J . 14.96 13.50 -5.18
O5' ANP J . 16.57 11.67 -4.43
C5' ANP J . 16.80 11.52 -3.03
C4' ANP J . 17.83 10.45 -2.86
O4' ANP J . 18.53 10.65 -1.61
C3' ANP J . 17.33 9.01 -2.84
O3' ANP J . 17.20 8.47 -4.16
C2' ANP J . 18.45 8.39 -2.05
O2' ANP J . 19.59 8.17 -2.91
C1' ANP J . 18.76 9.46 -1.02
N9 ANP J . 17.84 9.39 0.10
C8 ANP J . 16.92 10.30 0.54
N7 ANP J . 16.36 9.94 1.71
C5 ANP J . 16.93 8.70 1.97
C6 ANP J . 16.74 7.81 3.04
N6 ANP J . 15.99 7.95 4.02
N1 ANP J . 17.52 6.71 2.91
C2 ANP J . 18.38 6.43 1.88
N3 ANP J . 18.56 7.23 0.88
C4 ANP J . 17.81 8.35 0.97
C1 GLA K . 2.47 -36.11 -29.99
C2 GLA K . 2.92 -34.93 -29.17
C3 GLA K . 1.77 -33.96 -28.92
C4 GLA K . 1.10 -33.56 -30.20
C5 GLA K . 0.72 -34.81 -30.99
C6 GLA K . 0.24 -34.37 -32.35
O1 GLA K . 1.53 -36.87 -29.24
O2 GLA K . 3.40 -35.37 -27.90
O3 GLA K . 2.29 -32.72 -28.43
O4 GLA K . 1.92 -32.66 -30.93
O5 GLA K . 1.87 -35.62 -31.20
O6 GLA K . -0.76 -33.42 -32.11
MG MG L . 4.33 -38.87 -26.60
PG ANP M . 1.86 -40.28 -28.67
O1G ANP M . 2.68 -39.20 -28.03
O2G ANP M . 1.70 -40.02 -30.12
O3G ANP M . 0.44 -40.30 -27.96
PB ANP M . 3.27 -42.24 -27.13
O1B ANP M . 3.37 -41.07 -26.23
O2B ANP M . 2.53 -43.35 -26.49
N3B ANP M . 2.55 -41.71 -28.45
PA ANP M . 6.06 -41.85 -27.29
O1A ANP M . 6.92 -41.99 -28.52
O2A ANP M . 5.70 -40.41 -27.14
O3A ANP M . 4.73 -42.73 -27.44
O5' ANP M . 6.79 -42.34 -26.00
C5' ANP M . 6.48 -43.69 -25.63
C4' ANP M . 7.69 -44.18 -24.91
O4' ANP M . 7.72 -43.64 -23.57
C3' ANP M . 7.90 -45.66 -24.77
O3' ANP M . 8.44 -46.20 -26.00
C2' ANP M . 8.87 -45.64 -23.58
O2' ANP M . 10.17 -45.29 -24.02
C1' ANP M . 8.36 -44.51 -22.72
N9 ANP M . 7.37 -44.92 -21.74
C8 ANP M . 6.15 -44.36 -21.52
N7 ANP M . 5.43 -45.00 -20.59
C5 ANP M . 6.26 -46.03 -20.18
C6 ANP M . 6.02 -47.03 -19.24
N6 ANP M . 4.96 -47.21 -18.60
N1 ANP M . 7.12 -47.82 -19.11
C2 ANP M . 8.28 -47.72 -19.83
N3 ANP M . 8.50 -46.82 -20.73
C4 ANP M . 7.47 -45.96 -20.84
C1 GLA N . -25.05 -18.46 -1.52
C2 GLA N . -25.43 -19.72 -2.29
C3 GLA N . -24.78 -19.80 -3.65
C4 GLA N . -25.07 -18.55 -4.45
C5 GLA N . -24.50 -17.38 -3.66
C6 GLA N . -24.77 -16.03 -4.31
O1 GLA N . -23.76 -18.57 -0.91
O2 GLA N . -25.10 -20.91 -1.60
O3 GLA N . -25.38 -20.90 -4.35
O4 GLA N . -26.47 -18.37 -4.67
O5 GLA N . -25.12 -17.29 -2.35
O6 GLA N . -23.97 -15.83 -5.46
MG MG O . -23.72 -21.64 1.85
PG ANP P . -22.34 -18.45 2.01
O1G ANP P . -23.44 -19.39 1.62
O2G ANP P . -22.75 -17.05 1.71
O3G ANP P . -21.02 -18.83 1.23
PB ANP P . -21.70 -19.91 4.47
O1B ANP P . -21.83 -21.10 3.57
O2B ANP P . -20.33 -19.88 5.11
N3B ANP P . -22.04 -18.60 3.59
PA ANP P . -24.14 -20.88 5.51
O1A ANP P . -25.27 -19.91 5.66
O2A ANP P . -24.20 -21.49 4.14
O3A ANP P . -22.77 -20.07 5.64
O5' ANP P . -24.32 -22.02 6.60
C5' ANP P . -23.15 -22.43 7.29
C4' ANP P . -23.51 -23.52 8.26
O4' ANP P . -22.77 -24.71 7.89
C3' ANP P . -23.08 -23.27 9.70
O3' ANP P . -23.95 -22.35 10.37
C2' ANP P . -23.08 -24.71 10.21
O2' ANP P . -24.41 -25.17 10.53
C1' ANP P . -22.54 -25.47 9.01
N9 ANP P . -21.11 -25.69 9.11
C8 ANP P . -20.14 -25.34 8.22
N7 ANP P . -18.94 -25.87 8.54
C5 ANP P . -19.15 -26.49 9.76
C6 ANP P . -18.26 -27.19 10.61
N6 ANP P . -17.06 -27.40 10.44
N1 ANP P . -18.91 -27.68 11.71
C2 ANP P . -20.24 -27.51 12.02
N3 ANP P . -21.07 -26.86 11.24
C4 ANP P . -20.49 -26.38 10.12
#